data_3WRY
#
_entry.id   3WRY
#
_cell.length_a   84.981
_cell.length_b   133.550
_cell.length_c   195.786
_cell.angle_alpha   90.00
_cell.angle_beta   90.00
_cell.angle_gamma   90.00
#
_symmetry.space_group_name_H-M   'P 21 21 21'
#
loop_
_entity.id
_entity.type
_entity.pdbx_description
1 polymer 'Tm-1 protein'
2 polymer 'Replicase large subunit'
3 non-polymer 'PHOSPHOTHIOPHOSPHORIC ACID-ADENYLATE ESTER'
4 non-polymer 'MAGNESIUM ION'
5 non-polymer 'CHLORIDE ION'
6 water water
#
loop_
_entity_poly.entity_id
_entity_poly.type
_entity_poly.pdbx_seq_one_letter_code
_entity_poly.pdbx_strand_id
1 'polypeptide(L)'
;MATAQSNSPRVFCIGTADTKFDELRFLSEHVRSSLNSFSNKSSFKVGVTVVDVSTSWKETNSCADFDFVPSKDVLSCHTL
GEETMGTFADTRGLAIAIMSKALETFLSIANDEQNLAGVIGLGGSGGTSLLSSAFRSLPIGIPKVIISTVASGQTESYIG
TSDLVLFPSVVDICGINNVSKVVLSNAGAAFAGMVIGRLESSKEHSITNGKFTVGVTMFGVTTPCVNAVKERLVKEGYET
LVFHATGVGGRAMEDLVRGGFIQGVLDITTTEVADYVVGGVMACDSSRFDAILEKKIPLVLSVGALDMVNFGPKTTIPPE
FQQRKIHEHNEQVSLMRTTVGENKKFAAFIAEKLNKASSSVCVCLPEKGVSALDAPGKDFYDPEATSCLTRELQMLLENN
ERCQVKVLPYHINDAEFANALVDSFLEISPK
;
A,B
2 'polypeptide(L)'
;SYTRSEEIESLEQFHMATASSLIHKQMCSIVYTGPLKVQQMKNFIDSLVASLSAAVSNLVKILKDTAAIDLETRQKFGVL
DVASKRWLVKPSAKNHAWGVVETHARKYHVALLEHDEFGIITCDNWRRVAVSSESVVYSDMAKLRTLRRLLKDGEPHVSS
AKVVLVDGVPGCGKTKEILSRVNFEEDLILVPGRQAAEMIRRRANASGIIVATKDNVRTVDSFLMNYGKGARCQFKRLFI
DEGLMLHTGCVNFLVEMSLCDIAYVYGDTQQIPYINRVTGFPYPAHFAKLEVDEVETRRTTLRCPADVTHFLNQRYEGHV
MCTSSEKKSVSQEMVSGAASINPVSKPLKGKILTFTQSDKEALLSRGYADVHTVHEVQGETYADVSLVRLTPTPVSIIAR
DSPHVLVSLSRHTKSLKYYTVVMDPLVSIIRDLERVSSYLLDMYKVDAGTQ
;
C,D
#
# COMPACT_ATOMS: atom_id res chain seq x y z
N SER A 8 17.60 -9.46 43.76
CA SER A 8 16.15 -9.28 44.13
C SER A 8 15.37 -8.78 42.92
N PRO A 9 14.60 -9.65 42.26
CA PRO A 9 13.80 -9.32 41.08
C PRO A 9 12.92 -8.10 41.22
N ARG A 10 12.91 -7.27 40.19
CA ARG A 10 12.11 -6.06 40.17
C ARG A 10 11.55 -5.87 38.77
N VAL A 11 10.32 -5.38 38.68
CA VAL A 11 9.69 -5.11 37.40
C VAL A 11 9.35 -3.64 37.32
N PHE A 12 9.25 -3.09 36.11
CA PHE A 12 8.93 -1.68 35.94
C PHE A 12 7.64 -1.46 35.13
N CYS A 13 6.76 -0.62 35.66
CA CYS A 13 5.50 -0.27 35.00
C CYS A 13 5.76 1.13 34.49
N ILE A 14 5.67 1.29 33.17
CA ILE A 14 6.01 2.55 32.53
C ILE A 14 4.92 3.21 31.69
N GLY A 15 4.80 4.53 31.81
CA GLY A 15 3.81 5.26 31.04
C GLY A 15 3.94 6.77 31.20
N THR A 16 3.19 7.51 30.39
CA THR A 16 3.21 8.96 30.46
C THR A 16 2.19 9.43 31.51
N ALA A 17 2.65 9.54 32.76
CA ALA A 17 1.80 9.96 33.86
C ALA A 17 1.06 11.29 33.63
N ASP A 18 1.64 12.19 32.84
CA ASP A 18 0.97 13.48 32.63
C ASP A 18 -0.36 13.35 31.88
N THR A 19 -0.53 12.26 31.13
CA THR A 19 -1.78 12.05 30.39
C THR A 19 -2.54 10.80 30.79
N LYS A 20 -1.84 9.83 31.39
CA LYS A 20 -2.48 8.58 31.77
C LYS A 20 -2.15 8.13 33.19
N PHE A 21 -2.11 9.07 34.12
CA PHE A 21 -1.78 8.73 35.49
C PHE A 21 -2.63 7.65 36.15
N ASP A 22 -3.95 7.80 36.13
CA ASP A 22 -4.78 6.79 36.79
C ASP A 22 -4.69 5.41 36.18
N GLU A 23 -4.59 5.33 34.86
CA GLU A 23 -4.49 4.04 34.19
C GLU A 23 -3.15 3.39 34.55
N LEU A 24 -2.11 4.21 34.63
CA LEU A 24 -0.78 3.72 34.96
C LEU A 24 -0.81 3.18 36.37
N ARG A 25 -1.43 3.93 37.28
CA ARG A 25 -1.56 3.54 38.68
C ARG A 25 -2.34 2.24 38.77
N PHE A 26 -3.51 2.22 38.13
CA PHE A 26 -4.38 1.03 38.13
C PHE A 26 -3.61 -0.22 37.69
N LEU A 27 -2.89 -0.10 36.57
CA LEU A 27 -2.12 -1.22 36.03
C LEU A 27 -1.05 -1.67 37.04
N SER A 28 -0.24 -0.72 37.51
CA SER A 28 0.80 -1.03 38.48
C SER A 28 0.19 -1.73 39.69
N GLU A 29 -0.91 -1.18 40.18
CA GLU A 29 -1.61 -1.73 41.33
C GLU A 29 -2.00 -3.17 41.03
N HIS A 30 -2.57 -3.41 39.86
CA HIS A 30 -2.99 -4.75 39.51
C HIS A 30 -1.83 -5.71 39.29
N VAL A 31 -0.71 -5.20 38.80
CA VAL A 31 0.48 -6.03 38.57
C VAL A 31 1.08 -6.45 39.91
N ARG A 32 1.13 -5.51 40.87
CA ARG A 32 1.69 -5.82 42.18
C ARG A 32 0.85 -6.89 42.87
N SER A 33 -0.46 -6.68 42.86
CA SER A 33 -1.39 -7.63 43.47
C SER A 33 -1.30 -9.01 42.82
N SER A 34 -1.21 -9.04 41.49
CA SER A 34 -1.13 -10.30 40.75
C SER A 34 0.18 -11.04 41.02
N LEU A 35 1.27 -10.29 41.12
CA LEU A 35 2.57 -10.90 41.39
C LEU A 35 2.53 -11.61 42.74
N ASN A 36 1.92 -10.98 43.73
CA ASN A 36 1.84 -11.60 45.05
C ASN A 36 0.93 -12.82 45.04
N SER A 37 -0.21 -12.75 44.36
CA SER A 37 -1.11 -13.89 44.30
C SER A 37 -0.46 -15.10 43.64
N PHE A 38 -0.13 -14.96 42.36
CA PHE A 38 0.45 -16.03 41.56
C PHE A 38 1.68 -16.70 42.15
N SER A 39 2.45 -15.97 42.94
CA SER A 39 3.62 -16.57 43.54
C SER A 39 3.27 -17.08 44.93
N ASN A 40 2.03 -17.53 45.14
CA ASN A 40 1.62 -18.03 46.45
C ASN A 40 2.60 -19.10 46.94
N LYS A 41 3.29 -19.74 46.00
CA LYS A 41 4.27 -20.75 46.37
C LYS A 41 5.35 -20.00 47.15
N SER A 42 5.37 -18.69 46.95
CA SER A 42 6.30 -17.78 47.62
C SER A 42 7.76 -18.00 47.25
N SER A 43 8.63 -17.31 47.98
CA SER A 43 10.08 -17.33 47.83
C SER A 43 10.54 -15.88 47.66
N PHE A 44 11.13 -15.57 46.51
CA PHE A 44 11.62 -14.23 46.24
C PHE A 44 10.46 -13.26 46.00
N LYS A 45 10.52 -12.09 46.63
CA LYS A 45 9.49 -11.07 46.49
C LYS A 45 9.84 -10.21 45.27
N VAL A 46 8.85 -9.93 44.43
CA VAL A 46 9.11 -9.10 43.25
C VAL A 46 8.72 -7.65 43.53
N GLY A 47 9.65 -6.73 43.34
CA GLY A 47 9.38 -5.32 43.56
C GLY A 47 8.81 -4.64 42.33
N VAL A 48 7.96 -3.65 42.54
CA VAL A 48 7.35 -2.93 41.44
C VAL A 48 7.73 -1.45 41.48
N THR A 49 8.37 -0.98 40.41
CA THR A 49 8.73 0.42 40.34
C THR A 49 7.96 1.08 39.22
N VAL A 50 7.35 2.23 39.50
CA VAL A 50 6.59 2.95 38.50
C VAL A 50 7.49 4.01 37.88
N VAL A 51 7.54 4.04 36.54
CA VAL A 51 8.38 5.00 35.84
C VAL A 51 7.55 5.93 34.95
N ASP A 52 7.68 7.22 35.19
CA ASP A 52 6.98 8.22 34.40
C ASP A 52 7.84 8.64 33.22
N VAL A 53 7.30 8.56 32.01
CA VAL A 53 8.05 8.97 30.82
C VAL A 53 7.38 10.14 30.10
N SER A 54 6.63 10.94 30.86
CA SER A 54 5.94 12.12 30.34
C SER A 54 6.96 13.05 29.68
N THR A 55 6.58 13.69 28.58
CA THR A 55 7.49 14.61 27.94
C THR A 55 7.02 16.06 28.00
N SER A 56 5.85 16.31 28.59
CA SER A 56 5.39 17.69 28.72
C SER A 56 6.06 18.24 29.98
N TRP A 57 5.75 19.47 30.35
CA TRP A 57 6.35 20.03 31.56
C TRP A 57 5.56 19.66 32.82
N LYS A 58 4.38 19.10 32.65
CA LYS A 58 3.55 18.71 33.79
C LYS A 58 4.32 17.68 34.61
N GLU A 59 4.50 17.96 35.90
CA GLU A 59 5.26 17.06 36.76
C GLU A 59 4.43 16.17 37.69
N THR A 60 4.86 14.92 37.82
CA THR A 60 4.22 13.95 38.68
C THR A 60 5.32 13.53 39.64
N ASN A 61 5.06 13.66 40.94
CA ASN A 61 6.07 13.33 41.95
C ASN A 61 5.88 12.02 42.67
N SER A 62 4.77 11.33 42.41
CA SER A 62 4.52 10.07 43.07
C SER A 62 3.40 9.31 42.39
N CYS A 63 3.29 8.04 42.73
CA CYS A 63 2.23 7.18 42.21
C CYS A 63 1.84 6.28 43.37
N ALA A 64 0.85 6.73 44.13
CA ALA A 64 0.38 6.00 45.29
C ALA A 64 1.59 5.73 46.20
N ASP A 65 1.71 4.50 46.67
CA ASP A 65 2.81 4.12 47.55
C ASP A 65 3.91 3.33 46.82
N PHE A 66 4.01 3.53 45.51
CA PHE A 66 5.02 2.81 44.74
C PHE A 66 6.37 3.51 44.68
N ASP A 67 7.42 2.71 44.55
CA ASP A 67 8.75 3.27 44.36
C ASP A 67 8.50 3.97 43.02
N PHE A 68 8.86 5.24 42.91
CA PHE A 68 8.56 5.97 41.68
C PHE A 68 9.72 6.79 41.11
N VAL A 69 9.84 6.75 39.78
CA VAL A 69 10.88 7.47 39.08
C VAL A 69 10.22 8.55 38.22
N PRO A 70 10.48 9.82 38.53
CA PRO A 70 9.88 10.91 37.75
C PRO A 70 10.50 11.06 36.37
N SER A 71 9.79 11.75 35.49
CA SER A 71 10.22 11.99 34.13
C SER A 71 11.62 12.57 34.06
N LYS A 72 11.90 13.55 34.93
CA LYS A 72 13.20 14.19 34.93
C LYS A 72 14.36 13.22 35.25
N ASP A 73 14.13 12.23 36.11
CA ASP A 73 15.21 11.28 36.42
C ASP A 73 15.54 10.34 35.27
N VAL A 74 14.56 10.04 34.43
CA VAL A 74 14.83 9.16 33.29
C VAL A 74 15.73 9.90 32.31
N LEU A 75 15.37 11.15 32.04
CA LEU A 75 16.14 11.98 31.13
C LEU A 75 17.56 12.26 31.62
N SER A 76 17.71 12.55 32.92
CA SER A 76 19.04 12.86 33.46
C SER A 76 20.06 11.73 33.39
N CYS A 77 19.63 10.52 33.08
CA CYS A 77 20.58 9.41 33.00
C CYS A 77 21.09 9.30 31.57
N HIS A 78 20.45 10.02 30.65
CA HIS A 78 20.74 9.97 29.22
C HIS A 78 21.51 11.15 28.61
N THR A 79 22.27 10.86 27.54
CA THR A 79 23.02 11.86 26.80
C THR A 79 22.60 11.69 25.34
N LEU A 80 22.21 12.79 24.70
CA LEU A 80 21.77 12.77 23.30
C LEU A 80 22.72 11.96 22.41
N GLY A 81 22.14 11.07 21.61
CA GLY A 81 22.93 10.25 20.72
C GLY A 81 22.47 10.25 19.27
N GLU A 82 23.11 9.43 18.45
CA GLU A 82 22.81 9.35 17.02
C GLU A 82 21.40 8.93 16.68
N GLU A 83 20.79 8.17 17.57
CA GLU A 83 19.44 7.69 17.35
C GLU A 83 18.42 8.82 17.16
N THR A 84 18.71 10.00 17.69
CA THR A 84 17.78 11.11 17.59
C THR A 84 18.33 12.36 16.92
N MET A 85 19.37 12.22 16.10
CA MET A 85 19.95 13.39 15.45
C MET A 85 19.27 13.77 14.13
N GLY A 86 18.40 12.89 13.62
CA GLY A 86 17.72 13.18 12.37
C GLY A 86 16.65 14.26 12.43
N THR A 87 15.77 14.26 11.44
CA THR A 87 14.69 15.23 11.34
C THR A 87 13.38 14.62 11.85
N PHE A 88 12.46 15.48 12.27
CA PHE A 88 11.17 15.03 12.80
C PHE A 88 10.01 15.88 12.30
N ALA A 89 8.82 15.30 12.34
CA ALA A 89 7.60 15.95 11.88
C ALA A 89 7.10 17.08 12.79
N ASP A 90 7.27 16.92 14.09
CA ASP A 90 6.83 17.95 15.04
C ASP A 90 7.57 17.90 16.38
N THR A 91 7.25 18.84 17.25
CA THR A 91 7.88 18.94 18.55
C THR A 91 7.64 17.75 19.45
N ARG A 92 6.44 17.20 19.43
CA ARG A 92 6.13 16.06 20.28
C ARG A 92 6.88 14.83 19.81
N GLY A 93 6.99 14.67 18.48
CA GLY A 93 7.69 13.52 17.94
C GLY A 93 9.14 13.47 18.39
N LEU A 94 9.82 14.61 18.40
CA LEU A 94 11.22 14.64 18.81
C LEU A 94 11.34 14.41 20.31
N ALA A 95 10.44 15.01 21.08
CA ALA A 95 10.43 14.85 22.52
C ALA A 95 10.29 13.36 22.86
N ILE A 96 9.33 12.69 22.22
CA ILE A 96 9.11 11.27 22.46
C ILE A 96 10.30 10.42 22.05
N ALA A 97 10.94 10.75 20.93
CA ALA A 97 12.10 9.99 20.47
C ALA A 97 13.25 10.09 21.49
N ILE A 98 13.51 11.29 22.00
CA ILE A 98 14.58 11.45 22.99
C ILE A 98 14.25 10.68 24.27
N MET A 99 13.01 10.82 24.75
CA MET A 99 12.57 10.12 25.96
C MET A 99 12.68 8.61 25.78
N SER A 100 12.37 8.14 24.57
CA SER A 100 12.43 6.72 24.27
C SER A 100 13.85 6.19 24.47
N LYS A 101 14.84 6.92 23.96
CA LYS A 101 16.24 6.51 24.09
C LYS A 101 16.72 6.68 25.53
N ALA A 102 16.24 7.71 26.20
CA ALA A 102 16.61 7.95 27.59
C ALA A 102 16.06 6.77 28.39
N LEU A 103 14.86 6.31 28.03
CA LEU A 103 14.24 5.18 28.72
C LEU A 103 15.09 3.94 28.48
N GLU A 104 15.57 3.78 27.24
CA GLU A 104 16.40 2.63 26.87
C GLU A 104 17.66 2.60 27.72
N THR A 105 18.25 3.77 27.94
CA THR A 105 19.45 3.86 28.76
C THR A 105 19.09 3.48 30.20
N PHE A 106 18.00 4.05 30.70
CA PHE A 106 17.55 3.75 32.06
C PHE A 106 17.33 2.26 32.28
N LEU A 107 16.69 1.59 31.33
CA LEU A 107 16.44 0.16 31.44
C LEU A 107 17.72 -0.65 31.30
N SER A 108 18.64 -0.15 30.49
CA SER A 108 19.92 -0.83 30.29
C SER A 108 20.71 -0.82 31.58
N ILE A 109 20.64 0.29 32.32
CA ILE A 109 21.34 0.39 33.59
C ILE A 109 20.64 -0.52 34.59
N ALA A 110 19.30 -0.50 34.57
CA ALA A 110 18.51 -1.34 35.47
C ALA A 110 18.82 -2.81 35.26
N ASN A 111 18.94 -3.21 34.00
CA ASN A 111 19.21 -4.61 33.68
C ASN A 111 20.64 -5.04 34.07
N ASP A 112 21.52 -4.07 34.31
CA ASP A 112 22.91 -4.39 34.68
C ASP A 112 23.14 -4.46 36.18
N GLU A 113 22.92 -3.33 36.86
CA GLU A 113 23.14 -3.24 38.29
C GLU A 113 21.85 -3.48 39.10
N GLN A 114 20.94 -4.25 38.52
CA GLN A 114 19.69 -4.55 39.19
C GLN A 114 19.18 -5.85 38.55
N ASN A 115 18.17 -6.47 39.15
CA ASN A 115 17.65 -7.71 38.60
C ASN A 115 16.35 -7.44 37.85
N LEU A 116 16.46 -7.00 36.60
CA LEU A 116 15.30 -6.71 35.78
C LEU A 116 14.57 -8.01 35.47
N ALA A 117 13.33 -8.11 35.94
CA ALA A 117 12.52 -9.30 35.74
C ALA A 117 11.44 -9.13 34.67
N GLY A 118 11.24 -7.89 34.22
CA GLY A 118 10.23 -7.63 33.22
C GLY A 118 9.81 -6.18 33.15
N VAL A 119 9.25 -5.77 32.02
CA VAL A 119 8.78 -4.40 31.85
C VAL A 119 7.39 -4.41 31.22
N ILE A 120 6.55 -3.48 31.65
CA ILE A 120 5.20 -3.36 31.13
C ILE A 120 4.82 -1.89 31.09
N GLY A 121 4.05 -1.51 30.08
CA GLY A 121 3.62 -0.13 29.94
C GLY A 121 2.31 -0.05 29.18
N LEU A 122 1.88 1.16 28.87
CA LEU A 122 0.64 1.36 28.14
C LEU A 122 0.76 2.68 27.41
N GLY A 123 -0.03 2.84 26.34
CA GLY A 123 0.01 4.07 25.58
C GLY A 123 -0.74 4.05 24.27
N GLY A 124 -0.91 5.25 23.70
CA GLY A 124 -1.57 5.38 22.42
C GLY A 124 -0.49 5.12 21.39
N SER A 125 -0.59 5.70 20.21
CA SER A 125 0.44 5.47 19.19
C SER A 125 1.75 6.09 19.66
N GLY A 126 1.68 7.26 20.26
CA GLY A 126 2.89 7.91 20.74
C GLY A 126 3.54 7.16 21.89
N GLY A 127 2.74 6.79 22.89
CA GLY A 127 3.27 6.07 24.03
C GLY A 127 3.80 4.71 23.63
N THR A 128 3.12 4.05 22.69
CA THR A 128 3.53 2.73 22.23
C THR A 128 4.87 2.85 21.50
N SER A 129 4.99 3.91 20.70
CA SER A 129 6.23 4.15 19.97
C SER A 129 7.38 4.38 20.95
N LEU A 130 7.12 5.16 21.99
CA LEU A 130 8.12 5.46 23.00
C LEU A 130 8.60 4.20 23.74
N LEU A 131 7.65 3.39 24.20
CA LEU A 131 7.92 2.17 24.95
C LEU A 131 8.49 1.00 24.13
N SER A 132 7.91 0.74 22.97
CA SER A 132 8.35 -0.36 22.10
C SER A 132 9.84 -0.38 21.86
N SER A 133 10.35 0.76 21.41
CA SER A 133 11.76 0.92 21.09
C SER A 133 12.65 0.52 22.28
N ALA A 134 12.34 1.05 23.46
CA ALA A 134 13.11 0.74 24.66
C ALA A 134 12.94 -0.70 25.10
N PHE A 135 11.71 -1.21 25.05
CA PHE A 135 11.44 -2.58 25.48
C PHE A 135 12.14 -3.65 24.65
N ARG A 136 12.15 -3.50 23.33
CA ARG A 136 12.79 -4.53 22.51
C ARG A 136 14.31 -4.52 22.53
N SER A 137 14.90 -3.60 23.28
CA SER A 137 16.36 -3.55 23.37
C SER A 137 16.80 -4.54 24.44
N LEU A 138 15.83 -5.02 25.22
CA LEU A 138 16.12 -5.99 26.26
C LEU A 138 16.16 -7.38 25.64
N PRO A 139 16.97 -8.30 26.19
CA PRO A 139 17.12 -9.68 25.72
C PRO A 139 15.81 -10.44 25.54
N ILE A 140 15.75 -11.30 24.54
CA ILE A 140 14.58 -12.14 24.32
C ILE A 140 14.41 -12.95 25.60
N GLY A 141 13.17 -13.18 26.03
CA GLY A 141 12.95 -13.93 27.25
C GLY A 141 12.43 -13.05 28.37
N ILE A 142 12.97 -11.85 28.49
CA ILE A 142 12.50 -10.94 29.52
C ILE A 142 11.12 -10.43 29.12
N PRO A 143 10.12 -10.63 29.99
CA PRO A 143 8.74 -10.20 29.72
C PRO A 143 8.65 -8.74 29.31
N LYS A 144 8.05 -8.50 28.14
CA LYS A 144 7.89 -7.13 27.62
C LYS A 144 6.45 -7.03 27.17
N VAL A 145 5.68 -6.18 27.83
CA VAL A 145 4.28 -6.05 27.53
C VAL A 145 3.79 -4.60 27.49
N ILE A 146 2.96 -4.30 26.50
CA ILE A 146 2.39 -2.97 26.36
C ILE A 146 0.90 -3.04 26.01
N ILE A 147 0.05 -2.35 26.77
CA ILE A 147 -1.37 -2.31 26.43
C ILE A 147 -1.36 -1.15 25.46
N SER A 148 -1.72 -1.43 24.20
CA SER A 148 -1.67 -0.42 23.15
C SER A 148 -2.96 -0.20 22.36
N THR A 149 -3.20 1.05 21.99
CA THR A 149 -4.38 1.41 21.21
C THR A 149 -4.09 1.14 19.74
N VAL A 150 -2.86 0.71 19.44
CA VAL A 150 -2.48 0.42 18.06
C VAL A 150 -1.90 -0.97 17.90
N ALA A 151 -2.38 -1.91 18.70
CA ALA A 151 -1.91 -3.29 18.61
C ALA A 151 -2.57 -3.91 17.37
N SER A 152 -3.70 -3.34 16.94
CA SER A 152 -4.41 -3.85 15.78
C SER A 152 -4.12 -2.96 14.59
N GLY A 153 -3.24 -3.42 13.72
CA GLY A 153 -2.82 -2.65 12.56
C GLY A 153 -1.37 -3.02 12.27
N GLN A 154 -0.59 -2.11 11.71
CA GLN A 154 0.81 -2.41 11.41
C GLN A 154 1.63 -2.31 12.69
N THR A 155 2.17 -3.44 13.14
CA THR A 155 2.94 -3.50 14.39
C THR A 155 4.44 -3.72 14.24
N GLU A 156 4.93 -3.94 13.02
CA GLU A 156 6.34 -4.21 12.80
C GLU A 156 7.31 -3.14 13.34
N SER A 157 6.94 -1.88 13.21
CA SER A 157 7.82 -0.82 13.69
C SER A 157 7.91 -0.84 15.22
N TYR A 158 6.96 -1.50 15.88
CA TYR A 158 6.97 -1.58 17.34
C TYR A 158 7.65 -2.85 17.82
N ILE A 159 7.25 -3.99 17.26
CA ILE A 159 7.77 -5.28 17.66
C ILE A 159 9.10 -5.70 17.04
N GLY A 160 9.30 -5.37 15.76
CA GLY A 160 10.53 -5.78 15.10
C GLY A 160 10.67 -7.29 15.20
N THR A 161 11.87 -7.75 15.52
CA THR A 161 12.14 -9.19 15.64
C THR A 161 12.08 -9.66 17.10
N SER A 162 11.64 -8.79 17.99
CA SER A 162 11.56 -9.11 19.42
C SER A 162 10.35 -9.95 19.79
N ASP A 163 10.24 -10.26 21.08
CA ASP A 163 9.14 -11.03 21.60
C ASP A 163 8.16 -10.08 22.30
N LEU A 164 8.27 -8.80 21.96
CA LEU A 164 7.39 -7.76 22.52
C LEU A 164 5.92 -8.10 22.27
N VAL A 165 5.12 -8.03 23.33
CA VAL A 165 3.71 -8.34 23.21
C VAL A 165 2.81 -7.10 23.34
N LEU A 166 1.96 -6.88 22.35
CA LEU A 166 1.06 -5.75 22.37
C LEU A 166 -0.37 -6.23 22.68
N PHE A 167 -0.89 -5.81 23.84
CA PHE A 167 -2.25 -6.16 24.21
C PHE A 167 -3.15 -5.04 23.69
N PRO A 168 -4.15 -5.39 22.86
CA PRO A 168 -5.06 -4.36 22.34
C PRO A 168 -5.87 -3.74 23.48
N SER A 169 -5.99 -2.41 23.48
CA SER A 169 -6.77 -1.72 24.51
C SER A 169 -8.28 -1.72 24.25
N VAL A 170 -8.69 -2.17 23.06
CA VAL A 170 -10.11 -2.24 22.66
C VAL A 170 -10.73 -0.85 22.47
N VAL A 171 -10.62 0.02 23.48
CA VAL A 171 -11.13 1.39 23.36
C VAL A 171 -9.96 2.31 23.67
N ASP A 172 -10.03 3.55 23.22
CA ASP A 172 -8.95 4.48 23.48
C ASP A 172 -8.68 4.51 24.98
N ILE A 173 -7.41 4.63 25.35
CA ILE A 173 -7.03 4.67 26.76
C ILE A 173 -7.39 6.03 27.33
N CYS A 174 -8.49 6.08 28.08
CA CYS A 174 -8.96 7.33 28.66
C CYS A 174 -9.74 7.07 29.94
N GLY A 175 -9.04 7.03 31.06
CA GLY A 175 -9.69 6.78 32.34
C GLY A 175 -10.03 5.32 32.59
N ILE A 176 -10.32 5.01 33.84
CA ILE A 176 -10.67 3.64 34.22
C ILE A 176 -12.18 3.48 34.10
N ASN A 177 -12.62 2.72 33.10
CA ASN A 177 -14.03 2.48 32.90
C ASN A 177 -14.24 0.98 32.90
N ASN A 178 -15.49 0.55 32.82
CA ASN A 178 -15.80 -0.88 32.83
C ASN A 178 -15.03 -1.67 31.77
N VAL A 179 -14.69 -1.04 30.64
CA VAL A 179 -13.95 -1.74 29.60
C VAL A 179 -12.46 -1.83 29.88
N SER A 180 -11.82 -0.69 30.16
CA SER A 180 -10.40 -0.67 30.41
C SER A 180 -10.03 -1.42 31.69
N LYS A 181 -10.93 -1.45 32.67
CA LYS A 181 -10.65 -2.19 33.90
C LYS A 181 -10.32 -3.64 33.55
N VAL A 182 -11.15 -4.22 32.69
CA VAL A 182 -10.98 -5.61 32.27
C VAL A 182 -9.73 -5.82 31.41
N VAL A 183 -9.56 -4.95 30.41
CA VAL A 183 -8.41 -5.08 29.52
C VAL A 183 -7.11 -4.89 30.29
N LEU A 184 -7.03 -3.84 31.10
CA LEU A 184 -5.84 -3.57 31.88
C LEU A 184 -5.60 -4.68 32.90
N SER A 185 -6.68 -5.20 33.47
CA SER A 185 -6.55 -6.28 34.47
C SER A 185 -5.96 -7.54 33.86
N ASN A 186 -6.46 -7.94 32.70
CA ASN A 186 -5.96 -9.14 32.04
C ASN A 186 -4.50 -8.95 31.62
N ALA A 187 -4.17 -7.76 31.09
CA ALA A 187 -2.80 -7.52 30.66
C ALA A 187 -1.85 -7.59 31.85
N GLY A 188 -2.22 -6.94 32.95
CA GLY A 188 -1.39 -6.95 34.13
C GLY A 188 -1.23 -8.34 34.72
N ALA A 189 -2.30 -9.13 34.68
CA ALA A 189 -2.25 -10.48 35.22
C ALA A 189 -1.37 -11.36 34.33
N ALA A 190 -1.39 -11.06 33.03
CA ALA A 190 -0.58 -11.82 32.07
C ALA A 190 0.89 -11.56 32.35
N PHE A 191 1.24 -10.29 32.49
CA PHE A 191 2.61 -9.87 32.77
C PHE A 191 3.10 -10.54 34.06
N ALA A 192 2.33 -10.40 35.14
CA ALA A 192 2.70 -11.02 36.42
C ALA A 192 2.91 -12.51 36.21
N GLY A 193 2.02 -13.14 35.45
CA GLY A 193 2.16 -14.56 35.18
C GLY A 193 3.49 -14.85 34.51
N MET A 194 3.82 -14.09 33.49
CA MET A 194 5.07 -14.26 32.78
C MET A 194 6.27 -14.08 33.70
N VAL A 195 6.21 -13.05 34.54
CA VAL A 195 7.30 -12.75 35.48
C VAL A 195 7.53 -13.86 36.49
N ILE A 196 6.46 -14.27 37.17
CA ILE A 196 6.56 -15.34 38.17
C ILE A 196 6.99 -16.66 37.55
N GLY A 197 6.39 -17.02 36.43
CA GLY A 197 6.73 -18.26 35.78
C GLY A 197 8.19 -18.33 35.40
N ARG A 198 8.75 -17.20 35.00
CA ARG A 198 10.15 -17.13 34.60
C ARG A 198 11.07 -17.20 35.82
N LEU A 199 10.65 -16.56 36.91
CA LEU A 199 11.44 -16.55 38.12
C LEU A 199 11.43 -17.92 38.81
N GLU A 200 10.26 -18.54 38.87
CA GLU A 200 10.13 -19.84 39.52
C GLU A 200 10.60 -20.98 38.65
N SER A 201 11.59 -20.73 37.80
CA SER A 201 12.13 -21.76 36.91
C SER A 201 13.54 -21.38 36.49
N LYS A 211 21.77 -28.25 22.33
CA LYS A 211 22.30 -28.53 21.00
C LYS A 211 22.81 -27.28 20.28
N PHE A 212 23.80 -27.50 19.42
CA PHE A 212 24.42 -26.47 18.59
C PHE A 212 23.36 -26.10 17.54
N THR A 213 22.90 -24.85 17.53
CA THR A 213 21.86 -24.47 16.57
C THR A 213 22.39 -23.66 15.38
N VAL A 214 22.00 -24.07 14.18
CA VAL A 214 22.42 -23.41 12.95
C VAL A 214 21.30 -22.61 12.27
N GLY A 215 21.61 -21.38 11.89
CA GLY A 215 20.64 -20.54 11.21
C GLY A 215 20.76 -20.70 9.70
N VAL A 216 19.62 -20.81 9.03
CA VAL A 216 19.60 -20.98 7.57
C VAL A 216 18.60 -20.04 6.88
N THR A 217 19.07 -19.28 5.90
CA THR A 217 18.23 -18.35 5.13
C THR A 217 17.55 -19.07 3.95
N MET A 218 16.27 -18.76 3.73
CA MET A 218 15.51 -19.43 2.68
C MET A 218 14.54 -18.59 1.87
N PHE A 219 14.18 -19.13 0.71
CA PHE A 219 13.22 -18.53 -0.21
C PHE A 219 12.51 -19.71 -0.85
N GLY A 220 11.34 -19.48 -1.44
CA GLY A 220 10.64 -20.56 -2.08
C GLY A 220 11.52 -21.18 -3.14
N VAL A 221 12.17 -20.33 -3.93
CA VAL A 221 13.05 -20.76 -5.01
C VAL A 221 14.35 -21.44 -4.59
N THR A 222 14.58 -21.60 -3.29
CA THR A 222 15.79 -22.28 -2.81
C THR A 222 15.42 -23.30 -1.74
N THR A 223 14.14 -23.59 -1.63
CA THR A 223 13.64 -24.55 -0.65
C THR A 223 14.19 -25.96 -0.83
N PRO A 224 14.41 -26.39 -2.08
CA PRO A 224 14.94 -27.74 -2.29
C PRO A 224 16.30 -27.84 -1.58
N CYS A 225 17.12 -26.81 -1.76
CA CYS A 225 18.43 -26.78 -1.13
C CYS A 225 18.28 -26.73 0.41
N VAL A 226 17.47 -25.80 0.90
CA VAL A 226 17.25 -25.64 2.32
C VAL A 226 16.77 -26.90 3.04
N ASN A 227 15.79 -27.61 2.47
CA ASN A 227 15.29 -28.81 3.11
C ASN A 227 16.33 -29.92 3.14
N ALA A 228 17.09 -30.05 2.05
CA ALA A 228 18.11 -31.08 1.98
C ALA A 228 19.15 -30.79 3.07
N VAL A 229 19.60 -29.54 3.11
CA VAL A 229 20.57 -29.09 4.09
C VAL A 229 20.02 -29.30 5.50
N LYS A 230 18.77 -28.92 5.71
CA LYS A 230 18.14 -29.07 7.01
C LYS A 230 18.12 -30.54 7.45
N GLU A 231 17.69 -31.43 6.55
CA GLU A 231 17.62 -32.86 6.87
C GLU A 231 19.01 -33.41 7.21
N ARG A 232 19.99 -33.01 6.42
CA ARG A 232 21.37 -33.45 6.63
C ARG A 232 21.85 -32.99 8.01
N LEU A 233 21.61 -31.71 8.30
CA LEU A 233 22.01 -31.12 9.58
C LEU A 233 21.39 -31.83 10.77
N VAL A 234 20.09 -32.11 10.68
CA VAL A 234 19.42 -32.80 11.78
C VAL A 234 20.06 -34.16 11.98
N LYS A 235 20.44 -34.79 10.88
CA LYS A 235 21.07 -36.11 10.94
C LYS A 235 22.44 -36.00 11.59
N GLU A 236 23.10 -34.86 11.42
CA GLU A 236 24.42 -34.63 11.99
C GLU A 236 24.32 -34.24 13.47
N GLY A 237 23.10 -34.15 13.97
CA GLY A 237 22.90 -33.81 15.37
C GLY A 237 22.68 -32.36 15.71
N TYR A 238 22.51 -31.51 14.71
CA TYR A 238 22.29 -30.08 14.93
C TYR A 238 20.81 -29.77 14.97
N GLU A 239 20.48 -28.59 15.50
CA GLU A 239 19.11 -28.13 15.53
C GLU A 239 19.14 -26.92 14.59
N THR A 240 18.08 -26.72 13.82
CA THR A 240 18.04 -25.62 12.87
C THR A 240 16.93 -24.59 13.05
N LEU A 241 17.19 -23.38 12.56
CA LEU A 241 16.23 -22.30 12.60
C LEU A 241 16.26 -21.73 11.18
N VAL A 242 15.14 -21.85 10.46
CA VAL A 242 15.06 -21.36 9.08
C VAL A 242 14.42 -19.98 9.02
N PHE A 243 15.01 -19.07 8.25
CA PHE A 243 14.50 -17.71 8.13
C PHE A 243 14.17 -17.35 6.68
N HIS A 244 12.94 -16.91 6.46
CA HIS A 244 12.46 -16.50 5.14
C HIS A 244 13.22 -15.20 4.82
N ALA A 245 13.96 -15.18 3.73
CA ALA A 245 14.76 -14.01 3.35
C ALA A 245 13.99 -12.81 2.80
N THR A 246 13.03 -12.32 3.57
CA THR A 246 12.18 -11.19 3.18
C THR A 246 12.70 -9.85 3.68
N GLY A 247 13.95 -9.80 4.10
CA GLY A 247 14.50 -8.56 4.63
C GLY A 247 14.52 -8.64 6.13
N VAL A 248 13.40 -9.03 6.73
CA VAL A 248 13.30 -9.16 8.17
C VAL A 248 13.97 -10.46 8.62
N GLY A 249 13.85 -11.51 7.80
CA GLY A 249 14.46 -12.78 8.14
C GLY A 249 15.94 -12.67 8.46
N GLY A 250 16.70 -12.10 7.52
CA GLY A 250 18.13 -11.93 7.72
C GLY A 250 18.42 -11.22 9.03
N ARG A 251 17.65 -10.17 9.33
CA ARG A 251 17.86 -9.42 10.57
C ARG A 251 17.47 -10.26 11.79
N ALA A 252 16.35 -10.96 11.67
CA ALA A 252 15.87 -11.78 12.77
C ALA A 252 16.95 -12.80 13.13
N MET A 253 17.59 -13.39 12.12
CA MET A 253 18.64 -14.37 12.35
C MET A 253 19.87 -13.76 13.04
N GLU A 254 20.26 -12.58 12.56
CA GLU A 254 21.44 -11.92 13.12
C GLU A 254 21.22 -11.41 14.54
N ASP A 255 20.02 -10.97 14.86
CA ASP A 255 19.75 -10.50 16.22
C ASP A 255 19.86 -11.72 17.14
N LEU A 256 19.36 -12.86 16.67
CA LEU A 256 19.44 -14.08 17.44
C LEU A 256 20.91 -14.50 17.56
N VAL A 257 21.71 -14.17 16.55
CA VAL A 257 23.13 -14.51 16.60
C VAL A 257 23.78 -13.75 17.75
N ARG A 258 23.61 -12.42 17.78
CA ARG A 258 24.22 -11.68 18.86
C ARG A 258 23.56 -12.01 20.19
N GLY A 259 22.36 -12.59 20.12
CA GLY A 259 21.66 -12.96 21.34
C GLY A 259 22.18 -14.26 21.92
N GLY A 260 23.13 -14.90 21.21
CA GLY A 260 23.69 -16.14 21.69
C GLY A 260 22.86 -17.38 21.39
N PHE A 261 21.80 -17.23 20.58
CA PHE A 261 20.94 -18.35 20.25
C PHE A 261 21.37 -19.18 19.05
N ILE A 262 22.25 -18.62 18.23
CA ILE A 262 22.74 -19.32 17.03
C ILE A 262 24.26 -19.44 17.02
N GLN A 263 24.77 -20.67 16.92
CA GLN A 263 26.21 -20.86 16.95
C GLN A 263 26.86 -21.05 15.58
N GLY A 264 26.05 -21.03 14.52
CA GLY A 264 26.59 -21.21 13.19
C GLY A 264 25.59 -20.83 12.12
N VAL A 265 26.08 -20.28 11.01
CA VAL A 265 25.20 -19.87 9.93
C VAL A 265 25.51 -20.41 8.54
N LEU A 266 24.47 -20.89 7.88
CA LEU A 266 24.55 -21.38 6.50
C LEU A 266 23.66 -20.40 5.74
N ASP A 267 24.23 -19.26 5.38
CA ASP A 267 23.50 -18.22 4.67
C ASP A 267 23.34 -18.58 3.20
N ILE A 268 22.45 -19.53 2.93
CA ILE A 268 22.20 -20.02 1.58
C ILE A 268 21.58 -18.98 0.64
N THR A 269 20.54 -18.31 1.14
CA THR A 269 19.83 -17.30 0.35
C THR A 269 20.20 -15.87 0.76
N THR A 270 21.07 -15.23 -0.02
CA THR A 270 21.49 -13.86 0.29
C THR A 270 20.78 -12.82 -0.57
N THR A 271 19.68 -13.23 -1.18
CA THR A 271 18.86 -12.40 -2.04
C THR A 271 18.52 -11.01 -1.48
N GLU A 272 18.39 -10.91 -0.15
CA GLU A 272 18.08 -9.63 0.47
C GLU A 272 19.12 -8.58 0.06
N VAL A 273 20.31 -9.06 -0.31
CA VAL A 273 21.40 -8.19 -0.75
C VAL A 273 21.03 -7.52 -2.08
N ALA A 274 20.32 -8.27 -2.94
CA ALA A 274 19.91 -7.72 -4.22
C ALA A 274 18.94 -6.55 -3.99
N ASP A 275 17.88 -6.79 -3.22
CA ASP A 275 16.91 -5.71 -2.97
C ASP A 275 17.56 -4.50 -2.33
N TYR A 276 18.63 -4.71 -1.57
CA TYR A 276 19.30 -3.58 -0.93
C TYR A 276 20.03 -2.74 -1.98
N VAL A 277 20.64 -3.40 -2.94
CA VAL A 277 21.38 -2.69 -3.99
C VAL A 277 20.43 -2.02 -4.97
N VAL A 278 19.57 -2.80 -5.62
CA VAL A 278 18.62 -2.28 -6.59
C VAL A 278 17.54 -1.37 -5.98
N GLY A 279 16.97 -1.81 -4.86
CA GLY A 279 15.92 -1.04 -4.20
C GLY A 279 14.60 -1.80 -4.22
N GLY A 280 14.60 -3.00 -3.66
CA GLY A 280 13.39 -3.80 -3.63
C GLY A 280 12.61 -3.67 -2.34
N VAL A 281 11.55 -4.46 -2.19
CA VAL A 281 10.71 -4.40 -1.01
C VAL A 281 11.21 -5.30 0.12
N MET A 282 12.00 -6.32 -0.21
CA MET A 282 12.52 -7.24 0.79
C MET A 282 14.02 -7.09 0.96
N ALA A 283 14.47 -5.89 1.28
CA ALA A 283 15.89 -5.61 1.42
C ALA A 283 16.46 -5.70 2.83
N CYS A 284 17.77 -5.93 2.90
CA CYS A 284 18.48 -6.01 4.16
C CYS A 284 19.00 -4.60 4.36
N ASP A 285 19.57 -4.29 5.52
CA ASP A 285 20.11 -2.95 5.73
C ASP A 285 21.62 -3.04 5.50
N SER A 286 22.31 -1.91 5.55
CA SER A 286 23.74 -1.89 5.30
C SER A 286 24.57 -2.69 6.31
N SER A 287 23.94 -3.15 7.39
CA SER A 287 24.67 -3.90 8.41
C SER A 287 24.67 -5.42 8.23
N ARG A 288 24.06 -5.90 7.15
CA ARG A 288 24.00 -7.35 6.89
C ARG A 288 25.36 -8.04 7.08
N PHE A 289 25.34 -9.18 7.75
CA PHE A 289 26.51 -10.00 8.02
C PHE A 289 27.38 -9.56 9.19
N ASP A 290 27.31 -8.28 9.53
CA ASP A 290 28.11 -7.73 10.63
C ASP A 290 28.02 -8.58 11.89
N ALA A 291 26.80 -8.83 12.36
CA ALA A 291 26.59 -9.61 13.58
C ALA A 291 27.29 -10.96 13.56
N ILE A 292 27.21 -11.65 12.42
CA ILE A 292 27.82 -12.97 12.29
C ILE A 292 29.34 -12.91 12.43
N LEU A 293 29.95 -11.98 11.69
CA LEU A 293 31.40 -11.81 11.71
C LEU A 293 31.92 -11.38 13.07
N GLU A 294 31.19 -10.49 13.73
CA GLU A 294 31.61 -10.00 15.04
C GLU A 294 31.55 -11.09 16.12
N LYS A 295 30.61 -12.02 15.98
CA LYS A 295 30.47 -13.12 16.93
C LYS A 295 31.51 -14.18 16.62
N LYS A 296 32.14 -14.06 15.45
CA LYS A 296 33.16 -14.98 15.02
C LYS A 296 32.68 -16.43 15.01
N ILE A 297 31.44 -16.65 14.61
CA ILE A 297 30.90 -18.00 14.53
C ILE A 297 31.07 -18.50 13.09
N PRO A 298 31.21 -19.82 12.91
CA PRO A 298 31.38 -20.35 11.56
C PRO A 298 30.29 -19.88 10.59
N LEU A 299 30.70 -19.52 9.39
CA LEU A 299 29.77 -19.05 8.37
C LEU A 299 30.06 -19.63 6.99
N VAL A 300 29.04 -20.24 6.40
CA VAL A 300 29.12 -20.77 5.05
C VAL A 300 28.11 -19.90 4.30
N LEU A 301 28.57 -19.13 3.33
CA LEU A 301 27.69 -18.25 2.58
C LEU A 301 27.54 -18.64 1.12
N SER A 302 26.36 -18.42 0.56
CA SER A 302 26.14 -18.72 -0.85
C SER A 302 25.43 -17.57 -1.56
N VAL A 303 24.91 -17.82 -2.76
CA VAL A 303 24.27 -16.77 -3.54
C VAL A 303 22.81 -17.04 -3.91
N GLY A 304 22.14 -17.91 -3.15
CA GLY A 304 20.75 -18.24 -3.42
C GLY A 304 19.81 -17.08 -3.73
N ALA A 305 19.07 -17.23 -4.82
CA ALA A 305 18.09 -16.25 -5.26
C ALA A 305 18.65 -14.84 -5.43
N LEU A 306 19.93 -14.74 -5.76
CA LEU A 306 20.55 -13.44 -5.96
C LEU A 306 20.23 -12.95 -7.39
N ASP A 307 19.39 -13.71 -8.08
CA ASP A 307 18.99 -13.38 -9.45
C ASP A 307 17.67 -12.61 -9.48
N MET A 308 17.12 -12.31 -8.31
CA MET A 308 15.84 -11.61 -8.26
C MET A 308 15.66 -10.57 -7.17
N VAL A 309 15.09 -9.43 -7.56
CA VAL A 309 14.81 -8.35 -6.61
C VAL A 309 13.28 -8.36 -6.44
N ASN A 310 12.81 -8.21 -5.20
CA ASN A 310 11.37 -8.26 -4.97
C ASN A 310 10.63 -6.92 -5.08
N PHE A 311 9.45 -7.01 -5.67
CA PHE A 311 8.55 -5.88 -5.88
C PHE A 311 7.13 -6.43 -5.76
N GLY A 312 6.28 -6.07 -6.71
CA GLY A 312 4.91 -6.57 -6.72
C GLY A 312 3.91 -5.68 -6.00
N PRO A 313 2.75 -5.39 -6.64
CA PRO A 313 2.39 -5.86 -7.98
C PRO A 313 3.09 -5.05 -9.06
N LYS A 314 2.99 -5.48 -10.31
CA LYS A 314 3.65 -4.78 -11.42
C LYS A 314 3.50 -3.26 -11.37
N THR A 315 2.27 -2.78 -11.27
CA THR A 315 2.01 -1.35 -11.24
C THR A 315 2.93 -0.62 -10.24
N THR A 316 3.25 -1.30 -9.14
CA THR A 316 4.12 -0.72 -8.10
C THR A 316 5.56 -0.56 -8.56
N ILE A 317 6.03 -1.49 -9.38
CA ILE A 317 7.39 -1.48 -9.89
C ILE A 317 7.84 -0.10 -10.35
N PRO A 318 8.84 0.49 -9.67
CA PRO A 318 9.33 1.81 -10.04
C PRO A 318 9.48 1.93 -11.56
N PRO A 319 9.05 3.06 -12.13
CA PRO A 319 9.09 3.35 -13.56
C PRO A 319 10.32 2.83 -14.32
N GLU A 320 11.51 3.16 -13.82
CA GLU A 320 12.75 2.76 -14.47
C GLU A 320 12.99 1.26 -14.54
N PHE A 321 12.10 0.46 -13.94
CA PHE A 321 12.29 -0.98 -13.96
C PHE A 321 11.23 -1.74 -14.77
N GLN A 322 10.23 -1.04 -15.26
CA GLN A 322 9.18 -1.68 -16.04
C GLN A 322 9.74 -2.22 -17.36
N GLN A 323 10.93 -1.77 -17.71
CA GLN A 323 11.59 -2.21 -18.93
C GLN A 323 12.51 -3.39 -18.66
N ARG A 324 12.43 -3.92 -17.44
CA ARG A 324 13.25 -5.05 -17.03
C ARG A 324 12.48 -6.36 -17.16
N LYS A 325 13.20 -7.47 -17.05
CA LYS A 325 12.59 -8.79 -17.16
C LYS A 325 11.84 -9.11 -15.87
N ILE A 326 10.52 -8.98 -15.91
CA ILE A 326 9.68 -9.23 -14.74
C ILE A 326 9.01 -10.60 -14.76
N HIS A 327 8.73 -11.13 -13.58
CA HIS A 327 8.06 -12.42 -13.43
C HIS A 327 6.97 -12.25 -12.37
N GLU A 328 5.72 -12.37 -12.79
CA GLU A 328 4.61 -12.23 -11.85
C GLU A 328 4.37 -13.52 -11.09
N HIS A 329 4.88 -13.57 -9.86
CA HIS A 329 4.73 -14.74 -9.01
C HIS A 329 3.26 -14.91 -8.69
N ASN A 330 2.58 -13.77 -8.50
CA ASN A 330 1.15 -13.76 -8.22
C ASN A 330 0.64 -12.33 -8.30
N GLU A 331 -0.51 -12.08 -7.67
CA GLU A 331 -1.13 -10.76 -7.69
C GLU A 331 -0.36 -9.68 -6.93
N GLN A 332 -0.04 -9.95 -5.67
CA GLN A 332 0.68 -8.99 -4.83
C GLN A 332 2.20 -8.90 -4.98
N VAL A 333 2.83 -9.93 -5.53
CA VAL A 333 4.29 -9.88 -5.68
C VAL A 333 4.80 -10.28 -7.06
N SER A 334 5.80 -9.53 -7.53
CA SER A 334 6.43 -9.78 -8.82
C SER A 334 7.95 -9.75 -8.64
N LEU A 335 8.64 -10.65 -9.33
CA LEU A 335 10.10 -10.77 -9.24
C LEU A 335 10.81 -10.22 -10.47
N MET A 336 11.82 -9.38 -10.23
CA MET A 336 12.59 -8.79 -11.31
C MET A 336 13.95 -9.49 -11.43
N ARG A 337 14.30 -9.91 -12.65
CA ARG A 337 15.57 -10.59 -12.90
C ARG A 337 16.73 -9.60 -12.83
N THR A 338 17.74 -9.96 -12.06
CA THR A 338 18.91 -9.09 -11.89
C THR A 338 19.83 -9.18 -13.10
N THR A 339 20.38 -8.04 -13.50
CA THR A 339 21.28 -7.99 -14.66
C THR A 339 22.68 -8.45 -14.27
N VAL A 340 23.58 -8.45 -15.25
CA VAL A 340 24.95 -8.87 -15.04
C VAL A 340 25.74 -7.80 -14.27
N GLY A 341 25.38 -6.54 -14.51
CA GLY A 341 26.07 -5.46 -13.83
C GLY A 341 25.70 -5.37 -12.37
N GLU A 342 24.45 -5.70 -12.06
CA GLU A 342 23.96 -5.63 -10.70
C GLU A 342 24.63 -6.69 -9.83
N ASN A 343 24.83 -7.88 -10.40
CA ASN A 343 25.47 -8.96 -9.67
C ASN A 343 26.87 -8.58 -9.17
N LYS A 344 27.65 -7.89 -10.00
CA LYS A 344 28.98 -7.48 -9.58
C LYS A 344 28.86 -6.60 -8.34
N LYS A 345 27.78 -5.82 -8.28
CA LYS A 345 27.54 -4.94 -7.15
C LYS A 345 27.24 -5.78 -5.92
N PHE A 346 26.50 -6.87 -6.11
CA PHE A 346 26.16 -7.75 -5.02
C PHE A 346 27.46 -8.24 -4.40
N ALA A 347 28.33 -8.76 -5.27
CA ALA A 347 29.63 -9.28 -4.86
C ALA A 347 30.44 -8.27 -4.06
N ALA A 348 30.41 -7.01 -4.49
CA ALA A 348 31.16 -5.97 -3.81
C ALA A 348 30.67 -5.79 -2.37
N PHE A 349 29.35 -5.75 -2.20
CA PHE A 349 28.76 -5.61 -0.88
C PHE A 349 29.14 -6.80 0.01
N ILE A 350 28.94 -8.01 -0.51
CA ILE A 350 29.24 -9.23 0.23
C ILE A 350 30.73 -9.30 0.60
N ALA A 351 31.58 -9.14 -0.41
CA ALA A 351 33.02 -9.18 -0.21
C ALA A 351 33.50 -8.13 0.79
N GLU A 352 33.00 -6.91 0.63
CA GLU A 352 33.37 -5.81 1.52
C GLU A 352 33.17 -6.20 2.98
N LYS A 353 32.15 -7.00 3.26
CA LYS A 353 31.85 -7.44 4.61
C LYS A 353 32.79 -8.59 5.00
N LEU A 354 32.83 -9.60 4.13
CA LEU A 354 33.65 -10.77 4.36
C LEU A 354 35.13 -10.50 4.53
N ASN A 355 35.63 -9.43 3.91
CA ASN A 355 37.04 -9.10 4.02
C ASN A 355 37.37 -8.51 5.39
N LYS A 356 36.37 -8.45 6.25
CA LYS A 356 36.56 -7.92 7.60
C LYS A 356 36.60 -9.09 8.59
N ALA A 357 36.37 -10.30 8.07
CA ALA A 357 36.34 -11.49 8.91
C ALA A 357 37.61 -11.74 9.71
N SER A 358 37.43 -12.19 10.95
CA SER A 358 38.54 -12.51 11.82
C SER A 358 38.32 -13.94 12.31
N SER A 359 37.59 -14.71 11.49
CA SER A 359 37.27 -16.11 11.78
C SER A 359 36.90 -16.82 10.48
N SER A 360 37.00 -18.14 10.47
CA SER A 360 36.72 -18.94 9.28
C SER A 360 35.40 -18.68 8.55
N VAL A 361 35.48 -18.61 7.23
CA VAL A 361 34.33 -18.37 6.39
C VAL A 361 34.50 -19.10 5.08
N CYS A 362 33.44 -19.75 4.61
CA CYS A 362 33.48 -20.45 3.34
C CYS A 362 32.35 -20.01 2.44
N VAL A 363 32.69 -19.66 1.21
CA VAL A 363 31.71 -19.23 0.24
C VAL A 363 31.54 -20.34 -0.80
N CYS A 364 30.34 -20.94 -0.84
CA CYS A 364 30.05 -21.99 -1.80
C CYS A 364 29.22 -21.43 -2.93
N LEU A 365 29.71 -21.56 -4.16
CA LEU A 365 29.00 -21.04 -5.33
C LEU A 365 28.56 -22.14 -6.29
N PRO A 366 27.28 -22.15 -6.67
CA PRO A 366 26.75 -23.16 -7.59
C PRO A 366 26.87 -22.64 -9.03
N GLU A 367 27.68 -23.31 -9.84
CA GLU A 367 27.90 -22.91 -11.23
C GLU A 367 26.65 -22.92 -12.12
N LYS A 368 25.83 -23.95 -11.98
CA LYS A 368 24.63 -24.10 -12.78
C LYS A 368 23.53 -23.06 -12.59
N GLY A 369 23.22 -22.70 -11.35
CA GLY A 369 22.17 -21.71 -11.11
C GLY A 369 21.98 -21.35 -9.65
N VAL A 370 21.38 -20.19 -9.39
CA VAL A 370 21.15 -19.73 -8.03
C VAL A 370 19.72 -19.91 -7.49
N SER A 371 18.76 -20.21 -8.37
CA SER A 371 17.38 -20.41 -7.94
C SER A 371 16.64 -21.35 -8.88
N ALA A 372 15.41 -21.72 -8.51
CA ALA A 372 14.61 -22.61 -9.32
C ALA A 372 14.24 -21.90 -10.62
N LEU A 373 14.29 -20.57 -10.60
CA LEU A 373 13.98 -19.77 -11.77
C LEU A 373 15.24 -19.50 -12.58
N ASP A 374 16.39 -19.73 -11.96
CA ASP A 374 17.66 -19.54 -12.63
C ASP A 374 18.27 -20.91 -12.92
N ALA A 375 17.53 -21.71 -13.69
CA ALA A 375 17.97 -23.06 -14.05
C ALA A 375 17.75 -23.29 -15.55
N PRO A 376 18.50 -24.24 -16.13
CA PRO A 376 18.35 -24.52 -17.55
C PRO A 376 16.90 -24.78 -17.91
N GLY A 377 16.35 -23.95 -18.79
CA GLY A 377 14.97 -24.10 -19.19
C GLY A 377 13.99 -23.43 -18.24
N LYS A 378 14.46 -22.37 -17.57
CA LYS A 378 13.61 -21.63 -16.63
C LYS A 378 13.62 -20.15 -16.96
N ASP A 379 12.59 -19.44 -16.51
CA ASP A 379 12.43 -18.02 -16.78
C ASP A 379 13.65 -17.13 -16.52
N PHE A 380 14.16 -17.15 -15.30
CA PHE A 380 15.31 -16.30 -14.93
C PHE A 380 16.70 -16.81 -15.27
N TYR A 381 16.78 -18.01 -15.85
CA TYR A 381 18.06 -18.59 -16.21
C TYR A 381 18.97 -17.63 -16.98
N ASP A 382 20.19 -17.45 -16.50
CA ASP A 382 21.16 -16.58 -17.14
C ASP A 382 22.56 -16.92 -16.66
N PRO A 383 23.19 -17.92 -17.29
CA PRO A 383 24.55 -18.35 -16.93
C PRO A 383 25.61 -17.25 -17.08
N GLU A 384 25.25 -16.17 -17.75
CA GLU A 384 26.16 -15.05 -17.95
C GLU A 384 26.29 -14.28 -16.64
N ALA A 385 25.18 -14.20 -15.92
CA ALA A 385 25.13 -13.51 -14.63
C ALA A 385 25.76 -14.41 -13.57
N THR A 386 25.38 -15.68 -13.57
CA THR A 386 25.91 -16.66 -12.62
C THR A 386 27.44 -16.67 -12.69
N SER A 387 27.95 -16.73 -13.92
CA SER A 387 29.38 -16.75 -14.17
C SER A 387 30.07 -15.49 -13.64
N CYS A 388 29.45 -14.35 -13.89
CA CYS A 388 29.98 -13.06 -13.44
C CYS A 388 30.04 -12.97 -11.92
N LEU A 389 28.95 -13.39 -11.28
CA LEU A 389 28.86 -13.36 -9.82
C LEU A 389 30.02 -14.17 -9.24
N THR A 390 30.22 -15.36 -9.79
CA THR A 390 31.29 -16.25 -9.35
C THR A 390 32.67 -15.61 -9.46
N ARG A 391 33.00 -15.11 -10.65
CA ARG A 391 34.31 -14.48 -10.87
C ARG A 391 34.59 -13.28 -9.98
N GLU A 392 33.59 -12.40 -9.82
CA GLU A 392 33.77 -11.21 -9.00
C GLU A 392 34.03 -11.58 -7.54
N LEU A 393 33.34 -12.63 -7.08
CA LEU A 393 33.51 -13.08 -5.71
C LEU A 393 34.90 -13.65 -5.47
N GLN A 394 35.36 -14.52 -6.38
CA GLN A 394 36.69 -15.12 -6.26
C GLN A 394 37.77 -14.05 -6.22
N MET A 395 37.66 -13.08 -7.13
CA MET A 395 38.64 -12.01 -7.22
C MET A 395 38.66 -11.06 -6.02
N LEU A 396 37.50 -10.67 -5.53
CA LEU A 396 37.45 -9.75 -4.39
C LEU A 396 37.91 -10.40 -3.08
N LEU A 397 37.72 -11.71 -2.97
CA LEU A 397 38.12 -12.44 -1.75
C LEU A 397 39.47 -13.16 -1.89
N GLU A 398 40.07 -13.08 -3.07
CA GLU A 398 41.35 -13.75 -3.34
C GLU A 398 42.44 -13.52 -2.30
N ASN A 399 42.49 -12.32 -1.73
CA ASN A 399 43.51 -12.03 -0.73
C ASN A 399 43.02 -12.11 0.71
N ASN A 400 41.88 -12.74 0.93
CA ASN A 400 41.34 -12.89 2.28
C ASN A 400 41.77 -14.26 2.81
N GLU A 401 42.72 -14.24 3.74
CA GLU A 401 43.24 -15.48 4.32
C GLU A 401 42.18 -16.26 5.11
N ARG A 402 41.23 -15.55 5.71
CA ARG A 402 40.18 -16.19 6.50
C ARG A 402 39.06 -16.79 5.68
N CYS A 403 39.05 -16.50 4.39
CA CYS A 403 37.97 -17.00 3.54
C CYS A 403 38.38 -17.94 2.42
N GLN A 404 37.59 -19.00 2.24
CA GLN A 404 37.84 -19.95 1.18
C GLN A 404 36.65 -19.83 0.23
N VAL A 405 36.94 -19.83 -1.07
CA VAL A 405 35.87 -19.74 -2.07
C VAL A 405 35.79 -21.03 -2.87
N LYS A 406 34.66 -21.71 -2.78
CA LYS A 406 34.46 -22.96 -3.52
C LYS A 406 33.47 -22.78 -4.66
N VAL A 407 33.87 -23.16 -5.87
CA VAL A 407 32.99 -23.07 -7.03
C VAL A 407 32.64 -24.50 -7.42
N LEU A 408 31.44 -24.94 -7.08
CA LEU A 408 31.01 -26.30 -7.37
C LEU A 408 30.24 -26.44 -8.68
N PRO A 409 30.38 -27.60 -9.34
CA PRO A 409 29.72 -27.90 -10.62
C PRO A 409 28.28 -28.36 -10.44
N TYR A 410 27.47 -27.57 -9.78
CA TYR A 410 26.08 -27.93 -9.56
C TYR A 410 25.15 -26.72 -9.52
N HIS A 411 23.86 -27.01 -9.46
CA HIS A 411 22.84 -25.98 -9.37
C HIS A 411 22.50 -25.95 -7.89
N ILE A 412 22.27 -24.74 -7.36
CA ILE A 412 21.98 -24.59 -5.93
C ILE A 412 20.97 -25.58 -5.36
N ASN A 413 20.01 -26.02 -6.17
CA ASN A 413 19.02 -26.97 -5.66
C ASN A 413 19.37 -28.44 -5.81
N ASP A 414 20.52 -28.74 -6.42
CA ASP A 414 20.94 -30.13 -6.56
C ASP A 414 21.22 -30.69 -5.18
N ALA A 415 20.89 -31.95 -4.96
CA ALA A 415 21.13 -32.57 -3.66
C ALA A 415 22.60 -32.62 -3.28
N GLU A 416 23.49 -32.63 -4.28
CA GLU A 416 24.92 -32.67 -3.99
C GLU A 416 25.46 -31.31 -3.52
N PHE A 417 24.80 -30.24 -3.94
CA PHE A 417 25.23 -28.91 -3.53
C PHE A 417 24.87 -28.74 -2.05
N ALA A 418 23.66 -29.17 -1.71
CA ALA A 418 23.19 -29.09 -0.34
C ALA A 418 24.18 -29.81 0.57
N ASN A 419 24.54 -31.03 0.19
CA ASN A 419 25.46 -31.83 0.97
C ASN A 419 26.89 -31.28 0.93
N ALA A 420 27.18 -30.47 -0.08
CA ALA A 420 28.50 -29.86 -0.19
C ALA A 420 28.56 -28.70 0.81
N LEU A 421 27.47 -27.95 0.88
CA LEU A 421 27.38 -26.83 1.81
C LEU A 421 27.61 -27.31 3.23
N VAL A 422 26.99 -28.44 3.59
CA VAL A 422 27.14 -28.98 4.92
C VAL A 422 28.58 -29.46 5.19
N ASP A 423 29.20 -30.09 4.20
CA ASP A 423 30.58 -30.54 4.36
C ASP A 423 31.44 -29.34 4.71
N SER A 424 31.28 -28.26 3.94
CA SER A 424 32.04 -27.03 4.15
C SER A 424 31.82 -26.49 5.56
N PHE A 425 30.59 -26.61 6.06
CA PHE A 425 30.30 -26.12 7.39
C PHE A 425 31.06 -26.99 8.39
N LEU A 426 30.97 -28.31 8.21
CA LEU A 426 31.66 -29.22 9.12
C LEU A 426 33.16 -28.97 9.20
N GLU A 427 33.80 -28.68 8.07
CA GLU A 427 35.24 -28.43 8.12
C GLU A 427 35.65 -27.15 8.85
N ILE A 428 34.78 -26.13 8.90
CA ILE A 428 35.12 -24.92 9.64
C ILE A 428 34.48 -24.94 11.02
N SER A 429 33.74 -26.00 11.32
CA SER A 429 33.09 -26.18 12.61
C SER A 429 33.02 -27.69 12.85
N PRO A 430 34.18 -28.33 13.04
CA PRO A 430 34.31 -29.78 13.26
C PRO A 430 33.53 -30.31 14.46
N LYS A 431 33.14 -31.58 14.38
CA LYS A 431 32.42 -32.24 15.46
C LYS A 431 32.91 -33.69 15.56
N ASN B 7 -17.94 -22.15 38.40
CA ASN B 7 -18.35 -23.57 38.61
C ASN B 7 -17.20 -24.53 38.29
N SER B 8 -17.11 -24.96 37.03
CA SER B 8 -16.05 -25.87 36.59
C SER B 8 -15.22 -25.18 35.50
N PRO B 9 -14.32 -24.28 35.90
CA PRO B 9 -13.45 -23.54 34.98
C PRO B 9 -12.58 -24.42 34.09
N ARG B 10 -12.60 -24.13 32.79
CA ARG B 10 -11.82 -24.90 31.84
C ARG B 10 -11.24 -24.01 30.73
N VAL B 11 -10.04 -24.35 30.27
CA VAL B 11 -9.40 -23.62 29.19
C VAL B 11 -9.10 -24.58 28.05
N PHE B 12 -8.96 -24.04 26.85
CA PHE B 12 -8.65 -24.88 25.69
C PHE B 12 -7.35 -24.44 25.02
N CYS B 13 -6.46 -25.42 24.78
CA CYS B 13 -5.19 -25.18 24.11
C CYS B 13 -5.41 -25.77 22.72
N ILE B 14 -5.44 -24.89 21.73
CA ILE B 14 -5.76 -25.30 20.36
C ILE B 14 -4.67 -25.08 19.32
N GLY B 15 -4.58 -26.03 18.39
CA GLY B 15 -3.60 -25.95 17.32
C GLY B 15 -3.74 -27.09 16.32
N THR B 16 -3.02 -27.00 15.21
CA THR B 16 -3.09 -28.04 14.21
C THR B 16 -2.06 -29.14 14.56
N ALA B 17 -2.54 -30.13 15.31
CA ALA B 17 -1.71 -31.24 15.76
C ALA B 17 -0.99 -31.98 14.64
N ASP B 18 -1.60 -32.07 13.46
CA ASP B 18 -0.95 -32.77 12.38
C ASP B 18 0.36 -32.13 11.95
N THR B 19 0.57 -30.85 12.29
CA THR B 19 1.84 -30.21 11.91
C THR B 19 2.63 -29.68 13.11
N LYS B 20 1.96 -29.45 14.23
CA LYS B 20 2.64 -28.91 15.40
C LYS B 20 2.25 -29.64 16.69
N PHE B 21 2.18 -30.97 16.61
CA PHE B 21 1.82 -31.77 17.78
C PHE B 21 2.77 -31.53 18.95
N ASP B 22 4.07 -31.62 18.69
CA ASP B 22 5.08 -31.42 19.73
C ASP B 22 4.95 -30.06 20.41
N GLU B 23 4.86 -29.00 19.60
CA GLU B 23 4.73 -27.65 20.14
C GLU B 23 3.41 -27.46 20.89
N LEU B 24 2.33 -28.05 20.38
CA LEU B 24 1.01 -27.95 21.01
C LEU B 24 1.04 -28.61 22.39
N ARG B 25 1.62 -29.81 22.46
CA ARG B 25 1.74 -30.54 23.72
C ARG B 25 2.59 -29.75 24.70
N PHE B 26 3.76 -29.30 24.25
CA PHE B 26 4.65 -28.51 25.10
C PHE B 26 3.88 -27.36 25.70
N LEU B 27 3.18 -26.61 24.87
CA LEU B 27 2.40 -25.47 25.34
C LEU B 27 1.30 -25.88 26.33
N SER B 28 0.54 -26.93 26.00
CA SER B 28 -0.53 -27.39 26.87
C SER B 28 0.05 -27.83 28.20
N GLU B 29 1.23 -28.45 28.13
CA GLU B 29 1.91 -28.93 29.31
C GLU B 29 2.21 -27.74 30.22
N HIS B 30 2.90 -26.75 29.68
CA HIS B 30 3.29 -25.56 30.45
C HIS B 30 2.09 -24.75 30.94
N VAL B 31 0.98 -24.76 30.19
CA VAL B 31 -0.21 -24.04 30.60
C VAL B 31 -0.82 -24.69 31.86
N ARG B 32 -0.81 -26.02 31.89
CA ARG B 32 -1.36 -26.75 33.04
C ARG B 32 -0.51 -26.49 34.29
N SER B 33 0.80 -26.60 34.16
CA SER B 33 1.70 -26.36 35.28
C SER B 33 1.56 -24.96 35.84
N SER B 34 1.53 -23.97 34.96
CA SER B 34 1.42 -22.59 35.40
C SER B 34 0.09 -22.33 36.09
N LEU B 35 -0.97 -22.94 35.59
CA LEU B 35 -2.28 -22.77 36.20
C LEU B 35 -2.24 -23.29 37.64
N ASN B 36 -1.83 -24.54 37.80
CA ASN B 36 -1.76 -25.12 39.13
C ASN B 36 -0.84 -24.31 40.02
N SER B 37 0.32 -23.93 39.48
CA SER B 37 1.29 -23.16 40.23
C SER B 37 0.77 -21.78 40.68
N PHE B 38 0.15 -21.02 39.78
CA PHE B 38 -0.35 -19.68 40.12
C PHE B 38 -1.61 -19.65 40.99
N SER B 39 -2.49 -20.62 40.86
CA SER B 39 -3.71 -20.64 41.65
C SER B 39 -3.36 -20.85 43.13
N ASN B 40 -4.15 -20.25 44.02
CA ASN B 40 -3.87 -20.41 45.44
C ASN B 40 -4.33 -21.78 45.92
N LYS B 41 -3.58 -22.33 46.87
CA LYS B 41 -3.87 -23.63 47.46
C LYS B 41 -5.36 -23.91 47.53
N SER B 42 -5.82 -24.85 46.70
CA SER B 42 -7.22 -25.25 46.66
C SER B 42 -8.20 -24.18 46.19
N SER B 43 -8.04 -23.73 44.95
CA SER B 43 -8.95 -22.75 44.38
C SER B 43 -10.05 -23.59 43.74
N PHE B 44 -10.36 -23.32 42.48
CA PHE B 44 -11.39 -24.09 41.79
C PHE B 44 -10.74 -25.17 40.92
N LYS B 45 -9.44 -25.01 40.66
CA LYS B 45 -8.67 -25.95 39.83
C LYS B 45 -9.17 -25.95 38.40
N VAL B 46 -8.39 -25.36 37.51
CA VAL B 46 -8.76 -25.25 36.10
C VAL B 46 -8.46 -26.48 35.25
N GLY B 47 -9.47 -26.90 34.49
CA GLY B 47 -9.31 -28.04 33.61
C GLY B 47 -8.72 -27.59 32.29
N VAL B 48 -7.93 -28.45 31.65
CA VAL B 48 -7.30 -28.11 30.39
C VAL B 48 -7.61 -29.13 29.30
N THR B 49 -8.28 -28.68 28.24
CA THR B 49 -8.60 -29.56 27.13
C THR B 49 -7.78 -29.16 25.92
N VAL B 50 -7.18 -30.14 25.27
CA VAL B 50 -6.39 -29.89 24.08
C VAL B 50 -7.31 -30.13 22.88
N VAL B 51 -7.40 -29.14 22.00
CA VAL B 51 -8.26 -29.24 20.83
C VAL B 51 -7.46 -29.21 19.53
N ASP B 52 -7.61 -30.26 18.74
CA ASP B 52 -6.91 -30.35 17.47
C ASP B 52 -7.76 -29.81 16.31
N VAL B 53 -7.21 -28.86 15.56
CA VAL B 53 -7.93 -28.28 14.42
C VAL B 53 -7.22 -28.54 13.10
N SER B 54 -6.56 -29.70 13.01
CA SER B 54 -5.87 -30.11 11.79
C SER B 54 -6.91 -30.19 10.68
N THR B 55 -6.51 -29.87 9.45
CA THR B 55 -7.45 -29.93 8.35
C THR B 55 -7.08 -30.95 7.26
N SER B 56 -5.98 -31.68 7.45
CA SER B 56 -5.59 -32.70 6.48
C SER B 56 -6.24 -33.98 6.98
N TRP B 57 -5.98 -35.12 6.34
CA TRP B 57 -6.60 -36.36 6.81
C TRP B 57 -5.84 -37.01 7.97
N LYS B 58 -4.59 -36.61 8.18
CA LYS B 58 -3.78 -37.18 9.26
C LYS B 58 -4.53 -37.05 10.58
N GLU B 59 -4.69 -38.16 11.28
CA GLU B 59 -5.41 -38.15 12.54
C GLU B 59 -4.56 -38.20 13.80
N THR B 60 -5.02 -37.47 14.81
CA THR B 60 -4.36 -37.45 16.11
C THR B 60 -5.50 -37.84 17.06
N ASN B 61 -5.26 -38.83 17.91
CA ASN B 61 -6.28 -39.32 18.83
C ASN B 61 -6.11 -38.96 20.29
N SER B 62 -4.95 -38.42 20.63
CA SER B 62 -4.68 -38.05 22.01
C SER B 62 -3.46 -37.15 22.07
N CYS B 63 -3.23 -36.60 23.25
CA CYS B 63 -2.09 -35.72 23.48
C CYS B 63 -1.75 -35.92 24.94
N ALA B 64 -0.69 -36.67 25.19
CA ALA B 64 -0.27 -36.94 26.55
C ALA B 64 -1.50 -37.46 27.28
N ASP B 65 -1.74 -36.97 28.49
CA ASP B 65 -2.88 -37.40 29.30
C ASP B 65 -3.96 -36.33 29.43
N PHE B 66 -4.05 -35.44 28.44
CA PHE B 66 -5.01 -34.35 28.43
C PHE B 66 -6.38 -34.75 27.86
N ASP B 67 -7.43 -34.11 28.36
CA ASP B 67 -8.76 -34.35 27.79
C ASP B 67 -8.50 -33.87 26.35
N PHE B 68 -8.85 -34.68 25.36
CA PHE B 68 -8.55 -34.34 23.98
C PHE B 68 -9.74 -34.36 23.01
N VAL B 69 -9.73 -33.41 22.07
CA VAL B 69 -10.80 -33.29 21.07
C VAL B 69 -10.21 -33.35 19.65
N PRO B 70 -10.44 -34.46 18.92
CA PRO B 70 -9.93 -34.61 17.55
C PRO B 70 -10.55 -33.60 16.60
N SER B 71 -9.87 -33.30 15.49
CA SER B 71 -10.41 -32.34 14.54
C SER B 71 -11.76 -32.77 14.01
N LYS B 72 -11.93 -34.06 13.75
CA LYS B 72 -13.21 -34.55 13.24
C LYS B 72 -14.38 -34.17 14.15
N ASP B 73 -14.13 -34.08 15.46
CA ASP B 73 -15.18 -33.71 16.41
C ASP B 73 -15.57 -32.23 16.33
N VAL B 74 -14.63 -31.34 16.02
CA VAL B 74 -15.01 -29.93 15.94
C VAL B 74 -15.74 -29.69 14.62
N LEU B 75 -15.32 -30.41 13.58
CA LEU B 75 -15.99 -30.28 12.30
C LEU B 75 -17.45 -30.73 12.44
N SER B 76 -17.65 -31.84 13.16
CA SER B 76 -18.98 -32.42 13.37
C SER B 76 -20.07 -31.47 13.88
N CYS B 77 -19.70 -30.49 14.69
CA CYS B 77 -20.69 -29.57 15.22
C CYS B 77 -21.02 -28.43 14.27
N HIS B 78 -20.40 -28.44 13.10
CA HIS B 78 -20.61 -27.36 12.15
C HIS B 78 -21.35 -27.74 10.86
N THR B 79 -21.95 -26.74 10.23
CA THR B 79 -22.66 -26.91 8.95
C THR B 79 -22.31 -25.66 8.14
N LEU B 80 -21.90 -25.85 6.89
CA LEU B 80 -21.53 -24.74 6.04
C LEU B 80 -22.42 -23.50 6.17
N GLY B 81 -21.79 -22.37 6.49
CA GLY B 81 -22.52 -21.12 6.63
C GLY B 81 -22.11 -20.09 5.59
N GLU B 82 -22.76 -18.93 5.60
CA GLU B 82 -22.47 -17.88 4.62
C GLU B 82 -21.16 -17.16 4.91
N GLU B 83 -20.64 -17.37 6.12
CA GLU B 83 -19.39 -16.74 6.53
C GLU B 83 -18.18 -17.18 5.71
N THR B 84 -18.32 -18.28 4.97
CA THR B 84 -17.20 -18.78 4.17
C THR B 84 -17.60 -19.22 2.76
N MET B 85 -18.44 -18.42 2.11
CA MET B 85 -18.92 -18.73 0.76
C MET B 85 -18.15 -18.01 -0.34
N GLY B 86 -17.18 -17.19 0.04
CA GLY B 86 -16.40 -16.45 -0.94
C GLY B 86 -15.38 -17.31 -1.69
N THR B 87 -14.44 -16.67 -2.37
CA THR B 87 -13.42 -17.39 -3.12
C THR B 87 -12.13 -17.56 -2.33
N PHE B 88 -11.32 -18.53 -2.72
CA PHE B 88 -10.06 -18.84 -2.06
C PHE B 88 -8.98 -19.17 -3.07
N ALA B 89 -7.74 -18.88 -2.71
CA ALA B 89 -6.60 -19.13 -3.59
C ALA B 89 -6.20 -20.59 -3.71
N ASP B 90 -6.46 -21.39 -2.69
CA ASP B 90 -6.10 -22.80 -2.77
C ASP B 90 -6.90 -23.72 -1.84
N THR B 91 -6.64 -25.01 -1.90
CA THR B 91 -7.35 -25.98 -1.08
C THR B 91 -7.17 -25.75 0.41
N ARG B 92 -5.95 -25.49 0.83
CA ARG B 92 -5.64 -25.28 2.23
C ARG B 92 -6.39 -24.07 2.79
N GLY B 93 -6.44 -23.01 2.01
CA GLY B 93 -7.11 -21.80 2.43
C GLY B 93 -8.57 -22.02 2.78
N LEU B 94 -9.30 -22.64 1.87
CA LEU B 94 -10.72 -22.91 2.09
C LEU B 94 -10.87 -23.89 3.26
N ALA B 95 -10.05 -24.93 3.29
CA ALA B 95 -10.12 -25.91 4.37
C ALA B 95 -9.98 -25.23 5.73
N ILE B 96 -9.04 -24.30 5.83
CA ILE B 96 -8.79 -23.57 7.07
C ILE B 96 -9.95 -22.64 7.42
N ALA B 97 -10.50 -21.97 6.42
CA ALA B 97 -11.61 -21.06 6.67
C ALA B 97 -12.80 -21.83 7.24
N ILE B 98 -13.01 -23.06 6.74
CA ILE B 98 -14.09 -23.89 7.22
C ILE B 98 -13.85 -24.38 8.65
N MET B 99 -12.65 -24.85 8.93
CA MET B 99 -12.31 -25.31 10.27
C MET B 99 -12.47 -24.16 11.26
N SER B 100 -12.05 -22.97 10.84
CA SER B 100 -12.13 -21.78 11.67
C SER B 100 -13.56 -21.50 12.13
N LYS B 101 -14.52 -21.62 11.22
CA LYS B 101 -15.92 -21.36 11.55
C LYS B 101 -16.47 -22.49 12.40
N ALA B 102 -15.96 -23.71 12.16
CA ALA B 102 -16.36 -24.86 12.94
C ALA B 102 -15.86 -24.67 14.37
N LEU B 103 -14.62 -24.18 14.51
CA LEU B 103 -14.06 -23.96 15.83
C LEU B 103 -14.87 -22.87 16.54
N GLU B 104 -15.29 -21.86 15.78
CA GLU B 104 -16.10 -20.79 16.34
C GLU B 104 -17.38 -21.40 16.95
N THR B 105 -18.04 -22.28 16.20
CA THR B 105 -19.25 -22.94 16.69
C THR B 105 -18.93 -23.77 17.94
N PHE B 106 -17.87 -24.57 17.87
CA PHE B 106 -17.43 -25.40 18.98
C PHE B 106 -17.20 -24.59 20.24
N LEU B 107 -16.53 -23.45 20.10
CA LEU B 107 -16.23 -22.60 21.23
C LEU B 107 -17.44 -21.89 21.79
N SER B 108 -18.39 -21.50 20.94
CA SER B 108 -19.58 -20.81 21.39
C SER B 108 -20.42 -21.77 22.22
N ILE B 109 -20.42 -23.04 21.84
CA ILE B 109 -21.16 -24.06 22.58
C ILE B 109 -20.43 -24.29 23.90
N ALA B 110 -19.11 -24.30 23.86
CA ALA B 110 -18.32 -24.49 25.08
C ALA B 110 -18.49 -23.32 26.04
N ASN B 111 -18.78 -22.14 25.50
CA ASN B 111 -18.95 -20.95 26.34
C ASN B 111 -20.32 -20.89 27.01
N ASP B 112 -21.30 -21.56 26.42
CA ASP B 112 -22.64 -21.57 26.99
C ASP B 112 -22.85 -22.77 27.90
N GLU B 113 -22.32 -23.92 27.49
CA GLU B 113 -22.46 -25.16 28.25
C GLU B 113 -21.44 -25.35 29.38
N GLN B 114 -20.19 -24.99 29.11
CA GLN B 114 -19.15 -25.13 30.14
C GLN B 114 -18.81 -23.76 30.70
N ASN B 115 -17.81 -23.74 31.59
CA ASN B 115 -17.37 -22.50 32.18
C ASN B 115 -16.01 -22.23 31.51
N LEU B 116 -16.07 -21.63 30.32
CA LEU B 116 -14.87 -21.32 29.54
C LEU B 116 -14.09 -20.17 30.17
N ALA B 117 -12.92 -20.49 30.71
CA ALA B 117 -12.08 -19.50 31.37
C ALA B 117 -11.01 -18.91 30.45
N GLY B 118 -10.97 -19.38 29.20
CA GLY B 118 -9.99 -18.85 28.26
C GLY B 118 -9.52 -19.82 27.18
N VAL B 119 -9.01 -19.25 26.08
CA VAL B 119 -8.49 -20.05 24.98
C VAL B 119 -7.09 -19.57 24.58
N ILE B 120 -6.21 -20.51 24.26
CA ILE B 120 -4.84 -20.24 23.84
C ILE B 120 -4.53 -21.16 22.69
N GLY B 121 -3.69 -20.70 21.78
CA GLY B 121 -3.32 -21.52 20.64
C GLY B 121 -2.06 -20.99 20.00
N LEU B 122 -1.63 -21.64 18.94
CA LEU B 122 -0.43 -21.21 18.24
C LEU B 122 -0.56 -21.58 16.77
N GLY B 123 0.27 -20.97 15.95
CA GLY B 123 0.25 -21.29 14.54
C GLY B 123 1.03 -20.32 13.69
N GLY B 124 1.26 -20.72 12.45
CA GLY B 124 1.94 -19.87 11.52
C GLY B 124 0.86 -18.99 10.93
N SER B 125 1.08 -18.48 9.73
CA SER B 125 0.12 -17.61 9.08
C SER B 125 -1.25 -18.28 8.94
N GLY B 126 -1.25 -19.55 8.58
CA GLY B 126 -2.51 -20.26 8.42
C GLY B 126 -3.19 -20.53 9.74
N GLY B 127 -2.43 -21.06 10.70
CA GLY B 127 -2.99 -21.35 12.01
C GLY B 127 -3.49 -20.10 12.70
N THR B 128 -2.75 -18.99 12.57
CA THR B 128 -3.17 -17.73 13.20
C THR B 128 -4.51 -17.27 12.61
N SER B 129 -4.63 -17.37 11.29
CA SER B 129 -5.85 -16.99 10.60
C SER B 129 -7.02 -17.88 11.04
N LEU B 130 -6.73 -19.16 11.29
CA LEU B 130 -7.73 -20.12 11.74
C LEU B 130 -8.21 -19.78 13.15
N LEU B 131 -7.26 -19.67 14.08
CA LEU B 131 -7.56 -19.39 15.48
C LEU B 131 -8.11 -17.99 15.76
N SER B 132 -7.57 -16.99 15.06
CA SER B 132 -7.99 -15.60 15.26
C SER B 132 -9.48 -15.36 15.12
N SER B 133 -10.02 -15.82 14.01
CA SER B 133 -11.43 -15.65 13.73
C SER B 133 -12.29 -16.32 14.81
N ALA B 134 -11.93 -17.53 15.23
CA ALA B 134 -12.71 -18.22 16.24
C ALA B 134 -12.52 -17.58 17.62
N PHE B 135 -11.28 -17.25 17.98
CA PHE B 135 -11.01 -16.63 19.27
C PHE B 135 -11.72 -15.29 19.46
N ARG B 136 -11.71 -14.42 18.43
CA ARG B 136 -12.36 -13.12 18.61
C ARG B 136 -13.89 -13.11 18.57
N SER B 137 -14.53 -14.26 18.35
CA SER B 137 -15.98 -14.31 18.35
C SER B 137 -16.47 -14.48 19.81
N LEU B 138 -15.53 -14.81 20.69
CA LEU B 138 -15.85 -14.99 22.11
C LEU B 138 -15.92 -13.62 22.77
N PRO B 139 -16.71 -13.51 23.84
CA PRO B 139 -16.85 -12.23 24.55
C PRO B 139 -15.51 -11.61 24.96
N ILE B 140 -15.46 -10.28 24.92
CA ILE B 140 -14.28 -9.53 25.30
C ILE B 140 -14.11 -9.71 26.81
N GLY B 141 -12.88 -9.94 27.24
CA GLY B 141 -12.63 -10.15 28.66
C GLY B 141 -12.19 -11.57 28.90
N ILE B 142 -12.62 -12.49 28.04
CA ILE B 142 -12.20 -13.86 28.19
C ILE B 142 -10.79 -13.93 27.61
N PRO B 143 -9.83 -14.41 28.41
CA PRO B 143 -8.45 -14.50 27.93
C PRO B 143 -8.37 -15.23 26.59
N LYS B 144 -7.77 -14.60 25.59
CA LYS B 144 -7.60 -15.22 24.28
C LYS B 144 -6.20 -14.87 23.80
N VAL B 145 -5.36 -15.90 23.66
CA VAL B 145 -3.97 -15.75 23.27
C VAL B 145 -3.52 -16.68 22.15
N ILE B 146 -2.66 -16.16 21.27
CA ILE B 146 -2.12 -16.95 20.18
C ILE B 146 -0.62 -16.65 20.00
N ILE B 147 0.22 -17.67 20.05
CA ILE B 147 1.64 -17.46 19.78
C ILE B 147 1.63 -17.53 18.26
N SER B 148 1.99 -16.43 17.61
CA SER B 148 1.94 -16.35 16.16
C SER B 148 3.22 -15.89 15.45
N THR B 149 3.46 -16.45 14.27
CA THR B 149 4.61 -16.09 13.45
C THR B 149 4.32 -14.82 12.67
N VAL B 150 3.10 -14.28 12.79
CA VAL B 150 2.75 -13.07 12.06
C VAL B 150 2.21 -11.96 12.97
N ALA B 151 2.71 -11.94 14.20
CA ALA B 151 2.29 -10.92 15.18
C ALA B 151 2.97 -9.60 14.86
N SER B 152 4.15 -9.68 14.26
CA SER B 152 4.90 -8.49 13.90
C SER B 152 4.66 -8.22 12.42
N GLY B 153 3.67 -7.38 12.15
CA GLY B 153 3.28 -7.03 10.78
C GLY B 153 1.85 -6.47 10.80
N GLN B 154 1.11 -6.66 9.73
CA GLN B 154 -0.27 -6.18 9.68
C GLN B 154 -1.12 -7.17 10.49
N THR B 155 -1.72 -6.72 11.58
CA THR B 155 -2.50 -7.60 12.44
C THR B 155 -4.00 -7.34 12.51
N GLU B 156 -4.47 -6.25 11.90
CA GLU B 156 -5.89 -5.92 11.99
C GLU B 156 -6.84 -7.02 11.49
N SER B 157 -6.41 -7.83 10.53
CA SER B 157 -7.27 -8.88 10.03
C SER B 157 -7.36 -10.03 11.03
N TYR B 158 -6.46 -10.07 12.01
CA TYR B 158 -6.51 -11.14 13.01
C TYR B 158 -7.17 -10.67 14.30
N ILE B 159 -6.81 -9.48 14.73
CA ILE B 159 -7.33 -8.92 15.97
C ILE B 159 -8.64 -8.17 15.82
N GLY B 160 -8.79 -7.45 14.71
CA GLY B 160 -10.00 -6.68 14.53
C GLY B 160 -10.12 -5.70 15.69
N THR B 161 -11.28 -5.66 16.32
CA THR B 161 -11.50 -4.76 17.44
C THR B 161 -11.64 -5.49 18.77
N SER B 162 -11.18 -6.75 18.81
CA SER B 162 -11.25 -7.55 20.03
C SER B 162 -10.04 -7.33 20.93
N ASP B 163 -9.93 -8.15 21.98
CA ASP B 163 -8.82 -8.07 22.90
C ASP B 163 -7.84 -9.23 22.68
N LEU B 164 -7.96 -9.87 21.52
CA LEU B 164 -7.08 -10.98 21.16
C LEU B 164 -5.62 -10.53 21.26
N VAL B 165 -4.80 -11.34 21.92
CA VAL B 165 -3.38 -11.05 22.10
C VAL B 165 -2.52 -11.97 21.26
N LEU B 166 -1.67 -11.39 20.42
CA LEU B 166 -0.77 -12.15 19.56
C LEU B 166 0.67 -12.08 20.13
N PHE B 167 1.19 -13.21 20.62
CA PHE B 167 2.55 -13.25 21.13
C PHE B 167 3.46 -13.60 19.97
N PRO B 168 4.41 -12.72 19.61
CA PRO B 168 5.34 -13.00 18.50
C PRO B 168 6.13 -14.26 18.83
N SER B 169 6.26 -15.17 17.88
CA SER B 169 7.00 -16.41 18.13
C SER B 169 8.51 -16.27 17.95
N VAL B 170 8.95 -15.14 17.39
CA VAL B 170 10.37 -14.85 17.14
C VAL B 170 10.97 -15.73 16.03
N VAL B 171 10.83 -17.05 16.15
CA VAL B 171 11.30 -17.96 15.11
C VAL B 171 10.08 -18.74 14.63
N ASP B 172 10.16 -19.31 13.44
CA ASP B 172 9.03 -20.07 12.91
C ASP B 172 8.67 -21.12 13.95
N ILE B 173 7.39 -21.48 14.03
CA ILE B 173 6.98 -22.50 14.98
C ILE B 173 7.28 -23.81 14.30
N CYS B 174 8.41 -24.39 14.67
CA CYS B 174 8.85 -25.64 14.07
C CYS B 174 9.81 -26.36 14.99
N GLY B 175 9.26 -27.10 15.94
CA GLY B 175 10.08 -27.83 16.88
C GLY B 175 10.41 -27.08 18.15
N ILE B 176 10.63 -27.81 19.22
CA ILE B 176 10.97 -27.22 20.51
C ILE B 176 12.48 -27.00 20.57
N ASN B 177 12.90 -25.74 20.40
CA ASN B 177 14.31 -25.36 20.45
C ASN B 177 14.49 -24.29 21.52
N ASN B 178 15.72 -23.82 21.67
CA ASN B 178 16.07 -22.80 22.66
C ASN B 178 15.21 -21.52 22.63
N VAL B 179 14.91 -21.02 21.44
CA VAL B 179 14.10 -19.82 21.35
C VAL B 179 12.63 -20.12 21.63
N SER B 180 12.10 -21.13 20.95
CA SER B 180 10.71 -21.51 21.11
C SER B 180 10.35 -21.92 22.55
N LYS B 181 11.27 -22.57 23.24
CA LYS B 181 11.02 -22.99 24.62
C LYS B 181 10.72 -21.78 25.51
N VAL B 182 11.48 -20.71 25.33
CA VAL B 182 11.29 -19.50 26.10
C VAL B 182 10.04 -18.72 25.71
N VAL B 183 9.80 -18.58 24.41
CA VAL B 183 8.66 -17.82 23.93
C VAL B 183 7.36 -18.53 24.30
N LEU B 184 7.27 -19.82 24.01
CA LEU B 184 6.08 -20.61 24.33
C LEU B 184 5.81 -20.62 25.82
N SER B 185 6.88 -20.74 26.62
CA SER B 185 6.74 -20.78 28.08
C SER B 185 6.19 -19.47 28.61
N ASN B 186 6.77 -18.36 28.14
CA ASN B 186 6.31 -17.04 28.57
C ASN B 186 4.85 -16.83 28.19
N ALA B 187 4.47 -17.25 26.98
CA ALA B 187 3.10 -17.08 26.52
C ALA B 187 2.17 -17.97 27.35
N GLY B 188 2.60 -19.20 27.61
CA GLY B 188 1.78 -20.09 28.41
C GLY B 188 1.57 -19.54 29.81
N ALA B 189 2.65 -19.06 30.43
CA ALA B 189 2.56 -18.52 31.77
C ALA B 189 1.68 -17.26 31.76
N ALA B 190 1.81 -16.46 30.71
CA ALA B 190 1.02 -15.25 30.59
C ALA B 190 -0.46 -15.60 30.55
N PHE B 191 -0.78 -16.62 29.77
CA PHE B 191 -2.17 -17.08 29.62
C PHE B 191 -2.69 -17.54 30.97
N ALA B 192 -1.94 -18.42 31.63
CA ALA B 192 -2.33 -18.93 32.94
C ALA B 192 -2.58 -17.75 33.90
N GLY B 193 -1.72 -16.74 33.85
CA GLY B 193 -1.89 -15.57 34.71
C GLY B 193 -3.22 -14.89 34.47
N MET B 194 -3.54 -14.65 33.20
CA MET B 194 -4.80 -14.02 32.83
C MET B 194 -5.97 -14.84 33.36
N VAL B 195 -5.95 -16.14 33.10
CA VAL B 195 -7.01 -17.03 33.54
C VAL B 195 -7.24 -17.08 35.06
N ILE B 196 -6.19 -17.38 35.83
CA ILE B 196 -6.32 -17.42 37.28
C ILE B 196 -6.77 -16.06 37.83
N GLY B 197 -6.16 -14.99 37.34
CA GLY B 197 -6.51 -13.65 37.80
C GLY B 197 -7.98 -13.30 37.62
N ARG B 198 -8.53 -13.62 36.46
CA ARG B 198 -9.92 -13.32 36.17
C ARG B 198 -10.84 -14.15 37.06
N LEU B 199 -10.47 -15.40 37.26
CA LEU B 199 -11.23 -16.34 38.07
C LEU B 199 -11.33 -15.96 39.54
N GLU B 200 -10.21 -15.69 40.17
CA GLU B 200 -10.18 -15.34 41.59
C GLU B 200 -10.53 -13.90 41.92
N SER B 201 -10.75 -13.07 40.91
CA SER B 201 -11.09 -11.67 41.16
C SER B 201 -12.49 -11.55 41.75
N SER B 202 -12.61 -10.73 42.80
CA SER B 202 -13.91 -10.52 43.45
C SER B 202 -14.83 -9.80 42.46
N LYS B 203 -15.77 -10.55 41.91
CA LYS B 203 -16.71 -10.03 40.92
C LYS B 203 -17.59 -8.90 41.45
N GLU B 204 -17.45 -8.58 42.73
CA GLU B 204 -18.24 -7.51 43.34
C GLU B 204 -18.04 -6.19 42.60
N HIS B 205 -19.15 -5.47 42.37
CA HIS B 205 -19.10 -4.19 41.68
C HIS B 205 -18.37 -3.13 42.50
N SER B 206 -18.09 -1.99 41.87
CA SER B 206 -17.42 -0.88 42.54
C SER B 206 -18.51 0.09 43.02
N ILE B 207 -18.39 0.55 44.25
CA ILE B 207 -19.37 1.47 44.82
C ILE B 207 -19.41 2.84 44.10
N THR B 208 -18.35 3.14 43.35
CA THR B 208 -18.28 4.41 42.62
C THR B 208 -19.01 4.33 41.27
N ASN B 209 -19.63 3.20 41.00
CA ASN B 209 -20.37 3.00 39.74
C ASN B 209 -21.78 3.56 39.78
N GLY B 210 -22.08 4.42 38.80
CA GLY B 210 -23.40 5.02 38.69
C GLY B 210 -23.80 5.00 37.23
N LYS B 211 -25.10 4.84 36.97
CA LYS B 211 -25.58 4.80 35.59
C LYS B 211 -24.83 3.72 34.81
N PHE B 212 -24.76 3.87 33.49
CA PHE B 212 -24.04 2.89 32.68
C PHE B 212 -23.32 3.53 31.50
N THR B 213 -22.80 2.68 30.62
CA THR B 213 -22.06 3.17 29.46
C THR B 213 -22.89 3.21 28.20
N VAL B 214 -22.80 4.32 27.48
CA VAL B 214 -23.56 4.53 26.25
C VAL B 214 -22.66 4.63 25.01
N GLY B 215 -22.99 3.84 24.01
CA GLY B 215 -22.23 3.86 22.77
C GLY B 215 -22.84 4.83 21.78
N VAL B 216 -21.98 5.55 21.05
CA VAL B 216 -22.43 6.53 20.06
C VAL B 216 -21.60 6.47 18.77
N THR B 217 -22.29 6.45 17.63
CA THR B 217 -21.62 6.40 16.31
C THR B 217 -21.41 7.81 15.79
N MET B 218 -20.22 8.04 15.22
CA MET B 218 -19.86 9.37 14.76
C MET B 218 -19.05 9.47 13.47
N PHE B 219 -19.15 10.64 12.84
CA PHE B 219 -18.41 10.98 11.64
C PHE B 219 -18.05 12.46 11.82
N GLY B 220 -17.01 12.92 11.13
CA GLY B 220 -16.65 14.32 11.25
C GLY B 220 -17.87 15.19 10.94
N VAL B 221 -18.64 14.80 9.93
CA VAL B 221 -19.82 15.57 9.53
C VAL B 221 -21.00 15.57 10.50
N THR B 222 -20.96 14.74 11.54
CA THR B 222 -22.04 14.71 12.55
C THR B 222 -21.46 15.02 13.94
N THR B 223 -20.18 15.35 13.96
CA THR B 223 -19.46 15.68 15.19
C THR B 223 -20.17 16.69 16.06
N PRO B 224 -20.73 17.75 15.46
CA PRO B 224 -21.42 18.73 16.31
C PRO B 224 -22.51 18.04 17.14
N CYS B 225 -23.30 17.22 16.47
CA CYS B 225 -24.38 16.49 17.11
C CYS B 225 -23.86 15.51 18.15
N VAL B 226 -22.84 14.75 17.77
CA VAL B 226 -22.25 13.77 18.66
C VAL B 226 -21.70 14.43 19.93
N ASN B 227 -20.93 15.50 19.78
CA ASN B 227 -20.37 16.18 20.94
C ASN B 227 -21.42 16.76 21.90
N ALA B 228 -22.44 17.41 21.36
CA ALA B 228 -23.50 17.98 22.19
C ALA B 228 -24.22 16.85 22.94
N VAL B 229 -24.44 15.73 22.24
CA VAL B 229 -25.10 14.58 22.85
C VAL B 229 -24.21 14.03 23.96
N LYS B 230 -22.94 13.83 23.64
CA LYS B 230 -21.96 13.31 24.58
C LYS B 230 -21.88 14.20 25.82
N GLU B 231 -21.69 15.50 25.62
CA GLU B 231 -21.59 16.45 26.73
C GLU B 231 -22.75 16.34 27.70
N ARG B 232 -23.98 16.35 27.18
CA ARG B 232 -25.16 16.25 28.04
C ARG B 232 -25.28 14.90 28.76
N LEU B 233 -24.93 13.80 28.08
CA LEU B 233 -25.02 12.49 28.71
C LEU B 233 -24.02 12.37 29.86
N VAL B 234 -22.82 12.91 29.65
CA VAL B 234 -21.77 12.89 30.67
C VAL B 234 -22.20 13.65 31.91
N LYS B 235 -22.76 14.83 31.71
CA LYS B 235 -23.23 15.65 32.83
C LYS B 235 -24.27 14.87 33.63
N GLU B 236 -24.96 13.96 32.95
CA GLU B 236 -25.99 13.13 33.58
C GLU B 236 -25.40 11.92 34.29
N GLY B 237 -24.09 11.78 34.22
CA GLY B 237 -23.45 10.65 34.88
C GLY B 237 -23.25 9.44 33.99
N TYR B 238 -23.47 9.61 32.69
CA TYR B 238 -23.30 8.49 31.76
C TYR B 238 -21.90 8.44 31.19
N GLU B 239 -21.29 7.26 31.21
CA GLU B 239 -19.98 7.08 30.62
C GLU B 239 -20.34 6.90 29.14
N THR B 240 -19.60 7.54 28.24
CA THR B 240 -19.92 7.41 26.83
C THR B 240 -18.71 6.97 26.01
N LEU B 241 -18.97 6.09 25.05
CA LEU B 241 -17.94 5.60 24.15
C LEU B 241 -18.37 6.01 22.74
N VAL B 242 -17.50 6.76 22.07
CA VAL B 242 -17.75 7.23 20.72
C VAL B 242 -17.03 6.34 19.71
N PHE B 243 -17.74 5.98 18.64
CA PHE B 243 -17.20 5.12 17.61
C PHE B 243 -17.26 5.75 16.22
N HIS B 244 -16.16 5.70 15.49
CA HIS B 244 -16.11 6.24 14.14
C HIS B 244 -16.91 5.27 13.27
N ALA B 245 -17.89 5.79 12.53
CA ALA B 245 -18.74 4.95 11.68
C ALA B 245 -18.03 4.52 10.40
N THR B 246 -16.89 3.85 10.56
CA THR B 246 -16.10 3.40 9.42
C THR B 246 -16.35 1.94 9.07
N GLY B 247 -17.50 1.40 9.47
CA GLY B 247 -17.79 0.00 9.19
C GLY B 247 -17.22 -0.83 10.33
N VAL B 248 -15.95 -0.60 10.64
CA VAL B 248 -15.30 -1.32 11.72
C VAL B 248 -15.80 -0.79 13.06
N GLY B 249 -15.92 0.53 13.17
CA GLY B 249 -16.40 1.15 14.39
C GLY B 249 -17.74 0.63 14.85
N GLY B 250 -18.70 0.57 13.93
CA GLY B 250 -20.03 0.08 14.27
C GLY B 250 -19.99 -1.32 14.85
N ARG B 251 -19.14 -2.18 14.30
CA ARG B 251 -19.01 -3.55 14.78
C ARG B 251 -18.32 -3.58 16.15
N ALA B 252 -17.37 -2.68 16.35
CA ALA B 252 -16.67 -2.60 17.63
C ALA B 252 -17.68 -2.27 18.73
N MET B 253 -18.61 -1.36 18.43
CA MET B 253 -19.63 -0.97 19.40
C MET B 253 -20.51 -2.18 19.73
N GLU B 254 -20.97 -2.86 18.69
CA GLU B 254 -21.81 -4.03 18.87
C GLU B 254 -21.13 -5.12 19.68
N ASP B 255 -19.83 -5.33 19.49
CA ASP B 255 -19.16 -6.37 20.25
C ASP B 255 -19.15 -5.99 21.73
N LEU B 256 -18.94 -4.71 22.02
CA LEU B 256 -18.96 -4.29 23.42
C LEU B 256 -20.41 -4.40 23.94
N VAL B 257 -21.38 -4.25 23.04
CA VAL B 257 -22.79 -4.38 23.44
C VAL B 257 -22.99 -5.85 23.79
N ARG B 258 -22.66 -6.71 22.83
CA ARG B 258 -22.79 -8.16 22.98
C ARG B 258 -22.15 -8.63 24.28
N GLY B 259 -21.00 -8.07 24.62
CA GLY B 259 -20.29 -8.46 25.84
C GLY B 259 -20.81 -7.83 27.13
N GLY B 260 -21.87 -7.04 27.03
CA GLY B 260 -22.44 -6.42 28.21
C GLY B 260 -21.74 -5.17 28.73
N PHE B 261 -20.79 -4.64 27.98
CA PHE B 261 -20.05 -3.43 28.40
C PHE B 261 -20.78 -2.14 28.07
N ILE B 262 -21.64 -2.17 27.07
CA ILE B 262 -22.41 -1.00 26.68
C ILE B 262 -23.89 -1.32 26.93
N GLN B 263 -24.52 -0.53 27.79
CA GLN B 263 -25.92 -0.75 28.14
C GLN B 263 -26.89 0.17 27.41
N GLY B 264 -26.37 1.02 26.53
CA GLY B 264 -27.24 1.94 25.80
C GLY B 264 -26.61 2.44 24.52
N VAL B 265 -27.44 2.63 23.50
CA VAL B 265 -26.93 3.10 22.22
C VAL B 265 -27.68 4.27 21.60
N LEU B 266 -26.91 5.23 21.10
CA LEU B 266 -27.42 6.39 20.39
C LEU B 266 -26.70 6.32 19.06
N ASP B 267 -27.27 5.51 18.17
CA ASP B 267 -26.72 5.30 16.83
C ASP B 267 -27.08 6.48 15.95
N ILE B 268 -26.38 7.58 16.17
CA ILE B 268 -26.59 8.83 15.43
C ILE B 268 -26.14 8.78 13.99
N THR B 269 -24.98 8.17 13.75
CA THR B 269 -24.42 8.10 12.42
C THR B 269 -24.51 6.69 11.84
N THR B 270 -25.55 6.44 11.03
CA THR B 270 -25.78 5.14 10.43
C THR B 270 -25.26 5.04 8.98
N THR B 271 -24.37 5.95 8.63
CA THR B 271 -23.75 6.04 7.31
C THR B 271 -23.22 4.68 6.80
N GLU B 272 -22.90 3.77 7.72
CA GLU B 272 -22.37 2.46 7.34
C GLU B 272 -23.36 1.68 6.49
N VAL B 273 -24.65 1.95 6.66
CA VAL B 273 -25.68 1.26 5.89
C VAL B 273 -25.65 1.71 4.44
N ALA B 274 -25.27 2.97 4.21
CA ALA B 274 -25.18 3.51 2.87
C ALA B 274 -24.09 2.75 2.11
N ASP B 275 -22.92 2.61 2.72
CA ASP B 275 -21.82 1.90 2.07
C ASP B 275 -22.09 0.42 1.83
N TYR B 276 -22.91 -0.19 2.69
CA TYR B 276 -23.23 -1.60 2.55
C TYR B 276 -24.20 -1.83 1.39
N VAL B 277 -25.16 -0.92 1.24
CA VAL B 277 -26.15 -1.04 0.17
C VAL B 277 -25.61 -0.62 -1.19
N VAL B 278 -24.83 0.46 -1.23
CA VAL B 278 -24.28 0.96 -2.48
C VAL B 278 -22.93 0.37 -2.88
N GLY B 279 -22.08 0.04 -1.90
CA GLY B 279 -20.79 -0.53 -2.20
C GLY B 279 -19.61 0.32 -1.76
N GLY B 280 -19.69 0.85 -0.54
CA GLY B 280 -18.64 1.69 -0.02
C GLY B 280 -17.49 0.91 0.61
N VAL B 281 -16.46 1.64 1.00
CA VAL B 281 -15.27 1.05 1.61
C VAL B 281 -15.36 0.96 3.14
N MET B 282 -16.41 1.57 3.71
CA MET B 282 -16.63 1.58 5.16
C MET B 282 -18.04 1.08 5.42
N ALA B 283 -18.37 -0.08 4.85
CA ALA B 283 -19.70 -0.65 5.00
C ALA B 283 -19.84 -1.60 6.18
N CYS B 284 -21.07 -1.73 6.64
CA CYS B 284 -21.38 -2.62 7.74
C CYS B 284 -21.80 -3.94 7.11
N ASP B 285 -21.82 -5.02 7.91
CA ASP B 285 -22.24 -6.31 7.37
C ASP B 285 -23.76 -6.36 7.46
N SER B 286 -24.37 -7.45 7.00
CA SER B 286 -25.83 -7.56 7.03
C SER B 286 -26.39 -7.84 8.43
N SER B 287 -25.52 -7.96 9.42
CA SER B 287 -25.96 -8.22 10.79
C SER B 287 -26.15 -6.95 11.63
N ARG B 288 -25.75 -5.80 11.08
CA ARG B 288 -25.85 -4.52 11.79
C ARG B 288 -27.17 -4.35 12.56
N PHE B 289 -27.04 -3.88 13.80
CA PHE B 289 -28.17 -3.63 14.70
C PHE B 289 -28.70 -4.85 15.44
N ASP B 290 -28.42 -6.05 14.93
CA ASP B 290 -28.91 -7.28 15.56
C ASP B 290 -28.45 -7.46 17.00
N ALA B 291 -27.14 -7.31 17.22
CA ALA B 291 -26.59 -7.44 18.57
C ALA B 291 -27.30 -6.50 19.54
N ILE B 292 -27.59 -5.29 19.08
CA ILE B 292 -28.26 -4.30 19.94
C ILE B 292 -29.67 -4.76 20.31
N LEU B 293 -30.42 -5.24 19.33
CA LEU B 293 -31.78 -5.70 19.58
C LEU B 293 -31.84 -6.94 20.47
N GLU B 294 -30.90 -7.87 20.26
CA GLU B 294 -30.84 -9.10 21.06
C GLU B 294 -30.74 -8.79 22.55
N LYS B 295 -29.89 -7.82 22.89
CA LYS B 295 -29.67 -7.42 24.26
C LYS B 295 -30.84 -6.65 24.85
N LYS B 296 -31.72 -6.15 23.98
CA LYS B 296 -32.88 -5.39 24.42
C LYS B 296 -32.50 -4.11 25.18
N ILE B 297 -31.40 -3.48 24.80
CA ILE B 297 -30.99 -2.25 25.49
C ILE B 297 -31.58 -1.03 24.81
N PRO B 298 -31.80 0.05 25.57
CA PRO B 298 -32.36 1.27 24.98
C PRO B 298 -31.62 1.69 23.72
N LEU B 299 -32.37 1.90 22.65
CA LEU B 299 -31.78 2.30 21.39
C LEU B 299 -32.50 3.50 20.79
N VAL B 300 -31.71 4.52 20.47
CA VAL B 300 -32.23 5.72 19.82
C VAL B 300 -31.38 5.78 18.56
N LEU B 301 -32.03 5.67 17.41
CA LEU B 301 -31.31 5.66 16.15
C LEU B 301 -31.63 6.84 15.27
N SER B 302 -30.65 7.28 14.47
CA SER B 302 -30.87 8.39 13.57
C SER B 302 -30.30 8.04 12.20
N VAL B 303 -30.23 9.04 11.31
CA VAL B 303 -29.75 8.82 9.96
C VAL B 303 -28.53 9.67 9.58
N GLY B 304 -27.67 9.96 10.56
CA GLY B 304 -26.49 10.76 10.30
C GLY B 304 -25.55 10.28 9.21
N ALA B 305 -25.17 11.20 8.34
CA ALA B 305 -24.26 10.94 7.22
C ALA B 305 -24.75 9.85 6.25
N LEU B 306 -26.05 9.58 6.28
CA LEU B 306 -26.62 8.60 5.37
C LEU B 306 -26.64 9.20 3.96
N ASP B 307 -26.20 10.45 3.86
CA ASP B 307 -26.13 11.17 2.60
C ASP B 307 -24.85 10.86 1.83
N MET B 308 -23.94 10.12 2.45
CA MET B 308 -22.67 9.82 1.80
C MET B 308 -22.16 8.38 1.85
N VAL B 309 -21.64 7.92 0.72
CA VAL B 309 -21.05 6.59 0.61
C VAL B 309 -19.55 6.85 0.52
N ASN B 310 -18.75 6.15 1.31
CA ASN B 310 -17.31 6.39 1.31
C ASN B 310 -16.51 5.57 0.29
N PHE B 311 -15.48 6.20 -0.24
CA PHE B 311 -14.57 5.58 -1.20
C PHE B 311 -13.18 6.09 -0.86
N GLY B 312 -12.17 5.46 -1.44
CA GLY B 312 -10.81 5.90 -1.19
C GLY B 312 -10.47 7.01 -2.17
N PRO B 313 -9.21 7.11 -2.62
CA PRO B 313 -8.88 8.18 -3.57
C PRO B 313 -9.81 8.15 -4.78
N LYS B 314 -10.12 9.33 -5.30
CA LYS B 314 -11.02 9.47 -6.45
C LYS B 314 -10.79 8.46 -7.56
N THR B 315 -9.54 8.07 -7.77
CA THR B 315 -9.19 7.11 -8.81
C THR B 315 -9.75 5.71 -8.55
N THR B 316 -9.78 5.29 -7.29
CA THR B 316 -10.27 3.96 -6.93
C THR B 316 -11.78 3.84 -7.02
N ILE B 317 -12.46 4.96 -7.24
CA ILE B 317 -13.91 4.94 -7.33
C ILE B 317 -14.34 4.15 -8.56
N PRO B 318 -15.13 3.08 -8.37
CA PRO B 318 -15.59 2.27 -9.50
C PRO B 318 -16.04 3.13 -10.67
N PRO B 319 -15.72 2.71 -11.92
CA PRO B 319 -16.08 3.45 -13.13
C PRO B 319 -17.58 3.77 -13.17
N GLU B 320 -18.39 2.83 -12.69
CA GLU B 320 -19.84 2.95 -12.66
C GLU B 320 -20.36 4.15 -11.84
N PHE B 321 -19.48 4.75 -11.03
CA PHE B 321 -19.85 5.88 -10.19
C PHE B 321 -19.02 7.15 -10.45
N GLN B 322 -18.18 7.11 -11.48
CA GLN B 322 -17.34 8.27 -11.80
C GLN B 322 -18.11 9.56 -12.09
N GLN B 323 -19.34 9.44 -12.59
CA GLN B 323 -20.15 10.62 -12.89
C GLN B 323 -21.21 10.99 -11.85
N ARG B 324 -21.07 10.45 -10.64
CA ARG B 324 -21.99 10.75 -9.55
C ARG B 324 -21.46 12.00 -8.84
N LYS B 325 -22.26 12.55 -7.93
CA LYS B 325 -21.80 13.73 -7.20
C LYS B 325 -20.74 13.32 -6.19
N ILE B 326 -19.48 13.61 -6.50
CA ILE B 326 -18.37 13.24 -5.63
C ILE B 326 -17.76 14.43 -4.89
N HIS B 327 -17.31 14.19 -3.66
CA HIS B 327 -16.68 15.23 -2.85
C HIS B 327 -15.31 14.72 -2.40
N GLU B 328 -14.28 15.48 -2.71
CA GLU B 328 -12.92 15.08 -2.32
C GLU B 328 -12.57 15.64 -0.95
N HIS B 329 -12.67 14.79 0.06
CA HIS B 329 -12.36 15.20 1.42
C HIS B 329 -10.83 15.28 1.54
N ASN B 330 -10.18 14.12 1.51
CA ASN B 330 -8.73 14.03 1.59
C ASN B 330 -8.26 13.50 0.24
N GLU B 331 -7.01 13.06 0.19
CA GLU B 331 -6.47 12.50 -1.03
C GLU B 331 -6.76 11.00 -0.95
N GLN B 332 -7.08 10.56 0.26
CA GLN B 332 -7.37 9.15 0.54
C GLN B 332 -8.87 8.86 0.67
N VAL B 333 -9.68 9.91 0.82
CA VAL B 333 -11.12 9.74 0.95
C VAL B 333 -11.96 10.62 0.05
N SER B 334 -12.94 10.00 -0.59
CA SER B 334 -13.86 10.70 -1.49
C SER B 334 -15.28 10.27 -1.12
N LEU B 335 -16.18 11.25 -1.03
CA LEU B 335 -17.57 10.97 -0.65
C LEU B 335 -18.53 11.07 -1.84
N MET B 336 -19.47 10.13 -1.92
CA MET B 336 -20.45 10.11 -3.00
C MET B 336 -21.85 10.37 -2.45
N ARG B 337 -22.45 11.48 -2.86
CA ARG B 337 -23.79 11.85 -2.41
C ARG B 337 -24.76 10.75 -2.83
N THR B 338 -25.54 10.25 -1.88
CA THR B 338 -26.50 9.19 -2.16
C THR B 338 -27.78 9.73 -2.80
N THR B 339 -28.35 8.95 -3.70
CA THR B 339 -29.56 9.34 -4.41
C THR B 339 -30.82 9.03 -3.62
N VAL B 340 -31.93 9.60 -4.07
CA VAL B 340 -33.23 9.39 -3.44
C VAL B 340 -33.61 7.91 -3.50
N GLY B 341 -33.25 7.25 -4.61
CA GLY B 341 -33.55 5.84 -4.76
C GLY B 341 -32.76 4.98 -3.80
N GLU B 342 -31.51 5.36 -3.55
CA GLU B 342 -30.65 4.61 -2.64
C GLU B 342 -31.15 4.80 -1.21
N ASN B 343 -31.48 6.05 -0.86
CA ASN B 343 -31.98 6.37 0.47
C ASN B 343 -33.24 5.57 0.80
N LYS B 344 -34.00 5.24 -0.24
CA LYS B 344 -35.22 4.46 -0.07
C LYS B 344 -34.83 3.06 0.40
N LYS B 345 -33.69 2.59 -0.09
CA LYS B 345 -33.19 1.27 0.28
C LYS B 345 -32.64 1.28 1.70
N PHE B 346 -31.95 2.36 2.06
CA PHE B 346 -31.39 2.49 3.41
C PHE B 346 -32.52 2.30 4.42
N ALA B 347 -33.60 3.05 4.23
CA ALA B 347 -34.75 2.97 5.14
C ALA B 347 -35.30 1.56 5.18
N ALA B 348 -35.24 0.87 4.04
CA ALA B 348 -35.73 -0.50 3.96
C ALA B 348 -34.88 -1.40 4.84
N PHE B 349 -33.56 -1.26 4.70
CA PHE B 349 -32.63 -2.05 5.48
C PHE B 349 -32.82 -1.85 6.98
N ILE B 350 -32.85 -0.58 7.40
CA ILE B 350 -33.02 -0.23 8.81
C ILE B 350 -34.36 -0.69 9.38
N ALA B 351 -35.44 -0.42 8.65
CA ALA B 351 -36.78 -0.81 9.10
C ALA B 351 -36.86 -2.33 9.29
N GLU B 352 -36.30 -3.06 8.34
CA GLU B 352 -36.29 -4.52 8.39
C GLU B 352 -35.76 -5.01 9.74
N LYS B 353 -34.66 -4.42 10.20
CA LYS B 353 -34.05 -4.78 11.46
C LYS B 353 -34.89 -4.34 12.67
N LEU B 354 -35.18 -3.05 12.73
CA LEU B 354 -35.97 -2.48 13.82
C LEU B 354 -37.34 -3.10 14.00
N ASN B 355 -37.88 -3.70 12.94
CA ASN B 355 -39.19 -4.34 13.06
C ASN B 355 -39.13 -5.62 13.89
N LYS B 356 -37.91 -6.08 14.16
CA LYS B 356 -37.70 -7.29 14.96
C LYS B 356 -37.45 -6.92 16.43
N ALA B 357 -37.53 -5.63 16.72
CA ALA B 357 -37.31 -5.14 18.09
C ALA B 357 -38.29 -5.74 19.09
N SER B 358 -37.77 -6.16 20.23
CA SER B 358 -38.61 -6.74 21.29
C SER B 358 -38.52 -5.84 22.53
N SER B 359 -37.97 -4.65 22.33
CA SER B 359 -37.81 -3.66 23.39
C SER B 359 -37.89 -2.27 22.77
N SER B 360 -38.21 -1.26 23.58
CA SER B 360 -38.34 0.11 23.13
C SER B 360 -37.19 0.59 22.25
N VAL B 361 -37.55 1.31 21.19
CA VAL B 361 -36.60 1.86 20.24
C VAL B 361 -37.20 3.16 19.72
N CYS B 362 -36.36 4.16 19.50
CA CYS B 362 -36.84 5.43 18.97
C CYS B 362 -35.99 5.89 17.80
N VAL B 363 -36.66 6.29 16.72
CA VAL B 363 -35.99 6.78 15.54
C VAL B 363 -36.14 8.29 15.52
N CYS B 364 -35.01 8.99 15.64
CA CYS B 364 -35.00 10.45 15.65
C CYS B 364 -34.56 10.99 14.30
N LEU B 365 -35.49 11.58 13.57
CA LEU B 365 -35.18 12.09 12.23
C LEU B 365 -35.12 13.60 12.09
N PRO B 366 -34.00 14.12 11.56
CA PRO B 366 -33.83 15.55 11.36
C PRO B 366 -34.28 15.94 9.93
N GLU B 367 -35.38 16.67 9.83
CA GLU B 367 -35.93 17.10 8.54
C GLU B 367 -35.01 17.92 7.67
N LYS B 368 -34.30 18.87 8.28
CA LYS B 368 -33.42 19.77 7.54
C LYS B 368 -32.09 19.26 7.02
N GLY B 369 -31.65 18.08 7.45
CA GLY B 369 -30.38 17.58 6.95
C GLY B 369 -29.73 16.51 7.82
N VAL B 370 -28.95 15.63 7.20
CA VAL B 370 -28.30 14.54 7.90
C VAL B 370 -26.78 14.64 8.10
N SER B 371 -26.17 15.69 7.57
CA SER B 371 -24.72 15.86 7.74
C SER B 371 -24.33 17.31 7.49
N ALA B 372 -23.11 17.66 7.87
CA ALA B 372 -22.61 19.01 7.67
C ALA B 372 -22.64 19.41 6.19
N LEU B 373 -22.60 18.41 5.30
CA LEU B 373 -22.62 18.65 3.87
C LEU B 373 -24.04 18.64 3.31
N ASP B 374 -24.95 18.01 4.02
CA ASP B 374 -26.34 17.94 3.62
C ASP B 374 -27.13 19.07 4.28
N ALA B 375 -26.74 20.30 3.95
CA ALA B 375 -27.37 21.49 4.50
C ALA B 375 -27.40 22.60 3.46
N PRO B 376 -28.34 23.54 3.60
CA PRO B 376 -28.47 24.66 2.67
C PRO B 376 -27.13 25.30 2.28
N GLY B 377 -26.84 25.30 0.98
CA GLY B 377 -25.61 25.89 0.51
C GLY B 377 -24.40 24.97 0.47
N LYS B 378 -24.56 23.74 0.97
CA LYS B 378 -23.45 22.79 0.97
C LYS B 378 -23.56 21.80 -0.18
N ASP B 379 -22.42 21.30 -0.63
CA ASP B 379 -22.33 20.37 -1.74
C ASP B 379 -23.30 19.19 -1.77
N PHE B 380 -23.63 18.64 -0.61
CA PHE B 380 -24.53 17.48 -0.58
C PHE B 380 -25.97 17.75 -0.17
N TYR B 381 -26.39 19.00 -0.21
CA TYR B 381 -27.75 19.34 0.19
C TYR B 381 -28.79 18.80 -0.79
N ASP B 382 -29.76 18.04 -0.26
CA ASP B 382 -30.84 17.48 -1.07
C ASP B 382 -32.03 17.07 -0.20
N PRO B 383 -33.00 17.99 -0.02
CA PRO B 383 -34.22 17.80 0.79
C PRO B 383 -35.15 16.67 0.31
N GLU B 384 -35.04 16.29 -0.95
CA GLU B 384 -35.88 15.23 -1.47
C GLU B 384 -35.41 13.88 -0.94
N ALA B 385 -34.10 13.75 -0.76
CA ALA B 385 -33.52 12.53 -0.24
C ALA B 385 -33.93 12.39 1.23
N THR B 386 -33.75 13.46 1.98
CA THR B 386 -34.09 13.49 3.39
C THR B 386 -35.57 13.18 3.57
N SER B 387 -36.39 13.84 2.76
CA SER B 387 -37.84 13.65 2.81
C SER B 387 -38.18 12.19 2.53
N CYS B 388 -37.59 11.65 1.48
CA CYS B 388 -37.83 10.25 1.10
C CYS B 388 -37.49 9.35 2.29
N LEU B 389 -36.33 9.62 2.88
CA LEU B 389 -35.83 8.87 4.03
C LEU B 389 -36.85 8.91 5.17
N THR B 390 -37.34 10.12 5.48
CA THR B 390 -38.32 10.29 6.55
C THR B 390 -39.64 9.57 6.24
N ARG B 391 -40.22 9.86 5.08
CA ARG B 391 -41.47 9.25 4.67
C ARG B 391 -41.37 7.73 4.67
N GLU B 392 -40.37 7.24 3.94
CA GLU B 392 -40.13 5.81 3.81
C GLU B 392 -39.95 5.12 5.16
N LEU B 393 -39.38 5.85 6.12
CA LEU B 393 -39.13 5.31 7.45
C LEU B 393 -40.37 5.29 8.35
N GLN B 394 -41.22 6.30 8.23
CA GLN B 394 -42.44 6.37 9.03
C GLN B 394 -43.43 5.29 8.61
N MET B 395 -43.48 5.04 7.31
CA MET B 395 -44.39 4.05 6.74
C MET B 395 -44.03 2.62 7.11
N LEU B 396 -42.75 2.28 7.01
CA LEU B 396 -42.29 0.92 7.31
C LEU B 396 -42.30 0.57 8.80
N LEU B 397 -42.30 1.58 9.66
CA LEU B 397 -42.28 1.35 11.11
C LEU B 397 -43.62 1.72 11.76
N GLU B 398 -44.67 1.75 10.94
CA GLU B 398 -46.01 2.08 11.38
C GLU B 398 -46.59 1.01 12.31
N ASN B 399 -46.55 -0.25 11.84
CA ASN B 399 -47.09 -1.38 12.59
C ASN B 399 -46.30 -1.75 13.84
N ASN B 400 -45.14 -1.14 14.01
CA ASN B 400 -44.29 -1.45 15.16
C ASN B 400 -44.66 -0.68 16.43
N GLU B 401 -44.97 -1.42 17.49
CA GLU B 401 -45.33 -0.84 18.78
C GLU B 401 -44.09 -0.47 19.59
N ARG B 402 -43.05 -1.31 19.47
CA ARG B 402 -41.80 -1.09 20.18
C ARG B 402 -41.00 0.10 19.66
N CYS B 403 -41.19 0.45 18.39
CA CYS B 403 -40.43 1.55 17.81
C CYS B 403 -41.23 2.80 17.43
N GLN B 404 -40.87 3.91 18.07
CA GLN B 404 -41.51 5.19 17.81
C GLN B 404 -40.64 6.04 16.90
N VAL B 405 -41.28 6.66 15.90
CA VAL B 405 -40.58 7.50 14.94
C VAL B 405 -40.91 8.98 15.15
N LYS B 406 -39.90 9.78 15.44
CA LYS B 406 -40.08 11.21 15.65
C LYS B 406 -39.43 12.01 14.52
N VAL B 407 -40.17 12.97 13.99
CA VAL B 407 -39.67 13.82 12.92
C VAL B 407 -39.47 15.21 13.49
N LEU B 408 -38.22 15.61 13.62
CA LEU B 408 -37.89 16.92 14.18
C LEU B 408 -37.53 17.94 13.11
N PRO B 409 -38.07 19.16 13.24
CA PRO B 409 -37.85 20.29 12.32
C PRO B 409 -36.49 20.95 12.47
N TYR B 410 -35.45 20.14 12.53
CA TYR B 410 -34.10 20.68 12.68
C TYR B 410 -33.11 19.94 11.81
N HIS B 411 -31.91 20.50 11.72
CA HIS B 411 -30.83 19.89 10.99
C HIS B 411 -30.11 19.06 12.05
N ILE B 412 -29.69 17.85 11.68
CA ILE B 412 -29.00 16.95 12.61
C ILE B 412 -27.95 17.64 13.48
N ASN B 413 -27.30 18.68 12.95
CA ASN B 413 -26.28 19.37 13.73
C ASN B 413 -26.77 20.56 14.56
N ASP B 414 -28.08 20.74 14.64
CA ASP B 414 -28.62 21.84 15.44
C ASP B 414 -28.60 21.44 16.91
N ALA B 415 -28.24 22.38 17.78
CA ALA B 415 -28.18 22.10 19.20
C ALA B 415 -29.46 21.43 19.72
N GLU B 416 -30.61 21.84 19.20
CA GLU B 416 -31.86 21.26 19.66
C GLU B 416 -32.19 19.86 19.16
N PHE B 417 -31.51 19.42 18.09
CA PHE B 417 -31.77 18.06 17.61
C PHE B 417 -31.01 17.12 18.57
N ALA B 418 -29.80 17.52 18.94
CA ALA B 418 -28.99 16.73 19.87
C ALA B 418 -29.77 16.59 21.16
N ASN B 419 -30.48 17.65 21.56
CA ASN B 419 -31.26 17.60 22.78
C ASN B 419 -32.44 16.65 22.63
N ALA B 420 -33.02 16.61 21.44
CA ALA B 420 -34.14 15.71 21.20
C ALA B 420 -33.66 14.26 21.29
N LEU B 421 -32.47 13.99 20.76
CA LEU B 421 -31.89 12.65 20.80
C LEU B 421 -31.76 12.21 22.25
N VAL B 422 -31.18 13.08 23.08
CA VAL B 422 -31.01 12.77 24.49
C VAL B 422 -32.35 12.68 25.22
N ASP B 423 -33.32 13.52 24.87
CA ASP B 423 -34.62 13.43 25.53
C ASP B 423 -35.20 12.06 25.22
N SER B 424 -35.10 11.65 23.96
CA SER B 424 -35.62 10.36 23.51
C SER B 424 -34.91 9.24 24.23
N PHE B 425 -33.59 9.37 24.41
CA PHE B 425 -32.84 8.32 25.07
C PHE B 425 -33.27 8.13 26.52
N LEU B 426 -33.35 9.23 27.28
CA LEU B 426 -33.73 9.16 28.68
C LEU B 426 -35.15 8.60 28.89
N GLU B 427 -36.08 8.99 28.01
CA GLU B 427 -37.46 8.52 28.11
C GLU B 427 -37.54 6.99 28.10
N ILE B 428 -36.76 6.35 27.25
CA ILE B 428 -36.77 4.89 27.16
C ILE B 428 -35.65 4.20 27.97
N SER B 429 -34.92 4.99 28.76
CA SER B 429 -33.84 4.43 29.58
C SER B 429 -34.22 4.40 31.06
N PRO B 430 -33.55 3.53 31.85
CA PRO B 430 -33.82 3.40 33.28
C PRO B 430 -33.77 4.75 34.00
N SER C 5 24.21 53.26 -20.13
CA SER C 5 25.54 53.80 -20.52
C SER C 5 26.21 52.91 -21.56
N GLU C 6 27.40 52.38 -21.22
CA GLU C 6 28.14 51.51 -22.13
C GLU C 6 27.74 50.05 -21.92
N GLU C 7 26.75 49.83 -21.06
CA GLU C 7 26.27 48.49 -20.76
C GLU C 7 25.37 47.97 -21.87
N ILE C 8 24.52 48.84 -22.39
CA ILE C 8 23.61 48.44 -23.46
C ILE C 8 24.45 47.90 -24.62
N GLU C 9 25.59 48.52 -24.84
CA GLU C 9 26.51 48.11 -25.90
C GLU C 9 27.06 46.70 -25.64
N SER C 10 27.29 46.38 -24.35
CA SER C 10 27.81 45.06 -24.00
C SER C 10 26.79 43.95 -24.23
N LEU C 11 25.52 44.34 -24.39
CA LEU C 11 24.44 43.38 -24.61
C LEU C 11 23.91 43.41 -26.07
N GLU C 12 24.71 43.99 -26.98
CA GLU C 12 24.32 44.11 -28.39
C GLU C 12 23.94 42.77 -29.03
N GLN C 13 24.52 41.68 -28.56
CA GLN C 13 24.21 40.37 -29.11
C GLN C 13 22.73 40.02 -28.95
N PHE C 14 22.06 40.64 -27.98
CA PHE C 14 20.65 40.38 -27.73
C PHE C 14 19.72 41.41 -28.36
N HIS C 15 20.23 42.62 -28.61
CA HIS C 15 19.43 43.68 -29.18
C HIS C 15 18.97 43.45 -30.62
N MET C 16 17.65 43.36 -30.78
CA MET C 16 17.01 43.12 -32.07
C MET C 16 17.19 41.71 -32.62
N ALA C 17 17.61 40.80 -31.74
CA ALA C 17 17.75 39.40 -32.13
C ALA C 17 16.30 38.93 -32.27
N THR C 18 16.04 38.00 -33.18
CA THR C 18 14.66 37.53 -33.32
C THR C 18 14.26 36.81 -32.03
N ALA C 19 13.01 36.95 -31.63
CA ALA C 19 12.53 36.29 -30.41
C ALA C 19 12.73 34.78 -30.55
N SER C 20 12.54 34.29 -31.77
CA SER C 20 12.66 32.88 -32.07
C SER C 20 14.07 32.33 -31.79
N SER C 21 15.09 33.14 -32.07
CA SER C 21 16.48 32.74 -31.85
C SER C 21 16.83 32.53 -30.38
N LEU C 22 16.00 33.07 -29.48
CA LEU C 22 16.24 32.94 -28.05
C LEU C 22 15.29 31.96 -27.37
N ILE C 23 14.37 31.39 -28.14
CA ILE C 23 13.40 30.43 -27.61
C ILE C 23 13.81 28.98 -27.87
N HIS C 24 13.77 28.17 -26.82
CA HIS C 24 14.12 26.76 -26.93
C HIS C 24 13.05 25.89 -26.29
N LYS C 25 12.10 25.43 -27.10
CA LYS C 25 11.03 24.58 -26.58
C LYS C 25 11.60 23.16 -26.43
N GLN C 26 12.36 22.95 -25.36
CA GLN C 26 12.97 21.64 -25.13
C GLN C 26 13.60 21.61 -23.73
N MET C 27 14.93 21.73 -23.70
CA MET C 27 15.70 21.73 -22.47
C MET C 27 15.14 20.78 -21.44
N CYS C 28 15.01 19.53 -21.84
CA CYS C 28 14.50 18.46 -20.98
C CYS C 28 15.27 17.20 -21.40
N SER C 29 15.71 17.20 -22.65
CA SER C 29 16.47 16.09 -23.21
C SER C 29 17.96 16.44 -23.23
N ILE C 30 18.32 17.52 -22.56
CA ILE C 30 19.71 17.95 -22.49
C ILE C 30 20.55 16.98 -21.68
N VAL C 31 21.61 16.49 -22.28
CA VAL C 31 22.52 15.56 -21.63
C VAL C 31 23.88 16.23 -21.43
N TYR C 32 24.32 16.32 -20.18
CA TYR C 32 25.59 16.97 -19.89
C TYR C 32 26.75 15.97 -19.83
N THR C 33 27.95 16.46 -20.14
CA THR C 33 29.14 15.62 -20.11
C THR C 33 30.27 16.31 -19.36
N GLY C 34 31.26 15.52 -18.96
CA GLY C 34 32.40 16.08 -18.24
C GLY C 34 32.31 15.93 -16.74
N PRO C 35 33.25 16.51 -15.99
CA PRO C 35 33.30 16.47 -14.52
C PRO C 35 32.01 17.02 -13.92
N LEU C 36 31.63 16.54 -12.75
CA LEU C 36 30.41 17.01 -12.11
C LEU C 36 30.30 18.55 -12.07
N LYS C 37 31.36 19.21 -11.60
CA LYS C 37 31.35 20.68 -11.53
C LYS C 37 31.05 21.33 -12.88
N VAL C 38 31.62 20.77 -13.94
CA VAL C 38 31.41 21.27 -15.30
C VAL C 38 29.94 21.11 -15.68
N GLN C 39 29.38 19.94 -15.38
CA GLN C 39 27.98 19.69 -15.69
C GLN C 39 27.09 20.66 -14.95
N GLN C 40 27.42 20.94 -13.69
CA GLN C 40 26.62 21.87 -12.90
C GLN C 40 26.71 23.27 -13.51
N MET C 41 27.91 23.68 -13.92
CA MET C 41 28.07 25.00 -14.51
C MET C 41 27.32 25.07 -15.84
N LYS C 42 27.42 24.00 -16.63
CA LYS C 42 26.70 23.97 -17.91
C LYS C 42 25.22 24.09 -17.61
N ASN C 43 24.76 23.33 -16.63
CA ASN C 43 23.35 23.34 -16.25
C ASN C 43 22.89 24.71 -15.74
N PHE C 44 23.77 25.43 -15.06
CA PHE C 44 23.42 26.75 -14.53
C PHE C 44 23.16 27.69 -15.71
N ILE C 45 24.05 27.65 -16.69
CA ILE C 45 23.90 28.47 -17.89
C ILE C 45 22.56 28.13 -18.56
N ASP C 46 22.28 26.84 -18.73
CA ASP C 46 21.02 26.42 -19.35
C ASP C 46 19.80 26.86 -18.55
N SER C 47 19.92 26.97 -17.23
CA SER C 47 18.78 27.39 -16.43
C SER C 47 18.50 28.87 -16.76
N LEU C 48 19.56 29.60 -17.13
CA LEU C 48 19.41 31.00 -17.49
C LEU C 48 18.86 31.07 -18.91
N VAL C 49 19.35 30.20 -19.78
CA VAL C 49 18.88 30.15 -21.17
C VAL C 49 17.39 29.79 -21.16
N ALA C 50 17.02 28.85 -20.30
CA ALA C 50 15.64 28.39 -20.18
C ALA C 50 14.74 29.45 -19.56
N SER C 51 15.26 30.21 -18.60
CA SER C 51 14.47 31.25 -17.97
C SER C 51 14.24 32.41 -18.94
N LEU C 52 15.20 32.64 -19.84
CA LEU C 52 15.06 33.71 -20.80
C LEU C 52 14.10 33.26 -21.91
N SER C 53 14.21 32.02 -22.34
CA SER C 53 13.33 31.50 -23.39
C SER C 53 11.87 31.63 -22.95
N ALA C 54 11.59 31.29 -21.70
CA ALA C 54 10.23 31.39 -21.19
C ALA C 54 9.76 32.85 -21.16
N ALA C 55 10.61 33.76 -20.71
CA ALA C 55 10.26 35.18 -20.65
C ALA C 55 9.94 35.74 -22.05
N VAL C 56 10.82 35.48 -23.02
CA VAL C 56 10.65 35.93 -24.39
C VAL C 56 9.42 35.29 -25.02
N SER C 57 9.27 33.99 -24.80
CA SER C 57 8.16 33.22 -25.33
C SER C 57 6.79 33.70 -24.83
N ASN C 58 6.71 34.09 -23.56
CA ASN C 58 5.44 34.58 -23.02
C ASN C 58 5.09 35.96 -23.56
N LEU C 59 6.11 36.76 -23.84
CA LEU C 59 5.89 38.08 -24.38
C LEU C 59 5.30 37.95 -25.79
N VAL C 60 5.86 37.03 -26.57
CA VAL C 60 5.39 36.77 -27.93
C VAL C 60 3.95 36.23 -27.87
N LYS C 61 3.71 35.32 -26.93
CA LYS C 61 2.40 34.72 -26.75
C LYS C 61 1.36 35.83 -26.47
N ILE C 62 1.75 36.79 -25.63
CA ILE C 62 0.86 37.90 -25.30
C ILE C 62 0.57 38.76 -26.53
N LEU C 63 1.55 38.89 -27.42
CA LEU C 63 1.36 39.68 -28.63
C LEU C 63 0.47 38.94 -29.64
N LYS C 64 0.66 37.62 -29.72
CA LYS C 64 -0.12 36.78 -30.63
C LYS C 64 -1.62 36.82 -30.36
N ASP C 65 -2.00 36.73 -29.10
CA ASP C 65 -3.42 36.75 -28.73
C ASP C 65 -3.67 37.59 -27.48
N LYS C 76 0.90 43.73 -15.15
CA LYS C 76 2.24 43.20 -15.38
C LYS C 76 2.55 43.05 -16.87
N PHE C 77 1.91 42.09 -17.53
CA PHE C 77 2.09 41.85 -18.95
C PHE C 77 1.57 43.01 -19.80
N GLY C 78 2.33 44.10 -19.88
CA GLY C 78 1.92 45.26 -20.64
C GLY C 78 2.26 45.24 -22.13
N VAL C 79 1.44 45.92 -22.93
CA VAL C 79 1.64 46.00 -24.38
C VAL C 79 1.42 47.44 -24.81
N LEU C 80 2.37 47.99 -25.56
CA LEU C 80 2.31 49.36 -26.02
C LEU C 80 1.99 49.52 -27.50
N ASP C 81 1.18 50.53 -27.84
CA ASP C 81 0.87 50.82 -29.24
C ASP C 81 1.91 51.88 -29.60
N VAL C 82 2.81 51.55 -30.51
CA VAL C 82 3.87 52.47 -30.91
C VAL C 82 3.40 53.79 -31.50
N ALA C 83 2.55 53.72 -32.52
CA ALA C 83 2.04 54.92 -33.19
C ALA C 83 1.38 55.95 -32.27
N SER C 84 0.54 55.49 -31.34
CA SER C 84 -0.16 56.40 -30.45
C SER C 84 0.61 56.68 -29.17
N LYS C 85 1.71 55.95 -28.97
CA LYS C 85 2.53 56.10 -27.77
C LYS C 85 1.70 55.87 -26.51
N ARG C 86 0.57 55.20 -26.65
CA ARG C 86 -0.31 54.92 -25.52
C ARG C 86 -0.41 53.41 -25.31
N TRP C 87 -0.57 52.97 -24.07
CA TRP C 87 -0.68 51.54 -23.77
C TRP C 87 -2.02 50.90 -24.11
N LEU C 88 -1.96 49.72 -24.71
CA LEU C 88 -3.16 48.96 -25.04
C LEU C 88 -3.48 48.20 -23.75
N VAL C 89 -2.42 47.84 -23.05
CA VAL C 89 -2.50 47.13 -21.77
C VAL C 89 -1.37 47.71 -20.92
N LYS C 90 -1.73 48.51 -19.93
CA LYS C 90 -0.72 49.12 -19.07
C LYS C 90 -0.10 48.06 -18.17
N PRO C 91 1.24 48.04 -18.07
CA PRO C 91 1.96 47.07 -17.24
C PRO C 91 1.96 47.56 -15.79
N SER C 92 2.39 46.71 -14.87
CA SER C 92 2.44 47.08 -13.46
C SER C 92 3.70 47.88 -13.17
N ALA C 93 4.84 47.35 -13.60
CA ALA C 93 6.13 47.99 -13.39
C ALA C 93 6.38 49.14 -14.34
N LYS C 94 7.56 49.76 -14.22
CA LYS C 94 7.93 50.89 -15.06
C LYS C 94 9.38 50.79 -15.53
N ASN C 95 9.68 51.46 -16.64
CA ASN C 95 11.02 51.48 -17.20
C ASN C 95 11.66 50.11 -17.44
N HIS C 96 10.90 49.19 -18.04
CA HIS C 96 11.42 47.86 -18.32
C HIS C 96 12.72 47.99 -19.13
N ALA C 97 13.73 47.20 -18.77
CA ALA C 97 15.02 47.22 -19.45
C ALA C 97 14.92 46.60 -20.85
N TRP C 98 13.93 45.74 -21.05
CA TRP C 98 13.75 45.10 -22.36
C TRP C 98 12.33 44.63 -22.61
N GLY C 99 12.11 44.14 -23.83
CA GLY C 99 10.82 43.63 -24.22
C GLY C 99 10.90 43.04 -25.61
N VAL C 100 9.76 42.60 -26.13
CA VAL C 100 9.69 42.03 -27.47
C VAL C 100 8.96 43.02 -28.34
N VAL C 101 9.53 43.28 -29.51
CA VAL C 101 8.95 44.21 -30.46
C VAL C 101 8.27 43.47 -31.59
N GLU C 102 7.11 43.97 -32.02
CA GLU C 102 6.39 43.40 -33.15
C GLU C 102 6.43 44.45 -34.24
N THR C 103 7.10 44.15 -35.34
CA THR C 103 7.21 45.09 -36.45
C THR C 103 5.92 45.09 -37.25
N HIS C 104 5.86 45.93 -38.28
CA HIS C 104 4.68 46.03 -39.14
C HIS C 104 4.52 44.76 -39.96
N ALA C 105 5.63 44.07 -40.24
CA ALA C 105 5.59 42.82 -40.99
C ALA C 105 5.20 41.68 -40.05
N ARG C 106 4.92 42.04 -38.80
CA ARG C 106 4.52 41.09 -37.77
C ARG C 106 5.65 40.14 -37.39
N LYS C 107 6.87 40.68 -37.33
CA LYS C 107 8.05 39.89 -36.93
C LYS C 107 8.33 40.19 -35.46
N TYR C 108 8.91 39.24 -34.75
CA TYR C 108 9.20 39.42 -33.32
C TYR C 108 10.70 39.45 -33.01
N HIS C 109 11.11 40.57 -32.42
CA HIS C 109 12.51 40.78 -32.04
C HIS C 109 12.64 41.18 -30.59
N VAL C 110 13.72 40.76 -29.95
CA VAL C 110 13.94 41.16 -28.57
C VAL C 110 14.64 42.51 -28.71
N ALA C 111 14.35 43.44 -27.81
CA ALA C 111 14.95 44.77 -27.86
C ALA C 111 15.29 45.30 -26.48
N LEU C 112 16.46 45.94 -26.36
CA LEU C 112 16.86 46.54 -25.10
C LEU C 112 16.23 47.93 -25.14
N LEU C 113 15.35 48.22 -24.19
CA LEU C 113 14.62 49.49 -24.18
C LEU C 113 15.25 50.73 -23.54
N GLU C 114 14.96 51.86 -24.16
CA GLU C 114 15.43 53.18 -23.73
C GLU C 114 14.17 53.97 -23.37
N HIS C 115 14.28 54.89 -22.43
CA HIS C 115 13.12 55.68 -22.02
C HIS C 115 13.42 57.17 -21.92
N ASP C 116 12.43 57.99 -22.20
CA ASP C 116 12.56 59.44 -22.11
C ASP C 116 11.33 59.95 -21.38
N GLU C 117 11.11 61.26 -21.39
CA GLU C 117 9.97 61.88 -20.71
C GLU C 117 8.62 61.28 -21.12
N PHE C 118 8.49 60.94 -22.40
CA PHE C 118 7.23 60.40 -22.93
C PHE C 118 7.11 58.88 -23.01
N GLY C 119 7.99 58.17 -22.31
CA GLY C 119 7.94 56.72 -22.31
C GLY C 119 9.00 56.01 -23.13
N ILE C 120 8.65 54.84 -23.66
CA ILE C 120 9.58 54.05 -24.46
C ILE C 120 9.93 54.73 -25.78
N ILE C 121 11.24 54.82 -26.04
CA ILE C 121 11.76 55.42 -27.26
C ILE C 121 11.65 54.32 -28.32
N THR C 122 10.83 54.56 -29.33
CA THR C 122 10.58 53.56 -30.38
C THR C 122 11.13 53.89 -31.78
N CYS C 123 10.88 52.98 -32.72
CA CYS C 123 11.31 53.10 -34.12
C CYS C 123 10.08 53.09 -35.05
N ASP C 124 10.25 53.65 -36.24
CA ASP C 124 9.17 53.73 -37.22
C ASP C 124 8.61 52.38 -37.67
N ASN C 125 9.44 51.34 -37.72
CA ASN C 125 8.94 50.04 -38.16
C ASN C 125 8.37 49.17 -37.03
N TRP C 126 8.27 49.73 -35.83
CA TRP C 126 7.72 49.00 -34.69
C TRP C 126 6.22 49.26 -34.58
N ARG C 127 5.43 48.19 -34.53
CA ARG C 127 3.97 48.33 -34.44
C ARG C 127 3.51 48.30 -32.97
N ARG C 128 3.99 47.31 -32.23
CA ARG C 128 3.65 47.17 -30.80
C ARG C 128 4.87 46.71 -30.02
N VAL C 129 4.83 46.89 -28.72
CA VAL C 129 5.94 46.48 -27.87
C VAL C 129 5.34 45.83 -26.64
N ALA C 130 5.90 44.70 -26.25
CA ALA C 130 5.40 43.99 -25.08
C ALA C 130 6.47 43.88 -24.00
N VAL C 131 6.06 44.09 -22.76
CA VAL C 131 6.95 44.02 -21.61
C VAL C 131 6.24 43.20 -20.53
N SER C 132 6.99 42.84 -19.48
CA SER C 132 6.43 42.03 -18.40
C SER C 132 7.30 42.14 -17.15
N SER C 133 6.93 41.40 -16.11
CA SER C 133 7.70 41.39 -14.87
C SER C 133 9.09 40.82 -15.10
N GLU C 134 9.20 39.93 -16.09
CA GLU C 134 10.48 39.31 -16.42
C GLU C 134 11.42 40.18 -17.23
N SER C 135 10.88 41.16 -17.95
CA SER C 135 11.73 42.04 -18.76
C SER C 135 12.00 43.37 -18.07
N VAL C 136 11.58 43.48 -16.81
CA VAL C 136 11.82 44.68 -16.03
C VAL C 136 13.34 44.88 -15.98
N VAL C 137 14.07 43.77 -15.80
CA VAL C 137 15.53 43.79 -15.74
C VAL C 137 16.11 42.78 -16.74
N TYR C 138 17.30 43.06 -17.26
CA TYR C 138 17.94 42.13 -18.20
C TYR C 138 19.05 41.32 -17.55
N SER C 139 18.85 40.97 -16.28
CA SER C 139 19.82 40.21 -15.51
C SER C 139 20.20 38.87 -16.15
N ASP C 140 19.21 38.13 -16.68
CA ASP C 140 19.50 36.85 -17.32
C ASP C 140 20.44 37.04 -18.51
N MET C 141 20.14 38.02 -19.36
CA MET C 141 20.98 38.29 -20.53
C MET C 141 22.35 38.75 -20.06
N ALA C 142 22.37 39.64 -19.05
CA ALA C 142 23.62 40.15 -18.51
C ALA C 142 24.47 38.98 -18.03
N LYS C 143 23.85 38.05 -17.30
CA LYS C 143 24.55 36.89 -16.80
C LYS C 143 25.03 35.98 -17.93
N LEU C 144 24.18 35.77 -18.94
CA LEU C 144 24.55 34.92 -20.07
C LEU C 144 25.76 35.52 -20.77
N ARG C 145 25.70 36.82 -21.03
CA ARG C 145 26.80 37.53 -21.68
C ARG C 145 28.10 37.24 -20.93
N THR C 146 28.10 37.52 -19.63
CA THR C 146 29.26 37.29 -18.80
C THR C 146 29.73 35.84 -18.79
N LEU C 147 28.83 34.92 -18.45
CA LEU C 147 29.17 33.51 -18.38
C LEU C 147 29.62 32.89 -19.70
N ARG C 148 28.95 33.25 -20.79
CA ARG C 148 29.32 32.70 -22.09
C ARG C 148 30.68 33.15 -22.59
N ARG C 149 31.13 34.33 -22.15
CA ARG C 149 32.43 34.85 -22.54
C ARG C 149 33.53 34.07 -21.81
N LEU C 150 33.14 33.33 -20.78
CA LEU C 150 34.11 32.53 -20.02
C LEU C 150 34.21 31.11 -20.57
N LEU C 151 33.36 30.80 -21.54
CA LEU C 151 33.35 29.46 -22.15
C LEU C 151 34.11 29.35 -23.46
N LYS C 152 34.83 28.24 -23.62
CA LYS C 152 35.56 27.97 -24.86
C LYS C 152 34.88 26.76 -25.51
N ASP C 153 33.90 27.05 -26.35
CA ASP C 153 33.10 26.04 -27.04
C ASP C 153 32.15 25.36 -26.05
N GLY C 154 31.46 26.18 -25.26
CA GLY C 154 30.52 25.68 -24.28
C GLY C 154 31.14 25.04 -23.04
N GLU C 155 32.47 24.99 -22.97
CA GLU C 155 33.16 24.39 -21.83
C GLU C 155 33.70 25.42 -20.82
N PRO C 156 33.17 25.41 -19.60
CA PRO C 156 33.62 26.35 -18.55
C PRO C 156 34.86 25.83 -17.83
N HIS C 157 35.69 26.77 -17.37
CA HIS C 157 36.92 26.45 -16.65
C HIS C 157 36.62 26.29 -15.16
N VAL C 158 37.12 25.20 -14.57
CA VAL C 158 36.91 24.94 -13.15
C VAL C 158 38.12 25.42 -12.34
N SER C 159 37.85 26.11 -11.24
CA SER C 159 38.91 26.62 -10.37
C SER C 159 39.68 25.51 -9.67
N SER C 160 40.96 25.74 -9.44
CA SER C 160 41.82 24.78 -8.75
C SER C 160 41.82 25.12 -7.27
N ALA C 161 41.10 26.18 -6.91
CA ALA C 161 41.02 26.63 -5.51
C ALA C 161 40.35 25.60 -4.61
N LYS C 162 40.77 25.59 -3.35
CA LYS C 162 40.17 24.69 -2.39
C LYS C 162 38.85 25.35 -1.97
N VAL C 163 37.80 24.53 -1.90
CA VAL C 163 36.49 25.03 -1.50
C VAL C 163 36.06 24.33 -0.22
N VAL C 164 35.81 25.13 0.82
CA VAL C 164 35.38 24.62 2.11
C VAL C 164 33.93 24.99 2.35
N LEU C 165 33.11 23.98 2.62
CA LEU C 165 31.70 24.19 2.91
C LEU C 165 31.44 24.15 4.40
N VAL C 166 30.80 25.18 4.92
CA VAL C 166 30.44 25.22 6.33
C VAL C 166 28.90 25.12 6.42
N ASP C 167 28.41 23.93 6.72
CA ASP C 167 26.99 23.61 6.84
C ASP C 167 26.52 24.04 8.24
N GLY C 168 25.71 25.08 8.32
CA GLY C 168 25.28 25.57 9.62
C GLY C 168 23.79 25.70 9.88
N VAL C 169 23.48 26.32 11.01
CA VAL C 169 22.11 26.53 11.44
C VAL C 169 21.94 27.97 11.91
N PRO C 170 20.68 28.42 12.09
CA PRO C 170 20.37 29.77 12.54
C PRO C 170 21.12 30.22 13.79
N GLY C 171 21.85 31.33 13.66
CA GLY C 171 22.59 31.88 14.78
C GLY C 171 23.83 31.12 15.22
N CYS C 172 24.34 30.24 14.37
CA CYS C 172 25.54 29.49 14.76
C CYS C 172 26.80 30.31 14.54
N GLY C 173 26.68 31.41 13.79
CA GLY C 173 27.83 32.25 13.53
C GLY C 173 28.35 32.23 12.10
N LYS C 174 27.45 32.05 11.14
CA LYS C 174 27.83 32.01 9.73
C LYS C 174 28.38 33.37 9.28
N THR C 175 27.60 34.41 9.53
CA THR C 175 27.98 35.75 9.13
C THR C 175 29.04 36.29 10.07
N LYS C 176 28.93 35.94 11.34
CA LYS C 176 29.89 36.38 12.34
C LYS C 176 31.28 35.90 11.97
N GLU C 177 31.38 34.63 11.57
CA GLU C 177 32.69 34.09 11.21
C GLU C 177 33.26 34.79 10.00
N ILE C 178 32.40 35.06 9.01
CA ILE C 178 32.85 35.75 7.82
C ILE C 178 33.38 37.12 8.22
N LEU C 179 32.61 37.83 9.02
CA LEU C 179 32.97 39.17 9.49
C LEU C 179 34.23 39.16 10.35
N SER C 180 34.52 38.03 10.99
CA SER C 180 35.67 37.90 11.87
C SER C 180 36.94 37.43 11.18
N ARG C 181 36.78 36.71 10.08
CA ARG C 181 37.95 36.15 9.40
C ARG C 181 38.38 36.80 8.10
N VAL C 182 37.47 37.56 7.49
CA VAL C 182 37.77 38.20 6.23
C VAL C 182 38.82 39.29 6.37
N ASN C 183 39.68 39.43 5.37
CA ASN C 183 40.65 40.49 5.35
C ASN C 183 40.04 41.39 4.28
N PHE C 184 39.37 42.45 4.73
CA PHE C 184 38.70 43.39 3.84
C PHE C 184 39.57 44.00 2.73
N GLU C 185 40.88 43.92 2.88
CA GLU C 185 41.77 44.51 1.88
C GLU C 185 42.16 43.54 0.75
N GLU C 186 41.93 42.24 0.95
CA GLU C 186 42.31 41.26 -0.07
C GLU C 186 41.22 40.29 -0.47
N ASP C 187 40.20 40.17 0.37
CA ASP C 187 39.13 39.22 0.13
C ASP C 187 37.83 39.79 -0.39
N LEU C 188 36.95 38.87 -0.80
CA LEU C 188 35.65 39.22 -1.33
C LEU C 188 34.55 38.43 -0.63
N ILE C 189 33.47 39.12 -0.32
CA ILE C 189 32.32 38.50 0.31
C ILE C 189 31.16 38.66 -0.66
N LEU C 190 30.58 37.53 -1.05
CA LEU C 190 29.44 37.53 -1.96
C LEU C 190 28.24 36.97 -1.20
N VAL C 191 27.08 37.59 -1.41
CA VAL C 191 25.86 37.15 -0.73
C VAL C 191 24.65 37.36 -1.64
N PRO C 192 23.60 36.53 -1.49
CA PRO C 192 22.42 36.70 -2.34
C PRO C 192 21.51 37.81 -1.78
N GLY C 193 21.09 38.74 -2.62
CA GLY C 193 20.22 39.80 -2.16
C GLY C 193 20.89 41.05 -1.62
N ARG C 194 20.38 42.20 -2.04
CA ARG C 194 20.91 43.48 -1.60
C ARG C 194 20.75 43.70 -0.10
N GLN C 195 19.62 43.29 0.46
CA GLN C 195 19.36 43.44 1.88
C GLN C 195 20.48 42.81 2.71
N ALA C 196 20.86 41.59 2.36
CA ALA C 196 21.93 40.88 3.04
C ALA C 196 23.27 41.59 2.85
N ALA C 197 23.54 42.02 1.63
CA ALA C 197 24.78 42.73 1.32
C ALA C 197 24.90 44.01 2.15
N GLU C 198 23.79 44.73 2.27
CA GLU C 198 23.77 45.98 3.04
C GLU C 198 23.99 45.72 4.53
N MET C 199 23.36 44.67 5.05
CA MET C 199 23.53 44.35 6.45
C MET C 199 24.97 43.96 6.74
N ILE C 200 25.58 43.18 5.85
CA ILE C 200 26.96 42.76 6.06
C ILE C 200 27.89 43.98 6.10
N ARG C 201 27.73 44.88 5.14
CA ARG C 201 28.55 46.08 5.10
C ARG C 201 28.35 46.90 6.36
N ARG C 202 27.09 47.05 6.77
CA ARG C 202 26.77 47.82 7.98
C ARG C 202 27.44 47.25 9.23
N ARG C 203 27.39 45.93 9.39
CA ARG C 203 27.99 45.28 10.56
C ARG C 203 29.49 45.34 10.51
N ALA C 204 30.04 45.29 9.30
CA ALA C 204 31.48 45.36 9.11
C ALA C 204 31.98 46.79 9.41
N ASN C 205 31.17 47.79 9.06
CA ASN C 205 31.57 49.18 9.27
C ASN C 205 31.12 49.79 10.59
N ALA C 206 30.47 49.00 11.44
CA ALA C 206 29.96 49.50 12.71
C ALA C 206 30.98 50.00 13.75
N SER C 207 32.27 49.70 13.59
CA SER C 207 33.23 50.16 14.59
C SER C 207 33.59 51.63 14.33
N GLY C 208 33.09 52.19 13.23
CA GLY C 208 33.37 53.58 12.93
C GLY C 208 34.09 53.83 11.62
N ILE C 209 34.81 52.83 11.11
CA ILE C 209 35.52 52.97 9.85
C ILE C 209 34.92 52.15 8.73
N ILE C 210 35.00 52.66 7.53
CA ILE C 210 34.46 51.96 6.37
C ILE C 210 35.52 51.05 5.76
N VAL C 211 35.34 49.75 5.97
CA VAL C 211 36.25 48.74 5.43
C VAL C 211 35.48 47.88 4.42
N ALA C 212 34.16 47.87 4.55
CA ALA C 212 33.31 47.11 3.65
C ALA C 212 32.67 48.08 2.67
N THR C 213 32.99 47.90 1.40
CA THR C 213 32.49 48.76 0.34
C THR C 213 31.78 47.98 -0.74
N LYS C 214 31.48 48.67 -1.83
CA LYS C 214 30.80 48.09 -2.99
C LYS C 214 31.74 47.17 -3.75
N ASP C 215 33.03 47.25 -3.44
CA ASP C 215 34.02 46.41 -4.11
C ASP C 215 34.35 45.10 -3.39
N ASN C 216 34.42 45.10 -2.06
CA ASN C 216 34.74 43.85 -1.39
C ASN C 216 33.53 43.11 -0.79
N VAL C 217 32.34 43.65 -1.00
CA VAL C 217 31.09 43.05 -0.52
C VAL C 217 30.06 43.30 -1.63
N ARG C 218 29.67 42.24 -2.35
CA ARG C 218 28.73 42.41 -3.45
C ARG C 218 27.65 41.33 -3.49
N THR C 219 26.50 41.66 -4.09
CA THR C 219 25.43 40.68 -4.25
C THR C 219 25.91 39.76 -5.38
N VAL C 220 25.39 38.54 -5.40
CA VAL C 220 25.74 37.59 -6.44
C VAL C 220 25.38 38.11 -7.83
N ASP C 221 24.19 38.70 -7.94
CA ASP C 221 23.73 39.25 -9.22
C ASP C 221 24.65 40.36 -9.74
N SER C 222 25.02 41.30 -8.88
CA SER C 222 25.88 42.40 -9.29
C SER C 222 27.25 41.85 -9.74
N PHE C 223 27.78 40.89 -8.98
CA PHE C 223 29.06 40.30 -9.32
C PHE C 223 29.02 39.66 -10.71
N LEU C 224 27.99 38.86 -10.95
CA LEU C 224 27.86 38.18 -12.23
C LEU C 224 27.58 39.13 -13.37
N MET C 225 26.68 40.07 -13.15
CA MET C 225 26.31 41.01 -14.20
C MET C 225 27.37 42.05 -14.57
N ASN C 226 28.10 42.57 -13.59
CA ASN C 226 29.10 43.57 -13.89
C ASN C 226 30.55 43.10 -13.88
N TYR C 227 30.75 41.80 -14.10
CA TYR C 227 32.09 41.24 -14.13
C TYR C 227 32.89 41.88 -15.27
N GLY C 228 34.07 42.41 -14.95
CA GLY C 228 34.88 43.03 -15.98
C GLY C 228 34.67 44.52 -16.12
N LYS C 229 33.46 44.99 -15.80
CA LYS C 229 33.13 46.41 -15.89
C LYS C 229 34.13 47.27 -15.10
N GLY C 230 35.04 46.62 -14.37
CA GLY C 230 36.03 47.33 -13.59
C GLY C 230 36.09 46.88 -12.14
N ALA C 231 36.22 47.85 -11.23
CA ALA C 231 36.27 47.58 -9.80
C ALA C 231 37.56 46.87 -9.37
N ARG C 232 37.50 45.54 -9.33
CA ARG C 232 38.62 44.70 -8.95
C ARG C 232 38.15 43.28 -9.21
N CYS C 233 39.02 42.43 -9.74
CA CYS C 233 38.59 41.07 -10.05
C CYS C 233 39.31 39.97 -9.30
N GLN C 234 40.57 40.21 -8.92
CA GLN C 234 41.32 39.17 -8.23
C GLN C 234 41.32 39.32 -6.71
N PHE C 235 40.92 38.24 -6.03
CA PHE C 235 40.85 38.22 -4.59
C PHE C 235 41.53 36.96 -4.05
N LYS C 236 42.18 37.08 -2.91
CA LYS C 236 42.87 35.95 -2.31
C LYS C 236 41.90 34.90 -1.78
N ARG C 237 40.86 35.38 -1.11
CA ARG C 237 39.89 34.46 -0.54
C ARG C 237 38.47 34.92 -0.80
N LEU C 238 37.60 33.97 -1.06
CA LEU C 238 36.19 34.26 -1.33
C LEU C 238 35.32 33.70 -0.21
N PHE C 239 34.44 34.56 0.29
CA PHE C 239 33.49 34.20 1.33
C PHE C 239 32.10 34.34 0.74
N ILE C 240 31.31 33.28 0.81
CA ILE C 240 29.94 33.37 0.31
C ILE C 240 29.03 33.11 1.51
N ASP C 241 28.16 34.06 1.82
CA ASP C 241 27.25 33.89 2.95
C ASP C 241 25.93 33.34 2.39
N GLU C 242 25.52 32.18 2.86
CA GLU C 242 24.29 31.53 2.40
C GLU C 242 24.43 30.99 0.97
N GLY C 243 25.52 30.27 0.72
CA GLY C 243 25.74 29.72 -0.61
C GLY C 243 24.80 28.62 -1.03
N LEU C 244 24.04 28.06 -0.09
CA LEU C 244 23.09 27.01 -0.44
C LEU C 244 21.78 27.57 -0.99
N MET C 245 21.75 28.89 -1.17
CA MET C 245 20.59 29.57 -1.75
C MET C 245 20.78 29.68 -3.25
N LEU C 246 21.92 29.19 -3.73
CA LEU C 246 22.28 29.28 -5.13
C LEU C 246 22.44 27.94 -5.86
N HIS C 247 22.32 27.99 -7.18
CA HIS C 247 22.49 26.82 -8.01
C HIS C 247 23.95 26.42 -7.84
N THR C 248 24.23 25.14 -7.75
CA THR C 248 25.61 24.68 -7.56
C THR C 248 26.58 25.18 -8.62
N GLY C 249 26.10 25.28 -9.86
CA GLY C 249 26.94 25.73 -10.96
C GLY C 249 27.31 27.19 -10.78
N CYS C 250 26.42 27.95 -10.15
CA CYS C 250 26.68 29.35 -9.89
C CYS C 250 27.84 29.47 -8.90
N VAL C 251 27.80 28.66 -7.83
CA VAL C 251 28.89 28.70 -6.86
C VAL C 251 30.20 28.34 -7.54
N ASN C 252 30.18 27.33 -8.41
CA ASN C 252 31.39 26.95 -9.13
C ASN C 252 31.93 28.14 -9.94
N PHE C 253 31.03 28.88 -10.60
CA PHE C 253 31.46 30.03 -11.38
C PHE C 253 32.06 31.15 -10.50
N LEU C 254 31.39 31.45 -9.39
CA LEU C 254 31.86 32.49 -8.47
C LEU C 254 33.25 32.19 -7.93
N VAL C 255 33.51 30.93 -7.59
CA VAL C 255 34.82 30.57 -7.09
C VAL C 255 35.88 30.85 -8.13
N GLU C 256 35.60 30.42 -9.37
CA GLU C 256 36.54 30.62 -10.45
C GLU C 256 36.72 32.09 -10.84
N MET C 257 35.61 32.81 -10.91
CA MET C 257 35.63 34.22 -11.30
C MET C 257 36.32 35.15 -10.30
N SER C 258 36.29 34.78 -9.02
CA SER C 258 36.92 35.61 -7.99
C SER C 258 38.43 35.46 -8.03
N LEU C 259 38.90 34.42 -8.72
CA LEU C 259 40.33 34.14 -8.83
C LEU C 259 40.95 33.88 -7.47
N CYS C 260 40.13 33.42 -6.53
CA CYS C 260 40.57 33.12 -5.18
C CYS C 260 41.36 31.82 -5.16
N ASP C 261 42.17 31.64 -4.13
CA ASP C 261 42.92 30.41 -3.98
C ASP C 261 42.17 29.49 -3.03
N ILE C 262 41.21 30.06 -2.30
CA ILE C 262 40.37 29.29 -1.39
C ILE C 262 39.05 30.01 -1.17
N ALA C 263 37.97 29.24 -1.11
CA ALA C 263 36.65 29.80 -0.92
C ALA C 263 35.95 29.12 0.24
N TYR C 264 35.27 29.92 1.05
CA TYR C 264 34.52 29.40 2.16
C TYR C 264 33.07 29.64 1.84
N VAL C 265 32.33 28.55 1.67
CA VAL C 265 30.91 28.66 1.37
C VAL C 265 30.15 28.37 2.65
N TYR C 266 29.55 29.40 3.24
CA TYR C 266 28.77 29.24 4.45
C TYR C 266 27.35 28.96 4.01
N GLY C 267 26.82 27.81 4.39
CA GLY C 267 25.48 27.44 3.96
C GLY C 267 24.58 26.94 5.05
N ASP C 268 23.29 26.95 4.76
CA ASP C 268 22.27 26.52 5.70
C ASP C 268 21.16 25.84 4.89
N THR C 269 20.99 24.53 5.12
CA THR C 269 19.99 23.73 4.40
C THR C 269 18.53 24.11 4.55
N GLN C 270 18.18 24.94 5.53
CA GLN C 270 16.77 25.32 5.71
C GLN C 270 16.53 26.79 5.41
N GLN C 271 17.62 27.56 5.23
CA GLN C 271 17.52 28.99 4.91
C GLN C 271 17.16 29.16 3.45
N ILE C 272 15.88 28.99 3.12
CA ILE C 272 15.43 29.11 1.75
C ILE C 272 16.47 28.56 0.77
N PRO C 273 16.54 27.22 0.65
CA PRO C 273 17.48 26.53 -0.24
C PRO C 273 17.14 26.86 -1.69
N TYR C 274 18.10 26.68 -2.59
CA TYR C 274 17.86 26.97 -3.99
C TYR C 274 16.74 26.13 -4.58
N ILE C 275 15.73 26.79 -5.15
CA ILE C 275 14.61 26.11 -5.77
C ILE C 275 14.68 26.32 -7.28
N ASN C 276 14.46 25.24 -8.03
CA ASN C 276 14.51 25.28 -9.48
C ASN C 276 13.69 26.46 -10.05
N ARG C 277 12.39 26.46 -9.77
CA ARG C 277 11.50 27.53 -10.22
C ARG C 277 11.17 27.47 -11.72
N VAL C 278 12.18 27.28 -12.56
CA VAL C 278 11.98 27.22 -14.00
C VAL C 278 11.11 26.01 -14.36
N THR C 279 9.98 26.28 -15.01
CA THR C 279 9.03 25.26 -15.40
C THR C 279 9.64 24.14 -16.25
N GLY C 280 9.38 22.91 -15.86
CA GLY C 280 9.88 21.76 -16.59
C GLY C 280 11.37 21.77 -16.87
N PHE C 281 12.14 22.47 -16.04
CA PHE C 281 13.58 22.53 -16.22
C PHE C 281 14.22 21.49 -15.30
N PRO C 282 15.13 20.66 -15.84
CA PRO C 282 15.81 19.63 -15.06
C PRO C 282 16.93 20.10 -14.14
N TYR C 283 16.86 19.66 -12.88
CA TYR C 283 17.87 19.98 -11.89
C TYR C 283 17.93 18.76 -10.97
N PRO C 284 18.47 17.65 -11.49
CA PRO C 284 18.57 16.40 -10.73
C PRO C 284 19.27 16.52 -9.37
N ALA C 285 18.97 15.57 -8.50
CA ALA C 285 19.52 15.54 -7.14
C ALA C 285 21.05 15.56 -7.08
N HIS C 286 21.72 14.95 -8.05
CA HIS C 286 23.18 14.94 -8.03
C HIS C 286 23.76 16.28 -8.48
N PHE C 287 22.93 17.12 -9.09
CA PHE C 287 23.37 18.44 -9.52
C PHE C 287 23.18 19.40 -8.35
N ALA C 288 22.11 19.16 -7.58
CA ALA C 288 21.79 20.00 -6.43
C ALA C 288 22.77 19.89 -5.27
N LYS C 289 23.65 18.90 -5.30
CA LYS C 289 24.62 18.73 -4.23
C LYS C 289 25.96 19.37 -4.57
N LEU C 290 26.34 20.38 -3.79
CA LEU C 290 27.58 21.11 -3.99
C LEU C 290 28.80 20.20 -3.83
N GLU C 291 29.78 20.32 -4.73
CA GLU C 291 30.98 19.50 -4.61
C GLU C 291 32.10 20.36 -4.03
N VAL C 292 32.56 20.02 -2.84
CA VAL C 292 33.60 20.76 -2.16
C VAL C 292 34.73 19.86 -1.70
N ASP C 293 35.85 20.47 -1.32
CA ASP C 293 37.02 19.72 -0.87
C ASP C 293 36.93 19.33 0.59
N GLU C 294 36.21 20.13 1.38
CA GLU C 294 36.05 19.84 2.81
C GLU C 294 34.72 20.36 3.31
N VAL C 295 34.05 19.56 4.12
CA VAL C 295 32.78 19.94 4.71
C VAL C 295 32.96 20.13 6.20
N GLU C 296 32.52 21.28 6.70
CA GLU C 296 32.60 21.57 8.11
C GLU C 296 31.16 21.74 8.57
N THR C 297 30.92 21.44 9.84
CA THR C 297 29.59 21.54 10.39
C THR C 297 29.54 22.46 11.61
N ARG C 298 28.43 23.18 11.72
CA ARG C 298 28.19 24.07 12.85
C ARG C 298 26.81 23.65 13.36
N ARG C 299 26.74 23.11 14.57
CA ARG C 299 25.47 22.68 15.12
C ARG C 299 25.14 23.27 16.49
N THR C 300 25.87 24.31 16.87
CA THR C 300 25.58 24.99 18.13
C THR C 300 25.13 26.41 17.82
N THR C 301 23.87 26.71 18.12
CA THR C 301 23.38 28.06 17.90
C THR C 301 23.84 28.93 19.07
N LEU C 302 24.40 30.09 18.77
CA LEU C 302 24.89 30.98 19.83
C LEU C 302 23.82 32.04 20.14
N ARG C 303 22.72 32.02 19.39
CA ARG C 303 21.66 32.99 19.58
C ARG C 303 20.38 32.50 20.24
N CYS C 304 19.77 31.50 19.61
CA CYS C 304 18.48 30.96 20.02
C CYS C 304 18.32 30.25 21.36
N PRO C 305 17.17 30.49 22.02
CA PRO C 305 16.80 29.90 23.30
C PRO C 305 16.67 28.38 23.12
N ALA C 306 16.59 27.64 24.23
CA ALA C 306 16.48 26.19 24.16
C ALA C 306 15.23 25.67 23.46
N ASP C 307 14.10 26.36 23.59
CA ASP C 307 12.89 25.88 22.92
C ASP C 307 12.97 26.03 21.39
N VAL C 308 13.48 27.16 20.92
CA VAL C 308 13.63 27.38 19.48
C VAL C 308 14.63 26.33 18.98
N THR C 309 15.57 25.99 19.85
CA THR C 309 16.58 24.99 19.51
C THR C 309 15.91 23.64 19.31
N HIS C 310 14.91 23.34 20.12
CA HIS C 310 14.17 22.09 19.99
C HIS C 310 13.60 22.04 18.57
N PHE C 311 13.03 23.17 18.11
CA PHE C 311 12.46 23.26 16.77
C PHE C 311 13.55 23.02 15.72
N LEU C 312 14.70 23.67 15.89
CA LEU C 312 15.81 23.52 14.95
C LEU C 312 16.26 22.06 14.83
N ASN C 313 16.23 21.33 15.94
CA ASN C 313 16.64 19.92 15.93
C ASN C 313 15.76 19.12 14.97
N GLN C 314 14.51 19.54 14.84
CA GLN C 314 13.55 18.87 13.97
C GLN C 314 13.79 19.10 12.47
N ARG C 315 14.42 20.22 12.13
CA ARG C 315 14.63 20.56 10.73
C ARG C 315 16.03 20.29 10.17
N TYR C 316 16.99 19.98 11.04
CA TYR C 316 18.34 19.73 10.58
C TYR C 316 18.89 18.33 10.85
N GLU C 317 19.73 17.86 9.94
CA GLU C 317 20.37 16.56 10.14
C GLU C 317 21.43 16.89 11.20
N GLY C 318 21.47 16.07 12.24
CA GLY C 318 22.41 16.30 13.34
C GLY C 318 21.69 17.00 14.47
N HIS C 319 22.19 16.86 15.69
CA HIS C 319 21.59 17.52 16.84
C HIS C 319 22.02 18.98 16.85
N VAL C 320 21.13 19.85 17.31
CA VAL C 320 21.47 21.25 17.41
C VAL C 320 21.54 21.57 18.89
N MET C 321 22.63 22.21 19.32
CA MET C 321 22.79 22.57 20.72
C MET C 321 22.70 24.10 20.82
N CYS C 322 22.64 24.61 22.06
CA CYS C 322 22.54 26.04 22.28
C CYS C 322 23.40 26.49 23.46
N THR C 323 24.08 27.61 23.32
CA THR C 323 24.92 28.15 24.38
C THR C 323 24.07 28.98 25.33
N SER C 324 22.93 29.46 24.83
CA SER C 324 22.02 30.28 25.59
C SER C 324 21.43 29.64 26.83
N SER C 325 21.19 30.46 27.86
CA SER C 325 20.60 30.00 29.11
C SER C 325 19.08 30.10 29.08
N GLU C 326 18.56 30.81 28.09
CA GLU C 326 17.12 30.97 27.95
C GLU C 326 16.51 29.61 27.60
N LYS C 327 15.44 29.23 28.29
CA LYS C 327 14.79 27.95 28.03
C LYS C 327 13.54 28.20 27.18
N LYS C 328 12.48 28.71 27.81
CA LYS C 328 11.25 28.98 27.08
C LYS C 328 11.16 30.47 26.73
N SER C 329 10.85 30.77 25.49
CA SER C 329 10.83 32.16 25.06
C SER C 329 9.72 32.55 24.11
N VAL C 330 8.92 31.59 23.67
CA VAL C 330 7.85 31.89 22.74
C VAL C 330 6.48 31.85 23.40
N SER C 331 5.57 32.65 22.87
CA SER C 331 4.19 32.70 23.35
C SER C 331 3.39 33.35 22.23
N GLN C 332 2.07 33.25 22.29
CA GLN C 332 1.26 33.88 21.27
C GLN C 332 -0.06 34.38 21.82
N GLU C 333 -0.85 35.01 20.96
CA GLU C 333 -2.14 35.54 21.36
C GLU C 333 -3.07 35.63 20.17
N MET C 334 -4.26 35.05 20.32
CA MET C 334 -5.28 35.09 19.30
C MET C 334 -6.03 36.39 19.52
N VAL C 335 -6.09 37.24 18.51
CA VAL C 335 -6.80 38.50 18.63
C VAL C 335 -8.16 38.41 17.94
N SER C 336 -9.21 38.79 18.66
CA SER C 336 -10.56 38.75 18.11
C SER C 336 -10.75 39.81 17.04
N GLY C 337 -10.54 41.07 17.42
CA GLY C 337 -10.70 42.16 16.47
C GLY C 337 -9.37 42.62 15.91
N ALA C 338 -9.14 42.40 14.63
CA ALA C 338 -7.90 42.80 13.97
C ALA C 338 -7.62 44.26 14.25
N ALA C 339 -8.68 45.04 14.45
CA ALA C 339 -8.55 46.47 14.71
C ALA C 339 -8.00 46.78 16.10
N SER C 340 -8.15 45.83 17.02
CA SER C 340 -7.67 46.03 18.39
C SER C 340 -6.15 46.14 18.44
N ILE C 341 -5.49 45.64 17.40
CA ILE C 341 -4.03 45.69 17.35
C ILE C 341 -3.55 47.08 16.91
N ASN C 342 -3.41 47.99 17.88
CA ASN C 342 -2.92 49.33 17.58
C ASN C 342 -2.03 49.82 18.73
N PRO C 343 -1.06 50.69 18.41
CA PRO C 343 -0.10 51.25 19.38
C PRO C 343 -0.62 51.70 20.73
N VAL C 344 -1.88 52.14 20.80
CA VAL C 344 -2.45 52.59 22.07
C VAL C 344 -3.15 51.44 22.79
N SER C 345 -3.98 50.70 22.06
CA SER C 345 -4.71 49.57 22.63
C SER C 345 -3.74 48.54 23.17
N LYS C 346 -2.72 48.21 22.39
CA LYS C 346 -1.71 47.23 22.83
C LYS C 346 -0.34 47.50 22.24
N PRO C 347 0.55 48.10 23.03
CA PRO C 347 1.89 48.37 22.53
C PRO C 347 2.59 47.05 22.28
N LEU C 348 3.41 47.00 21.22
CA LEU C 348 4.14 45.79 20.87
C LEU C 348 5.61 45.94 21.23
N LYS C 349 6.10 45.08 22.13
CA LYS C 349 7.49 45.13 22.59
C LYS C 349 8.56 44.76 21.55
N GLY C 350 9.71 45.42 21.66
CA GLY C 350 10.83 45.18 20.78
C GLY C 350 10.62 45.42 19.30
N LYS C 351 11.24 44.57 18.48
CA LYS C 351 11.15 44.68 17.03
C LYS C 351 9.84 44.11 16.51
N ILE C 352 9.12 44.91 15.74
CA ILE C 352 7.84 44.50 15.17
C ILE C 352 8.03 43.96 13.76
N LEU C 353 7.61 42.72 13.57
CA LEU C 353 7.75 42.05 12.27
C LEU C 353 6.40 41.47 11.83
N THR C 354 6.26 41.30 10.51
CA THR C 354 5.06 40.72 9.92
C THR C 354 5.57 39.80 8.84
N PHE C 355 4.69 38.99 8.27
CA PHE C 355 5.08 38.09 7.20
C PHE C 355 4.91 38.74 5.84
N THR C 356 3.84 39.51 5.67
CA THR C 356 3.58 40.16 4.39
C THR C 356 3.71 41.68 4.40
N GLN C 357 3.93 42.24 3.21
CA GLN C 357 4.05 43.68 3.03
C GLN C 357 2.74 44.35 3.41
N SER C 358 1.62 43.79 2.95
CA SER C 358 0.31 44.35 3.25
C SER C 358 0.15 44.55 4.75
N ASP C 359 0.47 43.52 5.52
CA ASP C 359 0.36 43.62 6.97
C ASP C 359 1.33 44.68 7.48
N LYS C 360 2.50 44.76 6.85
CA LYS C 360 3.50 45.75 7.23
C LYS C 360 2.98 47.19 7.05
N GLU C 361 2.35 47.45 5.90
CA GLU C 361 1.81 48.78 5.61
C GLU C 361 0.74 49.09 6.66
N ALA C 362 -0.11 48.11 6.91
CA ALA C 362 -1.21 48.26 7.86
C ALA C 362 -0.73 48.75 9.22
N LEU C 363 0.21 48.01 9.82
CA LEU C 363 0.74 48.40 11.12
C LEU C 363 1.39 49.78 11.09
N LEU C 364 2.08 50.10 9.99
CA LEU C 364 2.71 51.40 9.86
C LEU C 364 1.67 52.52 9.83
N SER C 365 0.59 52.33 9.06
CA SER C 365 -0.44 53.36 9.00
C SER C 365 -1.15 53.48 10.35
N ARG C 366 -1.15 52.40 11.12
CA ARG C 366 -1.76 52.40 12.45
C ARG C 366 -0.92 53.19 13.44
N GLY C 367 0.30 53.54 13.03
CA GLY C 367 1.17 54.31 13.91
C GLY C 367 2.30 53.55 14.60
N TYR C 368 2.49 52.29 14.24
CA TYR C 368 3.56 51.51 14.84
C TYR C 368 4.88 51.95 14.21
N ALA C 369 5.91 52.04 15.01
CA ALA C 369 7.21 52.48 14.51
C ALA C 369 8.15 51.34 14.11
N ASP C 370 8.93 51.60 13.07
CA ASP C 370 9.95 50.70 12.57
C ASP C 370 9.54 49.24 12.35
N VAL C 371 8.56 49.02 11.49
CA VAL C 371 8.07 47.68 11.16
C VAL C 371 8.71 47.11 9.89
N HIS C 372 9.05 45.82 9.90
CA HIS C 372 9.64 45.16 8.74
C HIS C 372 9.08 43.75 8.59
N THR C 373 9.22 43.17 7.40
CA THR C 373 8.76 41.81 7.19
C THR C 373 9.87 40.87 7.61
N VAL C 374 9.53 39.61 7.85
CA VAL C 374 10.50 38.62 8.26
C VAL C 374 11.58 38.54 7.19
N HIS C 375 11.15 38.50 5.93
CA HIS C 375 12.07 38.42 4.81
C HIS C 375 13.05 39.60 4.79
N GLU C 376 12.58 40.76 5.23
CA GLU C 376 13.44 41.95 5.24
C GLU C 376 14.50 41.94 6.35
N VAL C 377 14.35 41.06 7.34
CA VAL C 377 15.33 41.02 8.41
C VAL C 377 16.12 39.71 8.50
N GLN C 378 16.21 38.98 7.40
CA GLN C 378 16.96 37.74 7.38
C GLN C 378 18.37 38.07 7.88
N GLY C 379 18.93 37.18 8.69
CA GLY C 379 20.27 37.40 9.21
C GLY C 379 20.39 38.35 10.38
N GLU C 380 19.32 39.07 10.70
CA GLU C 380 19.34 40.02 11.81
C GLU C 380 19.08 39.36 13.18
N THR C 381 19.51 40.02 14.25
CA THR C 381 19.30 39.54 15.61
C THR C 381 18.55 40.61 16.41
N TYR C 382 17.67 40.17 17.30
CA TYR C 382 16.91 41.08 18.14
C TYR C 382 16.74 40.45 19.51
N ALA C 383 16.64 41.27 20.55
CA ALA C 383 16.46 40.74 21.89
C ALA C 383 15.02 40.26 22.02
N ASP C 384 14.08 41.11 21.64
CA ASP C 384 12.68 40.76 21.73
C ASP C 384 11.98 41.02 20.41
N VAL C 385 11.06 40.14 20.07
CA VAL C 385 10.31 40.26 18.83
C VAL C 385 8.79 40.14 19.00
N SER C 386 8.07 41.02 18.33
CA SER C 386 6.63 41.00 18.33
C SER C 386 6.26 40.70 16.88
N LEU C 387 5.85 39.47 16.62
CA LEU C 387 5.48 39.01 15.29
C LEU C 387 3.98 39.18 15.12
N VAL C 388 3.55 39.66 13.94
CA VAL C 388 2.12 39.91 13.74
C VAL C 388 1.52 39.49 12.40
N ARG C 389 0.32 38.90 12.47
CA ARG C 389 -0.40 38.49 11.27
C ARG C 389 -1.79 39.10 11.36
N LEU C 390 -2.09 40.05 10.47
CA LEU C 390 -3.39 40.70 10.46
C LEU C 390 -4.29 40.11 9.38
N THR C 391 -3.70 39.45 8.40
CA THR C 391 -4.44 38.84 7.30
C THR C 391 -5.12 37.50 7.66
N PRO C 392 -6.46 37.49 7.76
CA PRO C 392 -7.23 36.29 8.08
C PRO C 392 -7.32 35.36 6.87
N THR C 393 -6.97 35.91 5.71
CA THR C 393 -6.96 35.18 4.45
C THR C 393 -5.75 34.25 4.43
N PRO C 394 -5.74 33.23 3.55
CA PRO C 394 -4.59 32.32 3.49
C PRO C 394 -3.26 32.98 3.11
N VAL C 395 -2.23 32.71 3.90
CA VAL C 395 -0.89 33.24 3.64
C VAL C 395 0.02 32.04 3.43
N SER C 396 0.34 31.77 2.17
CA SER C 396 1.17 30.63 1.80
C SER C 396 2.54 30.49 2.49
N ILE C 397 3.23 31.61 2.72
CA ILE C 397 4.55 31.52 3.36
C ILE C 397 4.51 31.21 4.85
N ILE C 398 3.30 31.06 5.40
CA ILE C 398 3.17 30.71 6.80
C ILE C 398 2.77 29.24 6.87
N ALA C 399 3.77 28.37 6.76
CA ALA C 399 3.57 26.92 6.80
C ALA C 399 4.62 26.30 7.72
N ARG C 400 4.25 25.20 8.35
CA ARG C 400 5.14 24.51 9.27
C ARG C 400 6.56 24.34 8.74
N ASP C 401 6.69 24.06 7.45
CA ASP C 401 8.01 23.84 6.85
C ASP C 401 8.48 25.00 5.97
N SER C 402 7.93 26.18 6.21
CA SER C 402 8.30 27.36 5.43
C SER C 402 9.57 28.03 5.97
N PRO C 403 10.50 28.38 5.08
CA PRO C 403 11.76 29.04 5.45
C PRO C 403 11.49 30.33 6.24
N HIS C 404 10.38 30.99 5.91
CA HIS C 404 9.99 32.23 6.57
C HIS C 404 9.67 32.00 8.03
N VAL C 405 8.98 30.88 8.30
CA VAL C 405 8.64 30.54 9.67
C VAL C 405 9.91 30.28 10.45
N LEU C 406 10.82 29.52 9.83
CA LEU C 406 12.09 29.20 10.46
C LEU C 406 12.82 30.48 10.87
N VAL C 407 12.91 31.41 9.91
CA VAL C 407 13.55 32.68 10.15
C VAL C 407 12.80 33.46 11.24
N SER C 408 11.48 33.50 11.13
CA SER C 408 10.66 34.24 12.08
C SER C 408 10.82 33.76 13.53
N LEU C 409 11.18 32.48 13.70
CA LEU C 409 11.36 31.92 15.03
C LEU C 409 12.80 32.01 15.54
N SER C 410 13.73 32.36 14.67
CA SER C 410 15.14 32.38 15.08
C SER C 410 15.88 33.72 15.14
N ARG C 411 15.15 34.82 15.31
CA ARG C 411 15.77 36.14 15.38
C ARG C 411 16.09 36.58 16.82
N HIS C 412 15.21 36.24 17.75
CA HIS C 412 15.33 36.67 19.15
C HIS C 412 16.29 35.92 20.07
N THR C 413 16.84 36.65 21.04
CA THR C 413 17.73 36.05 22.02
C THR C 413 16.95 35.92 23.33
N LYS C 414 15.96 36.80 23.51
CA LYS C 414 15.17 36.79 24.74
C LYS C 414 13.73 36.32 24.61
N SER C 415 12.94 37.00 23.79
CA SER C 415 11.54 36.61 23.66
C SER C 415 10.92 36.85 22.29
N LEU C 416 9.86 36.08 22.01
CA LEU C 416 9.12 36.18 20.78
C LEU C 416 7.63 35.98 21.10
N LYS C 417 6.79 36.90 20.64
CA LYS C 417 5.36 36.76 20.87
C LYS C 417 4.64 36.93 19.54
N TYR C 418 3.82 35.95 19.20
CA TYR C 418 3.09 35.95 17.95
C TYR C 418 1.63 36.37 18.16
N TYR C 419 1.24 37.47 17.52
CA TYR C 419 -0.13 38.00 17.59
C TYR C 419 -0.77 37.70 16.24
N THR C 420 -1.81 36.89 16.22
CA THR C 420 -2.46 36.55 14.97
C THR C 420 -3.98 36.63 15.05
N VAL C 421 -4.63 36.85 13.91
CA VAL C 421 -6.09 36.96 13.86
C VAL C 421 -6.70 35.62 13.48
N VAL C 422 -5.86 34.64 13.15
CA VAL C 422 -6.35 33.33 12.77
C VAL C 422 -5.38 32.20 13.13
N MET C 423 -5.93 30.99 13.28
CA MET C 423 -5.12 29.82 13.61
C MET C 423 -4.29 29.45 12.38
N ASP C 424 -3.03 29.09 12.62
CA ASP C 424 -2.15 28.68 11.54
C ASP C 424 -1.08 27.75 12.10
N PRO C 425 -0.25 27.17 11.22
CA PRO C 425 0.80 26.25 11.69
C PRO C 425 1.75 26.86 12.71
N LEU C 426 1.94 28.17 12.69
CA LEU C 426 2.84 28.82 13.64
C LEU C 426 2.27 28.80 15.04
N VAL C 427 0.95 28.96 15.15
CA VAL C 427 0.29 28.92 16.45
C VAL C 427 0.55 27.53 17.05
N SER C 428 0.41 26.50 16.23
CA SER C 428 0.63 25.11 16.65
C SER C 428 2.07 24.92 17.14
N ILE C 429 3.03 25.36 16.34
CA ILE C 429 4.45 25.23 16.68
C ILE C 429 4.75 25.87 18.03
N ILE C 430 4.35 27.13 18.20
CA ILE C 430 4.56 27.84 19.46
C ILE C 430 3.84 27.14 20.60
N ARG C 431 2.61 26.71 20.36
CA ARG C 431 1.83 26.00 21.38
C ARG C 431 2.54 24.72 21.82
N ASP C 432 3.03 23.94 20.87
CA ASP C 432 3.74 22.70 21.19
C ASP C 432 5.03 22.97 21.97
N LEU C 433 5.79 24.00 21.56
CA LEU C 433 7.03 24.34 22.24
C LEU C 433 6.79 24.76 23.70
N GLU C 434 5.67 25.42 23.95
CA GLU C 434 5.35 25.84 25.31
C GLU C 434 5.03 24.64 26.19
N ARG C 435 4.64 23.52 25.59
CA ARG C 435 4.28 22.34 26.35
C ARG C 435 5.41 21.37 26.68
N VAL C 436 6.49 21.36 25.90
CA VAL C 436 7.59 20.44 26.14
C VAL C 436 8.25 20.61 27.49
N SER C 437 8.71 19.50 28.05
CA SER C 437 9.41 19.51 29.34
C SER C 437 10.66 20.41 29.32
N SER C 438 10.89 21.13 30.42
CA SER C 438 12.06 21.99 30.51
C SER C 438 13.33 21.17 30.77
N TYR C 439 13.17 20.00 31.38
CA TYR C 439 14.33 19.16 31.64
C TYR C 439 14.85 18.58 30.33
N LEU C 440 13.94 18.36 29.39
CA LEU C 440 14.34 17.83 28.09
C LEU C 440 15.09 18.97 27.40
N LEU C 441 14.54 20.17 27.48
CA LEU C 441 15.13 21.36 26.88
C LEU C 441 16.56 21.59 27.37
N ASP C 442 16.84 21.23 28.62
CA ASP C 442 18.19 21.39 29.21
C ASP C 442 19.25 20.54 28.52
N MET C 443 18.82 19.48 27.85
CA MET C 443 19.76 18.58 27.19
C MET C 443 20.46 19.21 25.98
N TYR C 444 19.98 20.38 25.56
CA TYR C 444 20.58 21.04 24.40
C TYR C 444 21.69 22.00 24.82
N LYS C 445 21.76 22.29 26.12
CA LYS C 445 22.73 23.22 26.66
C LYS C 445 24.20 22.80 26.54
N VAL C 446 25.03 23.73 26.09
CA VAL C 446 26.47 23.49 25.99
C VAL C 446 27.21 24.72 26.52
N ASP C 447 28.39 24.49 27.04
CA ASP C 447 29.21 25.55 27.62
C ASP C 447 29.57 26.70 26.69
N ALA C 448 30.29 26.37 25.62
CA ALA C 448 30.76 27.37 24.66
C ALA C 448 32.01 28.05 25.23
N SER D 10 -21.44 -8.36 -51.14
CA SER D 10 -21.95 -8.39 -49.74
C SER D 10 -20.87 -7.94 -48.76
N LEU D 11 -19.64 -8.36 -49.02
CA LEU D 11 -18.51 -8.00 -48.17
C LEU D 11 -17.49 -7.26 -49.05
N GLU D 12 -17.95 -6.78 -50.20
CA GLU D 12 -17.08 -6.07 -51.14
C GLU D 12 -16.37 -4.87 -50.54
N GLN D 13 -16.95 -4.26 -49.50
CA GLN D 13 -16.35 -3.10 -48.87
C GLN D 13 -14.99 -3.48 -48.32
N PHE D 14 -14.79 -4.77 -48.08
CA PHE D 14 -13.54 -5.30 -47.55
C PHE D 14 -12.57 -5.73 -48.65
N HIS D 15 -13.13 -6.07 -49.82
CA HIS D 15 -12.29 -6.53 -50.92
C HIS D 15 -11.38 -5.49 -51.53
N MET D 16 -10.07 -5.75 -51.47
CA MET D 16 -9.05 -4.88 -52.01
C MET D 16 -8.83 -3.62 -51.19
N ALA D 17 -9.41 -3.58 -50.00
CA ALA D 17 -9.23 -2.43 -49.12
C ALA D 17 -7.77 -2.45 -48.67
N THR D 18 -7.27 -1.30 -48.22
CA THR D 18 -5.90 -1.21 -47.75
C THR D 18 -5.81 -1.87 -46.40
N ALA D 19 -4.71 -2.58 -46.16
CA ALA D 19 -4.51 -3.25 -44.90
C ALA D 19 -4.59 -2.25 -43.75
N SER D 20 -3.94 -1.10 -43.93
CA SER D 20 -3.91 -0.07 -42.90
C SER D 20 -5.31 0.51 -42.58
N SER D 21 -6.17 0.59 -43.58
CA SER D 21 -7.51 1.13 -43.35
C SER D 21 -8.32 0.21 -42.43
N LEU D 22 -7.84 -1.01 -42.22
CA LEU D 22 -8.52 -1.98 -41.36
C LEU D 22 -7.75 -2.22 -40.07
N ILE D 23 -6.58 -1.57 -39.94
CA ILE D 23 -5.78 -1.72 -38.75
C ILE D 23 -6.05 -0.55 -37.81
N HIS D 24 -6.34 -0.86 -36.54
CA HIS D 24 -6.63 0.17 -35.55
C HIS D 24 -5.77 -0.01 -34.30
N LYS D 25 -5.01 1.03 -33.95
CA LYS D 25 -4.15 0.95 -32.77
C LYS D 25 -4.93 1.48 -31.57
N GLN D 26 -4.31 1.36 -30.40
CA GLN D 26 -4.91 1.82 -29.14
C GLN D 26 -6.37 1.41 -28.92
N MET D 27 -7.30 2.16 -29.50
CA MET D 27 -8.74 1.87 -29.35
C MET D 27 -9.19 2.04 -27.90
N CYS D 28 -8.23 2.01 -26.99
CA CYS D 28 -8.52 2.16 -25.57
C CYS D 28 -9.04 3.56 -25.29
N SER D 29 -8.88 4.46 -26.25
CA SER D 29 -9.33 5.84 -26.10
C SER D 29 -10.75 6.07 -26.58
N ILE D 30 -11.40 5.02 -27.07
CA ILE D 30 -12.77 5.16 -27.56
C ILE D 30 -13.73 5.53 -26.44
N VAL D 31 -14.57 6.53 -26.70
CA VAL D 31 -15.54 6.99 -25.72
C VAL D 31 -16.91 6.39 -26.06
N TYR D 32 -17.62 5.89 -25.06
CA TYR D 32 -18.93 5.31 -25.30
C TYR D 32 -20.00 6.13 -24.61
N THR D 33 -21.17 6.21 -25.23
CA THR D 33 -22.27 6.99 -24.68
C THR D 33 -23.60 6.25 -24.71
N GLY D 34 -24.50 6.64 -23.81
CA GLY D 34 -25.82 6.03 -23.74
C GLY D 34 -25.96 5.07 -22.57
N PRO D 35 -27.10 4.34 -22.50
CA PRO D 35 -27.39 3.37 -21.45
C PRO D 35 -26.29 2.30 -21.46
N LEU D 36 -26.02 1.71 -20.31
CA LEU D 36 -25.00 0.67 -20.22
C LEU D 36 -25.09 -0.37 -21.33
N LYS D 37 -26.28 -0.90 -21.58
CA LYS D 37 -26.44 -1.92 -22.62
C LYS D 37 -26.02 -1.43 -24.00
N VAL D 38 -26.39 -0.20 -24.34
CA VAL D 38 -26.01 0.37 -25.63
C VAL D 38 -24.48 0.42 -25.72
N GLN D 39 -23.85 0.82 -24.62
CA GLN D 39 -22.40 0.91 -24.59
C GLN D 39 -21.78 -0.48 -24.77
N GLN D 40 -22.38 -1.48 -24.12
CA GLN D 40 -21.88 -2.84 -24.25
C GLN D 40 -22.02 -3.31 -25.68
N MET D 41 -23.15 -3.01 -26.30
CA MET D 41 -23.36 -3.41 -27.69
C MET D 41 -22.36 -2.74 -28.62
N LYS D 42 -22.10 -1.45 -28.40
CA LYS D 42 -21.15 -0.72 -29.23
C LYS D 42 -19.73 -1.27 -29.00
N ASN D 43 -19.43 -1.63 -27.76
CA ASN D 43 -18.10 -2.16 -27.44
C ASN D 43 -17.91 -3.55 -28.07
N PHE D 44 -19.01 -4.28 -28.27
CA PHE D 44 -18.93 -5.59 -28.89
C PHE D 44 -18.58 -5.42 -30.36
N ILE D 45 -19.18 -4.43 -31.01
CA ILE D 45 -18.89 -4.19 -32.40
C ILE D 45 -17.41 -3.85 -32.52
N ASP D 46 -16.90 -3.04 -31.59
CA ASP D 46 -15.49 -2.68 -31.60
C ASP D 46 -14.60 -3.91 -31.40
N SER D 47 -15.04 -4.84 -30.56
CA SER D 47 -14.26 -6.04 -30.31
C SER D 47 -14.06 -6.81 -31.62
N LEU D 48 -15.06 -6.75 -32.51
CA LEU D 48 -14.94 -7.43 -33.78
C LEU D 48 -13.93 -6.69 -34.66
N VAL D 49 -14.02 -5.36 -34.65
CA VAL D 49 -13.11 -4.52 -35.41
C VAL D 49 -11.70 -4.79 -34.91
N ALA D 50 -11.54 -4.85 -33.60
CA ALA D 50 -10.23 -5.09 -32.99
C ALA D 50 -9.71 -6.46 -33.39
N SER D 51 -10.60 -7.45 -33.40
CA SER D 51 -10.24 -8.81 -33.76
C SER D 51 -9.71 -8.86 -35.20
N LEU D 52 -10.42 -8.22 -36.12
CA LEU D 52 -10.01 -8.20 -37.51
C LEU D 52 -8.69 -7.45 -37.67
N SER D 53 -8.54 -6.36 -36.92
CA SER D 53 -7.33 -5.55 -36.96
C SER D 53 -6.13 -6.38 -36.59
N ALA D 54 -6.25 -7.17 -35.52
CA ALA D 54 -5.14 -8.01 -35.09
C ALA D 54 -4.82 -9.07 -36.14
N ALA D 55 -5.85 -9.51 -36.87
CA ALA D 55 -5.65 -10.53 -37.90
C ALA D 55 -4.97 -9.95 -39.13
N VAL D 56 -5.46 -8.80 -39.59
CA VAL D 56 -4.88 -8.15 -40.77
C VAL D 56 -3.46 -7.72 -40.41
N SER D 57 -3.32 -7.19 -39.21
CA SER D 57 -2.02 -6.74 -38.73
C SER D 57 -0.99 -7.87 -38.73
N ASN D 58 -1.38 -9.03 -38.22
CA ASN D 58 -0.48 -10.17 -38.17
C ASN D 58 -0.05 -10.64 -39.56
N LEU D 59 -0.94 -10.54 -40.54
CA LEU D 59 -0.61 -10.96 -41.90
C LEU D 59 0.39 -10.00 -42.53
N VAL D 60 0.22 -8.71 -42.31
CA VAL D 60 1.14 -7.73 -42.86
C VAL D 60 2.50 -7.94 -42.19
N LYS D 61 2.48 -8.15 -40.88
CA LYS D 61 3.70 -8.37 -40.12
C LYS D 61 4.47 -9.58 -40.62
N ILE D 62 3.75 -10.62 -41.04
CA ILE D 62 4.36 -11.84 -41.55
C ILE D 62 5.04 -11.57 -42.88
N LEU D 63 4.50 -10.62 -43.65
CA LEU D 63 5.06 -10.26 -44.94
C LEU D 63 6.29 -9.34 -44.82
N LYS D 64 6.92 -9.34 -43.66
CA LYS D 64 8.12 -8.53 -43.42
C LYS D 64 8.55 -8.58 -41.95
N LEU D 71 11.30 -22.03 -42.49
CA LEU D 71 10.11 -22.81 -42.14
C LEU D 71 9.61 -23.61 -43.34
N GLU D 72 9.98 -24.89 -43.38
CA GLU D 72 9.59 -25.78 -44.45
C GLU D 72 8.38 -26.62 -44.09
N THR D 73 8.14 -26.79 -42.79
CA THR D 73 7.01 -27.56 -42.32
C THR D 73 5.73 -26.72 -42.41
N ARG D 74 4.60 -27.37 -42.20
CA ARG D 74 3.31 -26.70 -42.25
C ARG D 74 3.08 -25.77 -41.06
N GLN D 75 2.88 -24.48 -41.35
CA GLN D 75 2.65 -23.48 -40.32
C GLN D 75 1.19 -23.02 -40.27
N LYS D 76 0.85 -22.32 -39.19
CA LYS D 76 -0.50 -21.80 -39.02
C LYS D 76 -0.79 -20.74 -40.07
N PHE D 77 0.25 -20.25 -40.73
CA PHE D 77 0.09 -19.24 -41.76
C PHE D 77 0.79 -19.67 -43.04
N GLY D 78 0.52 -18.95 -44.12
CA GLY D 78 1.12 -19.28 -45.39
C GLY D 78 1.46 -18.05 -46.19
N VAL D 79 2.60 -18.09 -46.86
CA VAL D 79 3.06 -16.98 -47.69
C VAL D 79 3.25 -17.54 -49.09
N LEU D 80 2.48 -17.04 -50.05
CA LEU D 80 2.56 -17.52 -51.42
C LEU D 80 3.31 -16.56 -52.33
N ASP D 81 4.17 -17.12 -53.19
CA ASP D 81 4.92 -16.33 -54.16
C ASP D 81 4.15 -16.42 -55.46
N VAL D 82 3.36 -15.40 -55.77
CA VAL D 82 2.54 -15.40 -56.99
C VAL D 82 3.28 -15.81 -58.26
N ALA D 83 4.49 -15.30 -58.46
CA ALA D 83 5.26 -15.61 -59.64
C ALA D 83 5.56 -17.09 -59.83
N SER D 84 6.06 -17.75 -58.78
CA SER D 84 6.39 -19.17 -58.86
C SER D 84 5.22 -20.09 -58.48
N LYS D 85 4.13 -19.50 -58.00
CA LYS D 85 2.95 -20.26 -57.59
C LYS D 85 3.27 -21.31 -56.52
N ARG D 86 4.34 -21.08 -55.77
CA ARG D 86 4.72 -22.02 -54.71
C ARG D 86 4.67 -21.31 -53.37
N TRP D 87 4.46 -22.07 -52.29
CA TRP D 87 4.38 -21.51 -50.96
C TRP D 87 5.73 -21.37 -50.26
N LEU D 88 6.17 -20.14 -50.04
CA LEU D 88 7.44 -19.92 -49.35
C LEU D 88 7.23 -20.52 -47.95
N VAL D 89 5.99 -20.48 -47.49
CA VAL D 89 5.60 -21.05 -46.20
C VAL D 89 4.23 -21.71 -46.41
N LYS D 90 4.14 -22.97 -46.01
CA LYS D 90 2.90 -23.74 -46.19
C LYS D 90 1.93 -23.64 -45.04
N PRO D 91 0.68 -23.21 -45.33
CA PRO D 91 -0.38 -23.08 -44.33
C PRO D 91 -1.00 -24.43 -44.02
N SER D 92 -1.71 -24.53 -42.90
CA SER D 92 -2.34 -25.79 -42.51
C SER D 92 -3.78 -25.92 -42.98
N ALA D 93 -4.19 -25.07 -43.92
CA ALA D 93 -5.56 -25.13 -44.42
C ALA D 93 -5.60 -24.75 -45.88
N LYS D 94 -6.74 -25.00 -46.52
CA LYS D 94 -6.92 -24.66 -47.93
C LYS D 94 -8.11 -23.74 -48.11
N ASN D 95 -8.20 -23.13 -49.29
CA ASN D 95 -9.31 -22.25 -49.66
C ASN D 95 -9.65 -21.14 -48.66
N HIS D 96 -8.64 -20.45 -48.15
CA HIS D 96 -8.88 -19.36 -47.21
C HIS D 96 -9.85 -18.35 -47.82
N ALA D 97 -10.77 -17.84 -47.01
CA ALA D 97 -11.74 -16.87 -47.48
C ALA D 97 -11.06 -15.54 -47.82
N TRP D 98 -10.00 -15.20 -47.08
CA TRP D 98 -9.28 -13.96 -47.32
C TRP D 98 -7.83 -13.98 -46.85
N GLY D 99 -7.10 -12.94 -47.25
CA GLY D 99 -5.70 -12.80 -46.86
C GLY D 99 -5.23 -11.39 -47.17
N VAL D 100 -3.93 -11.16 -47.02
CA VAL D 100 -3.35 -9.85 -47.31
C VAL D 100 -2.44 -9.96 -48.52
N VAL D 101 -2.72 -9.15 -49.54
CA VAL D 101 -1.91 -9.16 -50.75
C VAL D 101 -0.87 -8.03 -50.73
N GLU D 102 0.32 -8.34 -51.23
CA GLU D 102 1.40 -7.37 -51.32
C GLU D 102 1.73 -7.12 -52.79
N THR D 103 1.56 -5.88 -53.24
CA THR D 103 1.86 -5.54 -54.63
C THR D 103 3.37 -5.43 -54.82
N HIS D 104 3.80 -5.35 -56.07
CA HIS D 104 5.23 -5.23 -56.35
C HIS D 104 5.73 -3.91 -55.76
N ALA D 105 4.82 -2.94 -55.65
CA ALA D 105 5.16 -1.63 -55.09
C ALA D 105 5.07 -1.67 -53.57
N ARG D 106 5.02 -2.88 -53.01
CA ARG D 106 4.94 -3.07 -51.57
C ARG D 106 3.73 -2.45 -50.89
N LYS D 107 2.60 -2.37 -51.59
CA LYS D 107 1.40 -1.84 -50.96
C LYS D 107 0.64 -3.06 -50.43
N TYR D 108 -0.08 -2.89 -49.32
CA TYR D 108 -0.83 -4.02 -48.74
C TYR D 108 -2.33 -3.85 -48.75
N HIS D 109 -2.99 -4.86 -49.30
CA HIS D 109 -4.45 -4.87 -49.42
C HIS D 109 -5.04 -6.16 -48.87
N VAL D 110 -6.17 -6.06 -48.20
CA VAL D 110 -6.85 -7.24 -47.70
C VAL D 110 -7.65 -7.69 -48.93
N ALA D 111 -7.69 -8.99 -49.19
CA ALA D 111 -8.43 -9.47 -50.35
C ALA D 111 -9.34 -10.66 -50.05
N LEU D 112 -10.47 -10.73 -50.76
CA LEU D 112 -11.39 -11.84 -50.62
C LEU D 112 -10.90 -12.76 -51.72
N LEU D 113 -10.29 -13.88 -51.33
CA LEU D 113 -9.71 -14.82 -52.28
C LEU D 113 -10.65 -15.74 -53.06
N GLU D 114 -10.18 -16.18 -54.21
CA GLU D 114 -10.90 -17.11 -55.08
C GLU D 114 -9.87 -18.22 -55.28
N HIS D 115 -10.32 -19.44 -55.51
CA HIS D 115 -9.39 -20.54 -55.72
C HIS D 115 -9.81 -21.45 -56.86
N ASP D 116 -8.88 -22.27 -57.33
CA ASP D 116 -9.17 -23.27 -58.33
C ASP D 116 -8.72 -24.52 -57.60
N GLU D 117 -8.71 -25.67 -58.25
CA GLU D 117 -8.33 -26.89 -57.57
C GLU D 117 -6.93 -26.87 -56.96
N PHE D 118 -6.03 -26.11 -57.56
CA PHE D 118 -4.64 -26.08 -57.10
C PHE D 118 -4.15 -24.91 -56.28
N GLY D 119 -5.01 -23.93 -56.03
CA GLY D 119 -4.55 -22.80 -55.24
C GLY D 119 -5.28 -21.49 -55.49
N ILE D 120 -4.68 -20.43 -54.96
CA ILE D 120 -5.21 -19.09 -55.08
C ILE D 120 -5.14 -18.57 -56.50
N ILE D 121 -6.21 -17.93 -56.95
CA ILE D 121 -6.24 -17.33 -58.27
C ILE D 121 -5.73 -15.91 -58.04
N THR D 122 -4.53 -15.63 -58.52
CA THR D 122 -3.91 -14.33 -58.31
C THR D 122 -4.03 -13.35 -59.48
N CYS D 123 -3.59 -12.12 -59.23
CA CYS D 123 -3.60 -11.05 -60.23
C CYS D 123 -2.14 -10.77 -60.56
N ASP D 124 -1.87 -10.35 -61.80
CA ASP D 124 -0.51 -10.08 -62.22
C ASP D 124 0.24 -8.99 -61.45
N ASN D 125 -0.48 -8.12 -60.74
CA ASN D 125 0.20 -7.07 -59.97
C ASN D 125 0.49 -7.53 -58.55
N TRP D 126 0.09 -8.76 -58.23
CA TRP D 126 0.31 -9.32 -56.90
C TRP D 126 1.67 -9.96 -56.82
N ARG D 127 2.45 -9.59 -55.82
CA ARG D 127 3.78 -10.17 -55.64
C ARG D 127 3.67 -11.37 -54.71
N ARG D 128 3.05 -11.14 -53.55
CA ARG D 128 2.86 -12.20 -52.59
C ARG D 128 1.49 -12.14 -51.94
N VAL D 129 1.09 -13.22 -51.30
CA VAL D 129 -0.21 -13.28 -50.63
C VAL D 129 0.03 -13.99 -49.32
N ALA D 130 -0.58 -13.49 -48.25
CA ALA D 130 -0.41 -14.12 -46.94
C ALA D 130 -1.79 -14.49 -46.36
N VAL D 131 -1.86 -15.69 -45.79
CA VAL D 131 -3.10 -16.20 -45.19
C VAL D 131 -2.73 -16.76 -43.84
N SER D 132 -3.74 -17.05 -43.04
CA SER D 132 -3.52 -17.62 -41.71
C SER D 132 -4.77 -18.39 -41.30
N SER D 133 -4.66 -19.14 -40.21
CA SER D 133 -5.79 -19.90 -39.71
C SER D 133 -6.89 -18.91 -39.36
N GLU D 134 -6.50 -17.68 -39.07
CA GLU D 134 -7.43 -16.63 -38.70
C GLU D 134 -8.19 -16.06 -39.91
N SER D 135 -7.67 -16.28 -41.12
CA SER D 135 -8.35 -15.77 -42.32
C SER D 135 -9.02 -16.88 -43.14
N VAL D 136 -9.10 -18.07 -42.56
CA VAL D 136 -9.76 -19.20 -43.23
C VAL D 136 -11.20 -18.80 -43.55
N VAL D 137 -11.86 -18.17 -42.58
CA VAL D 137 -13.23 -17.71 -42.75
C VAL D 137 -13.31 -16.20 -42.51
N TYR D 138 -14.26 -15.54 -43.16
CA TYR D 138 -14.41 -14.10 -42.98
C TYR D 138 -15.52 -13.80 -41.98
N SER D 139 -15.49 -14.52 -40.86
CA SER D 139 -16.53 -14.35 -39.84
C SER D 139 -16.61 -12.93 -39.25
N ASP D 140 -15.47 -12.38 -38.81
CA ASP D 140 -15.48 -11.04 -38.23
C ASP D 140 -16.13 -10.05 -39.18
N MET D 141 -15.76 -10.15 -40.45
CA MET D 141 -16.30 -9.27 -41.48
C MET D 141 -17.82 -9.46 -41.62
N ALA D 142 -18.27 -10.70 -41.75
CA ALA D 142 -19.70 -10.98 -41.91
C ALA D 142 -20.50 -10.47 -40.70
N LYS D 143 -20.01 -10.74 -39.50
CA LYS D 143 -20.70 -10.29 -38.30
C LYS D 143 -20.78 -8.76 -38.28
N LEU D 144 -19.68 -8.12 -38.68
CA LEU D 144 -19.60 -6.67 -38.71
C LEU D 144 -20.60 -6.11 -39.72
N ARG D 145 -20.74 -6.81 -40.84
CA ARG D 145 -21.67 -6.40 -41.88
C ARG D 145 -23.10 -6.46 -41.33
N THR D 146 -23.45 -7.59 -40.74
CA THR D 146 -24.78 -7.79 -40.18
C THR D 146 -25.11 -6.81 -39.06
N LEU D 147 -24.24 -6.71 -38.07
CA LEU D 147 -24.48 -5.82 -36.94
C LEU D 147 -24.62 -4.36 -37.36
N ARG D 148 -23.81 -3.92 -38.32
CA ARG D 148 -23.88 -2.54 -38.77
C ARG D 148 -25.16 -2.24 -39.53
N ARG D 149 -25.70 -3.21 -40.26
CA ARG D 149 -26.94 -2.99 -40.98
C ARG D 149 -28.08 -2.89 -39.98
N LEU D 150 -27.87 -3.52 -38.83
CA LEU D 150 -28.87 -3.52 -37.76
C LEU D 150 -28.94 -2.16 -37.07
N LEU D 151 -27.83 -1.43 -37.07
CA LEU D 151 -27.79 -0.11 -36.44
C LEU D 151 -28.12 0.95 -37.47
N LYS D 152 -27.42 0.86 -38.60
CA LYS D 152 -27.54 1.79 -39.73
C LYS D 152 -27.59 3.24 -39.29
N ASP D 153 -28.80 3.79 -39.16
CA ASP D 153 -28.98 5.17 -38.75
C ASP D 153 -28.13 5.62 -37.56
N GLY D 154 -28.20 4.89 -36.45
CA GLY D 154 -27.41 5.31 -35.30
C GLY D 154 -27.06 4.28 -34.24
N GLU D 155 -27.73 4.38 -33.08
CA GLU D 155 -27.46 3.50 -31.96
C GLU D 155 -28.11 2.12 -32.07
N PRO D 156 -27.55 1.13 -31.35
CA PRO D 156 -28.09 -0.23 -31.34
C PRO D 156 -29.36 -0.27 -30.51
N HIS D 157 -30.38 -0.94 -31.02
CA HIS D 157 -31.66 -1.05 -30.31
C HIS D 157 -31.61 -2.07 -29.18
N VAL D 158 -32.07 -1.65 -28.00
CA VAL D 158 -32.10 -2.53 -26.84
C VAL D 158 -33.48 -3.18 -26.70
N SER D 159 -33.49 -4.48 -26.48
CA SER D 159 -34.74 -5.21 -26.33
C SER D 159 -35.39 -4.95 -24.99
N SER D 160 -36.71 -5.02 -24.94
CA SER D 160 -37.45 -4.80 -23.71
C SER D 160 -37.80 -6.15 -23.09
N ALA D 161 -37.28 -7.22 -23.68
CA ALA D 161 -37.56 -8.55 -23.15
C ALA D 161 -36.97 -8.69 -21.75
N LYS D 162 -37.57 -9.57 -20.96
CA LYS D 162 -37.08 -9.81 -19.60
C LYS D 162 -35.88 -10.73 -19.74
N VAL D 163 -34.78 -10.38 -19.08
CA VAL D 163 -33.58 -11.20 -19.12
C VAL D 163 -33.30 -11.77 -17.74
N VAL D 164 -33.22 -13.10 -17.68
CA VAL D 164 -32.97 -13.81 -16.44
C VAL D 164 -31.64 -14.56 -16.55
N LEU D 165 -30.78 -14.36 -15.56
CA LEU D 165 -29.49 -15.02 -15.53
C LEU D 165 -29.52 -16.14 -14.51
N VAL D 166 -29.11 -17.32 -14.92
CA VAL D 166 -29.04 -18.47 -14.03
C VAL D 166 -27.54 -18.73 -13.89
N ASP D 167 -27.01 -18.30 -12.75
CA ASP D 167 -25.60 -18.41 -12.41
C ASP D 167 -25.35 -19.78 -11.77
N GLY D 168 -24.76 -20.69 -12.54
CA GLY D 168 -24.54 -22.03 -12.01
C GLY D 168 -23.09 -22.50 -11.93
N VAL D 169 -22.93 -23.78 -11.60
CA VAL D 169 -21.62 -24.41 -11.47
C VAL D 169 -21.61 -25.71 -12.26
N PRO D 170 -20.42 -26.29 -12.50
CA PRO D 170 -20.34 -27.53 -13.26
C PRO D 170 -21.21 -28.67 -12.73
N GLY D 171 -21.98 -29.26 -13.64
CA GLY D 171 -22.84 -30.37 -13.29
C GLY D 171 -24.06 -30.02 -12.48
N CYS D 172 -24.41 -28.73 -12.39
CA CYS D 172 -25.57 -28.35 -11.60
C CYS D 172 -26.85 -28.57 -12.40
N GLY D 173 -26.69 -28.82 -13.70
CA GLY D 173 -27.84 -29.04 -14.54
C GLY D 173 -28.22 -27.86 -15.43
N LYS D 174 -27.24 -27.07 -15.85
CA LYS D 174 -27.50 -25.94 -16.72
C LYS D 174 -28.09 -26.46 -18.01
N THR D 175 -27.41 -27.43 -18.61
CA THR D 175 -27.88 -27.97 -19.86
C THR D 175 -29.15 -28.80 -19.66
N LYS D 176 -29.20 -29.56 -18.58
CA LYS D 176 -30.38 -30.37 -18.30
C LYS D 176 -31.64 -29.50 -18.20
N GLU D 177 -31.59 -28.44 -17.41
CA GLU D 177 -32.74 -27.58 -17.25
C GLU D 177 -33.17 -26.99 -18.58
N ILE D 178 -32.21 -26.57 -19.40
CA ILE D 178 -32.55 -25.99 -20.69
C ILE D 178 -33.30 -27.01 -21.54
N LEU D 179 -32.79 -28.24 -21.59
CA LEU D 179 -33.42 -29.30 -22.37
C LEU D 179 -34.83 -29.64 -21.93
N SER D 180 -35.10 -29.57 -20.63
CA SER D 180 -36.44 -29.89 -20.14
C SER D 180 -37.37 -28.69 -20.05
N ARG D 181 -36.81 -27.49 -20.12
CA ARG D 181 -37.63 -26.29 -20.04
C ARG D 181 -38.10 -25.79 -21.41
N VAL D 182 -37.21 -25.87 -22.38
CA VAL D 182 -37.47 -25.37 -23.73
C VAL D 182 -38.67 -25.93 -24.49
N ASN D 183 -39.31 -25.04 -25.24
CA ASN D 183 -40.43 -25.39 -26.10
C ASN D 183 -39.79 -25.35 -27.48
N PHE D 184 -39.34 -26.50 -27.97
CA PHE D 184 -38.67 -26.58 -29.26
C PHE D 184 -39.48 -26.04 -30.45
N GLU D 185 -40.79 -26.01 -30.31
CA GLU D 185 -41.62 -25.51 -31.41
C GLU D 185 -41.59 -23.98 -31.51
N GLU D 186 -41.35 -23.31 -30.38
CA GLU D 186 -41.37 -21.85 -30.38
C GLU D 186 -40.12 -21.16 -29.86
N ASP D 187 -39.24 -21.89 -29.18
CA ASP D 187 -38.05 -21.27 -28.62
C ASP D 187 -36.79 -21.47 -29.43
N LEU D 188 -35.72 -20.81 -28.99
CA LEU D 188 -34.42 -20.89 -29.63
C LEU D 188 -33.33 -21.10 -28.59
N ILE D 189 -32.44 -22.06 -28.87
CA ILE D 189 -31.31 -22.30 -27.97
C ILE D 189 -30.05 -21.88 -28.74
N LEU D 190 -29.29 -20.95 -28.16
CA LEU D 190 -28.05 -20.51 -28.79
C LEU D 190 -26.89 -20.96 -27.92
N VAL D 191 -25.83 -21.46 -28.56
CA VAL D 191 -24.65 -21.92 -27.85
C VAL D 191 -23.36 -21.33 -28.46
N PRO D 192 -22.30 -21.18 -27.66
CA PRO D 192 -21.04 -20.64 -28.15
C PRO D 192 -20.41 -21.39 -29.32
N GLY D 193 -20.32 -22.72 -29.22
CA GLY D 193 -19.71 -23.49 -30.29
C GLY D 193 -20.50 -24.63 -30.93
N ARG D 194 -20.04 -25.06 -32.09
CA ARG D 194 -20.66 -26.15 -32.85
C ARG D 194 -20.70 -27.43 -32.04
N GLN D 195 -19.59 -27.78 -31.41
CA GLN D 195 -19.46 -28.98 -30.58
C GLN D 195 -20.56 -29.05 -29.53
N ALA D 196 -20.80 -27.93 -28.85
CA ALA D 196 -21.82 -27.87 -27.83
C ALA D 196 -23.21 -27.97 -28.43
N ALA D 197 -23.38 -27.38 -29.61
CA ALA D 197 -24.68 -27.42 -30.28
C ALA D 197 -25.06 -28.86 -30.66
N GLU D 198 -24.12 -29.60 -31.21
CA GLU D 198 -24.37 -30.99 -31.59
C GLU D 198 -24.64 -31.83 -30.35
N MET D 199 -23.97 -31.51 -29.26
CA MET D 199 -24.16 -32.24 -28.01
C MET D 199 -25.60 -32.05 -27.52
N ILE D 200 -26.09 -30.83 -27.61
CA ILE D 200 -27.44 -30.51 -27.18
C ILE D 200 -28.49 -31.15 -28.06
N ARG D 201 -28.25 -31.22 -29.37
CA ARG D 201 -29.22 -31.83 -30.26
C ARG D 201 -29.24 -33.32 -30.01
N ARG D 202 -28.04 -33.89 -29.87
CA ARG D 202 -27.88 -35.32 -29.63
C ARG D 202 -28.70 -35.71 -28.41
N ARG D 203 -28.42 -35.03 -27.31
CA ARG D 203 -29.07 -35.25 -26.04
C ARG D 203 -30.57 -34.99 -26.11
N ALA D 204 -30.96 -33.92 -26.79
CA ALA D 204 -32.37 -33.57 -26.93
C ALA D 204 -33.16 -34.61 -27.71
N ASN D 205 -32.52 -35.25 -28.68
CA ASN D 205 -33.20 -36.24 -29.51
C ASN D 205 -32.85 -37.67 -29.13
N ALA D 206 -32.17 -37.85 -28.00
CA ALA D 206 -31.76 -39.17 -27.54
C ALA D 206 -32.95 -40.12 -27.48
N SER D 207 -34.11 -39.57 -27.13
CA SER D 207 -35.35 -40.33 -27.02
C SER D 207 -35.75 -40.97 -28.35
N GLY D 208 -35.27 -40.41 -29.44
CA GLY D 208 -35.62 -40.91 -30.75
C GLY D 208 -36.54 -39.89 -31.38
N ILE D 209 -37.41 -39.33 -30.55
CA ILE D 209 -38.35 -38.28 -30.98
C ILE D 209 -37.52 -37.05 -31.32
N ILE D 210 -37.48 -36.70 -32.61
CA ILE D 210 -36.70 -35.56 -33.08
C ILE D 210 -37.37 -34.21 -32.87
N VAL D 211 -36.87 -33.44 -31.91
CA VAL D 211 -37.41 -32.12 -31.62
C VAL D 211 -36.40 -31.00 -31.85
N ALA D 212 -35.12 -31.31 -31.73
CA ALA D 212 -34.08 -30.31 -31.94
C ALA D 212 -33.63 -30.29 -33.41
N THR D 213 -33.66 -29.10 -34.01
CA THR D 213 -33.27 -28.93 -35.41
C THR D 213 -32.10 -27.94 -35.57
N LYS D 214 -31.77 -27.61 -36.81
CA LYS D 214 -30.70 -26.66 -37.08
C LYS D 214 -31.21 -25.24 -36.85
N ASP D 215 -32.52 -25.10 -36.71
CA ASP D 215 -33.11 -23.78 -36.52
C ASP D 215 -33.50 -23.42 -35.08
N ASN D 216 -33.72 -24.42 -34.21
CA ASN D 216 -34.09 -24.09 -32.83
C ASN D 216 -32.90 -24.28 -31.89
N VAL D 217 -31.79 -24.72 -32.48
CA VAL D 217 -30.56 -24.91 -31.76
C VAL D 217 -29.44 -24.53 -32.71
N ARG D 218 -28.75 -23.44 -32.43
CA ARG D 218 -27.63 -23.03 -33.26
C ARG D 218 -26.57 -22.22 -32.54
N THR D 219 -25.40 -22.16 -33.16
CA THR D 219 -24.26 -21.44 -32.63
C THR D 219 -24.49 -19.95 -32.69
N VAL D 220 -23.87 -19.23 -31.77
CA VAL D 220 -23.96 -17.79 -31.75
C VAL D 220 -23.45 -17.28 -33.10
N ASP D 221 -22.35 -17.85 -33.58
CA ASP D 221 -21.76 -17.44 -34.86
C ASP D 221 -22.65 -17.54 -36.09
N SER D 222 -23.33 -18.69 -36.25
CA SER D 222 -24.19 -18.85 -37.41
C SER D 222 -25.39 -17.93 -37.31
N PHE D 223 -25.87 -17.73 -36.09
CA PHE D 223 -27.02 -16.88 -35.87
C PHE D 223 -26.73 -15.45 -36.31
N LEU D 224 -25.55 -14.95 -35.93
CA LEU D 224 -25.17 -13.59 -36.30
C LEU D 224 -24.88 -13.47 -37.80
N MET D 225 -24.14 -14.43 -38.35
CA MET D 225 -23.79 -14.38 -39.77
C MET D 225 -24.97 -14.60 -40.73
N ASN D 226 -25.91 -15.46 -40.36
CA ASN D 226 -27.07 -15.75 -41.20
C ASN D 226 -28.28 -14.86 -40.89
N TYR D 227 -28.16 -13.95 -39.94
CA TYR D 227 -29.29 -13.11 -39.58
C TYR D 227 -29.94 -12.44 -40.80
N GLY D 228 -29.13 -12.15 -41.81
CA GLY D 228 -29.66 -11.53 -43.01
C GLY D 228 -30.53 -12.47 -43.82
N LYS D 229 -29.90 -13.50 -44.36
CA LYS D 229 -30.57 -14.51 -45.18
C LYS D 229 -31.85 -15.05 -44.53
N GLY D 230 -32.73 -15.62 -45.35
CA GLY D 230 -33.97 -16.19 -44.86
C GLY D 230 -35.01 -15.20 -44.36
N ALA D 231 -36.08 -15.73 -43.78
CA ALA D 231 -37.16 -14.91 -43.25
C ALA D 231 -37.04 -14.83 -41.73
N ARG D 232 -36.55 -13.69 -41.23
CA ARG D 232 -36.37 -13.46 -39.80
C ARG D 232 -37.47 -14.12 -38.97
N CYS D 233 -37.08 -15.15 -38.21
CA CYS D 233 -38.03 -15.88 -37.36
C CYS D 233 -38.17 -15.26 -35.97
N GLN D 234 -39.39 -15.28 -35.45
CA GLN D 234 -39.66 -14.73 -34.13
C GLN D 234 -39.80 -15.85 -33.09
N PHE D 235 -38.91 -15.86 -32.11
CA PHE D 235 -38.93 -16.86 -31.05
C PHE D 235 -39.57 -16.25 -29.82
N LYS D 236 -40.33 -17.05 -29.08
CA LYS D 236 -40.98 -16.55 -27.88
C LYS D 236 -40.00 -16.43 -26.73
N ARG D 237 -39.19 -17.46 -26.54
CA ARG D 237 -38.21 -17.48 -25.47
C ARG D 237 -36.84 -17.82 -26.02
N LEU D 238 -35.80 -17.25 -25.43
CA LEU D 238 -34.45 -17.53 -25.85
C LEU D 238 -33.65 -18.10 -24.68
N PHE D 239 -32.99 -19.24 -24.92
CA PHE D 239 -32.15 -19.89 -23.91
C PHE D 239 -30.71 -19.85 -24.46
N ILE D 240 -29.77 -19.42 -23.64
CA ILE D 240 -28.38 -19.40 -24.07
C ILE D 240 -27.59 -20.28 -23.11
N ASP D 241 -27.04 -21.37 -23.63
CA ASP D 241 -26.27 -22.27 -22.78
C ASP D 241 -24.82 -21.78 -22.71
N GLU D 242 -24.42 -21.34 -21.53
CA GLU D 242 -23.08 -20.80 -21.27
C GLU D 242 -22.96 -19.38 -21.81
N GLY D 243 -23.94 -18.54 -21.50
CA GLY D 243 -23.94 -17.16 -21.96
C GLY D 243 -22.83 -16.28 -21.42
N LEU D 244 -22.15 -16.71 -20.36
CA LEU D 244 -21.06 -15.93 -19.78
C LEU D 244 -19.75 -16.08 -20.55
N MET D 245 -19.74 -16.97 -21.55
CA MET D 245 -18.56 -17.17 -22.38
C MET D 245 -18.54 -16.07 -23.45
N LEU D 246 -19.62 -15.31 -23.53
CA LEU D 246 -19.78 -14.26 -24.53
C LEU D 246 -19.66 -12.84 -24.02
N HIS D 247 -19.36 -11.93 -24.94
CA HIS D 247 -19.24 -10.51 -24.64
C HIS D 247 -20.66 -10.07 -24.27
N THR D 248 -20.79 -9.32 -23.18
CA THR D 248 -22.10 -8.85 -22.74
C THR D 248 -22.86 -8.14 -23.85
N GLY D 249 -22.13 -7.53 -24.78
CA GLY D 249 -22.77 -6.85 -25.88
C GLY D 249 -23.32 -7.81 -26.89
N CYS D 250 -22.71 -8.98 -26.99
CA CYS D 250 -23.20 -9.99 -27.92
C CYS D 250 -24.54 -10.48 -27.39
N VAL D 251 -24.59 -10.77 -26.09
CA VAL D 251 -25.83 -11.23 -25.47
C VAL D 251 -26.96 -10.23 -25.70
N ASN D 252 -26.69 -8.94 -25.45
CA ASN D 252 -27.70 -7.92 -25.64
C ASN D 252 -28.22 -7.96 -27.07
N PHE D 253 -27.32 -8.15 -28.04
CA PHE D 253 -27.74 -8.22 -29.44
C PHE D 253 -28.58 -9.47 -29.72
N LEU D 254 -28.20 -10.60 -29.13
CA LEU D 254 -28.93 -11.85 -29.32
C LEU D 254 -30.35 -11.74 -28.79
N VAL D 255 -30.49 -11.25 -27.57
CA VAL D 255 -31.81 -11.09 -26.95
C VAL D 255 -32.72 -10.28 -27.88
N GLU D 256 -32.20 -9.19 -28.43
CA GLU D 256 -32.99 -8.34 -29.31
C GLU D 256 -33.23 -8.96 -30.69
N MET D 257 -32.18 -9.53 -31.28
CA MET D 257 -32.27 -10.15 -32.60
C MET D 257 -33.18 -11.38 -32.66
N SER D 258 -33.31 -12.07 -31.54
CA SER D 258 -34.17 -13.26 -31.50
C SER D 258 -35.65 -12.86 -31.41
N LEU D 259 -35.93 -11.59 -31.11
CA LEU D 259 -37.30 -11.10 -30.98
C LEU D 259 -38.02 -11.78 -29.82
N CYS D 260 -37.26 -12.36 -28.89
CA CYS D 260 -37.85 -13.05 -27.75
C CYS D 260 -38.56 -12.13 -26.76
N ASP D 261 -39.42 -12.72 -25.94
CA ASP D 261 -40.16 -11.99 -24.91
C ASP D 261 -39.36 -12.11 -23.61
N ILE D 262 -38.70 -13.26 -23.46
CA ILE D 262 -37.88 -13.52 -22.29
C ILE D 262 -36.66 -14.35 -22.71
N ALA D 263 -35.54 -14.10 -22.06
CA ALA D 263 -34.31 -14.82 -22.36
C ALA D 263 -33.72 -15.37 -21.08
N TYR D 264 -33.40 -16.65 -21.09
CA TYR D 264 -32.79 -17.30 -19.94
C TYR D 264 -31.32 -17.52 -20.31
N VAL D 265 -30.45 -16.75 -19.67
CA VAL D 265 -29.02 -16.86 -19.91
C VAL D 265 -28.43 -17.76 -18.86
N TYR D 266 -28.15 -19.00 -19.23
CA TYR D 266 -27.54 -19.93 -18.28
C TYR D 266 -26.05 -19.67 -18.37
N GLY D 267 -25.44 -19.35 -17.24
CA GLY D 267 -24.03 -19.05 -17.24
C GLY D 267 -23.25 -19.69 -16.11
N ASP D 268 -21.93 -19.66 -16.27
CA ASP D 268 -21.01 -20.23 -15.30
C ASP D 268 -19.81 -19.30 -15.33
N THR D 269 -19.59 -18.61 -14.22
CA THR D 269 -18.49 -17.63 -14.11
C THR D 269 -17.07 -18.18 -14.26
N GLN D 270 -16.89 -19.48 -14.07
CA GLN D 270 -15.58 -20.07 -14.18
C GLN D 270 -15.42 -20.95 -15.43
N GLN D 271 -16.53 -21.33 -16.04
CA GLN D 271 -16.51 -22.18 -17.23
C GLN D 271 -16.17 -21.36 -18.47
N ILE D 272 -14.88 -21.07 -18.64
CA ILE D 272 -14.36 -20.31 -19.78
C ILE D 272 -15.07 -18.97 -20.02
N PRO D 273 -15.14 -18.11 -18.99
CA PRO D 273 -15.81 -16.80 -19.14
C PRO D 273 -15.13 -15.95 -20.22
N TYR D 274 -15.88 -15.02 -20.80
CA TYR D 274 -15.34 -14.15 -21.84
C TYR D 274 -14.14 -13.35 -21.34
N ILE D 275 -13.02 -13.51 -22.03
CA ILE D 275 -11.79 -12.80 -21.70
C ILE D 275 -11.36 -12.10 -22.97
N ASN D 276 -11.23 -10.78 -22.93
CA ASN D 276 -10.80 -10.05 -24.11
C ASN D 276 -9.30 -10.25 -24.34
N ARG D 277 -8.98 -10.72 -25.53
CA ARG D 277 -7.61 -11.01 -25.94
C ARG D 277 -6.87 -9.75 -26.44
N VAL D 278 -7.39 -9.17 -27.52
CA VAL D 278 -6.81 -7.99 -28.14
C VAL D 278 -6.08 -7.08 -27.17
N THR D 279 -4.80 -6.84 -27.46
CA THR D 279 -3.96 -5.98 -26.64
C THR D 279 -4.52 -4.56 -26.58
N GLY D 280 -4.58 -4.01 -25.37
CA GLY D 280 -5.08 -2.65 -25.20
C GLY D 280 -6.55 -2.41 -25.47
N PHE D 281 -7.29 -3.46 -25.84
CA PHE D 281 -8.72 -3.29 -26.10
C PHE D 281 -9.46 -3.05 -24.79
N PRO D 282 -10.35 -2.06 -24.77
CA PRO D 282 -11.09 -1.75 -23.54
C PRO D 282 -12.28 -2.67 -23.29
N TYR D 283 -12.31 -3.24 -22.09
CA TYR D 283 -13.40 -4.10 -21.65
C TYR D 283 -13.40 -4.10 -20.13
N PRO D 284 -13.72 -2.94 -19.52
CA PRO D 284 -13.78 -2.71 -18.08
C PRO D 284 -14.75 -3.59 -17.30
N ALA D 285 -14.58 -3.61 -15.99
CA ALA D 285 -15.42 -4.39 -15.09
C ALA D 285 -16.91 -4.20 -15.30
N HIS D 286 -17.36 -2.94 -15.35
CA HIS D 286 -18.79 -2.66 -15.53
C HIS D 286 -19.32 -3.05 -16.92
N PHE D 287 -18.43 -3.16 -17.90
CA PHE D 287 -18.88 -3.56 -19.24
C PHE D 287 -19.02 -5.08 -19.25
N ALA D 288 -18.15 -5.73 -18.48
CA ALA D 288 -18.11 -7.19 -18.40
C ALA D 288 -19.23 -7.81 -17.56
N LYS D 289 -19.98 -6.98 -16.85
CA LYS D 289 -21.08 -7.44 -16.02
C LYS D 289 -22.38 -7.40 -16.79
N LEU D 290 -22.98 -8.58 -17.00
CA LEU D 290 -24.23 -8.71 -17.74
C LEU D 290 -25.37 -8.01 -17.01
N GLU D 291 -26.13 -7.16 -17.73
CA GLU D 291 -27.25 -6.47 -17.09
C GLU D 291 -28.53 -7.24 -17.29
N VAL D 292 -29.12 -7.71 -16.20
CA VAL D 292 -30.32 -8.52 -16.29
C VAL D 292 -31.40 -8.07 -15.30
N ASP D 293 -32.59 -8.63 -15.46
CA ASP D 293 -33.72 -8.28 -14.60
C ASP D 293 -33.79 -9.16 -13.36
N GLU D 294 -33.42 -10.43 -13.52
CA GLU D 294 -33.43 -11.40 -12.43
C GLU D 294 -32.21 -12.30 -12.49
N VAL D 295 -31.66 -12.63 -11.32
CA VAL D 295 -30.53 -13.53 -11.24
C VAL D 295 -30.91 -14.68 -10.33
N GLU D 296 -30.64 -15.91 -10.77
CA GLU D 296 -30.93 -17.09 -9.97
C GLU D 296 -29.62 -17.84 -9.89
N THR D 297 -29.40 -18.54 -8.79
CA THR D 297 -28.17 -19.29 -8.63
C THR D 297 -28.44 -20.77 -8.49
N ARG D 298 -27.49 -21.57 -8.95
CA ARG D 298 -27.55 -23.01 -8.84
C ARG D 298 -26.22 -23.30 -8.19
N ARG D 299 -26.25 -23.85 -6.98
CA ARG D 299 -25.01 -24.13 -6.28
C ARG D 299 -24.80 -25.56 -5.83
N THR D 300 -25.59 -26.48 -6.40
CA THR D 300 -25.45 -27.89 -6.08
C THR D 300 -25.02 -28.62 -7.34
N THR D 301 -23.90 -29.33 -7.30
CA THR D 301 -23.49 -30.07 -8.46
C THR D 301 -24.05 -31.49 -8.38
N LEU D 302 -24.73 -31.92 -9.43
CA LEU D 302 -25.34 -33.25 -9.47
C LEU D 302 -24.38 -34.29 -9.98
N ARG D 303 -23.20 -33.85 -10.41
CA ARG D 303 -22.19 -34.74 -10.96
C ARG D 303 -20.93 -34.99 -10.13
N CYS D 304 -20.17 -33.92 -9.89
CA CYS D 304 -18.89 -33.98 -9.20
C CYS D 304 -18.86 -34.51 -7.77
N PRO D 305 -17.81 -35.27 -7.44
CA PRO D 305 -17.68 -35.82 -6.08
C PRO D 305 -17.23 -34.73 -5.09
N ALA D 306 -17.11 -35.11 -3.82
CA ALA D 306 -16.74 -34.17 -2.77
C ALA D 306 -15.43 -33.42 -2.91
N ASP D 307 -14.35 -34.09 -3.28
CA ASP D 307 -13.08 -33.38 -3.41
C ASP D 307 -13.10 -32.33 -4.52
N VAL D 308 -13.72 -32.67 -5.66
CA VAL D 308 -13.83 -31.74 -6.77
C VAL D 308 -14.74 -30.59 -6.32
N THR D 309 -15.70 -30.90 -5.45
CA THR D 309 -16.61 -29.88 -4.95
C THR D 309 -15.85 -28.91 -4.06
N HIS D 310 -14.85 -29.41 -3.34
CA HIS D 310 -14.04 -28.56 -2.48
C HIS D 310 -13.36 -27.53 -3.39
N PHE D 311 -12.81 -28.02 -4.50
CA PHE D 311 -12.14 -27.17 -5.48
C PHE D 311 -13.12 -26.14 -6.04
N LEU D 312 -14.33 -26.59 -6.37
CA LEU D 312 -15.33 -25.67 -6.91
C LEU D 312 -15.63 -24.56 -5.90
N ASN D 313 -15.71 -24.91 -4.62
CA ASN D 313 -15.99 -23.90 -3.60
C ASN D 313 -14.96 -22.78 -3.59
N GLN D 314 -13.70 -23.12 -3.88
CA GLN D 314 -12.63 -22.11 -3.91
C GLN D 314 -12.80 -21.11 -5.04
N ARG D 315 -13.45 -21.52 -6.13
CA ARG D 315 -13.61 -20.66 -7.31
C ARG D 315 -14.91 -19.89 -7.49
N TYR D 316 -16.00 -20.36 -6.88
CA TYR D 316 -17.30 -19.70 -7.04
C TYR D 316 -17.78 -18.89 -5.84
N GLU D 317 -18.62 -17.89 -6.12
CA GLU D 317 -19.21 -17.07 -5.07
C GLU D 317 -20.32 -17.94 -4.48
N GLY D 318 -20.32 -18.10 -3.17
CA GLY D 318 -21.32 -18.93 -2.53
C GLY D 318 -20.82 -20.35 -2.36
N HIS D 319 -21.49 -21.11 -1.49
CA HIS D 319 -21.11 -22.48 -1.25
C HIS D 319 -21.62 -23.41 -2.34
N VAL D 320 -20.81 -24.40 -2.67
CA VAL D 320 -21.21 -25.39 -3.67
C VAL D 320 -21.35 -26.71 -2.93
N MET D 321 -22.50 -27.35 -3.11
CA MET D 321 -22.77 -28.63 -2.47
C MET D 321 -22.80 -29.69 -3.55
N CYS D 322 -22.90 -30.96 -3.15
CA CYS D 322 -22.93 -32.06 -4.10
C CYS D 322 -23.88 -33.17 -3.63
N THR D 323 -24.57 -33.78 -4.59
CA THR D 323 -25.50 -34.87 -4.28
C THR D 323 -24.74 -36.20 -4.23
N SER D 324 -23.62 -36.25 -4.93
CA SER D 324 -22.81 -37.47 -4.99
C SER D 324 -22.29 -37.93 -3.63
N SER D 325 -22.02 -39.22 -3.52
CA SER D 325 -21.51 -39.81 -2.30
C SER D 325 -20.00 -40.06 -2.39
N GLU D 326 -19.44 -39.92 -3.59
CA GLU D 326 -18.01 -40.12 -3.75
C GLU D 326 -17.28 -39.02 -2.95
N LYS D 327 -16.24 -39.42 -2.23
CA LYS D 327 -15.45 -38.48 -1.43
C LYS D 327 -14.22 -38.05 -2.20
N LYS D 328 -13.19 -38.90 -2.17
CA LYS D 328 -11.94 -38.62 -2.87
C LYS D 328 -11.99 -39.34 -4.21
N SER D 329 -11.63 -38.63 -5.27
CA SER D 329 -11.70 -39.21 -6.61
C SER D 329 -10.53 -38.87 -7.51
N VAL D 330 -9.62 -38.02 -7.06
CA VAL D 330 -8.51 -37.66 -7.92
C VAL D 330 -7.18 -38.25 -7.49
N SER D 331 -6.32 -38.48 -8.48
CA SER D 331 -4.99 -39.02 -8.23
C SER D 331 -4.13 -38.61 -9.42
N GLN D 332 -2.81 -38.69 -9.26
CA GLN D 332 -1.91 -38.33 -10.34
C GLN D 332 -0.68 -39.21 -10.34
N GLU D 333 0.09 -39.14 -11.42
CA GLU D 333 1.29 -39.94 -11.56
C GLU D 333 2.22 -39.29 -12.57
N MET D 334 3.45 -39.01 -12.17
CA MET D 334 4.41 -38.41 -13.08
C MET D 334 5.12 -39.55 -13.79
N VAL D 335 4.86 -39.69 -15.08
CA VAL D 335 5.45 -40.74 -15.89
C VAL D 335 6.86 -40.42 -16.36
N SER D 336 7.75 -41.38 -16.18
CA SER D 336 9.16 -41.25 -16.57
C SER D 336 9.34 -40.98 -18.05
N GLY D 337 9.23 -42.02 -18.86
CA GLY D 337 9.38 -41.87 -20.30
C GLY D 337 8.05 -41.69 -20.99
N ALA D 338 7.88 -40.57 -21.69
CA ALA D 338 6.65 -40.29 -22.40
C ALA D 338 6.25 -41.46 -23.29
N ALA D 339 7.24 -42.28 -23.66
CA ALA D 339 7.01 -43.44 -24.52
C ALA D 339 6.34 -44.60 -23.76
N SER D 340 6.56 -44.67 -22.46
CA SER D 340 5.95 -45.73 -21.65
C SER D 340 4.43 -45.57 -21.62
N ILE D 341 3.95 -44.48 -22.21
CA ILE D 341 2.52 -44.21 -22.29
C ILE D 341 1.99 -44.83 -23.58
N ASN D 342 1.58 -46.10 -23.48
CA ASN D 342 1.05 -46.83 -24.62
C ASN D 342 0.03 -47.86 -24.14
N PRO D 343 -0.96 -48.18 -25.00
CA PRO D 343 -2.03 -49.14 -24.71
C PRO D 343 -1.58 -50.46 -24.09
N VAL D 344 -0.43 -50.95 -24.51
CA VAL D 344 0.12 -52.22 -24.04
C VAL D 344 0.65 -52.20 -22.61
N SER D 345 1.66 -51.38 -22.36
CA SER D 345 2.27 -51.29 -21.04
C SER D 345 1.69 -50.20 -20.14
N LYS D 346 0.64 -49.52 -20.60
CA LYS D 346 0.01 -48.45 -19.83
C LYS D 346 -1.46 -48.25 -20.19
N PRO D 347 -2.31 -49.24 -19.88
CA PRO D 347 -3.74 -49.12 -20.20
C PRO D 347 -4.38 -47.94 -19.46
N LEU D 348 -5.15 -47.12 -20.18
CA LEU D 348 -5.81 -45.96 -19.58
C LEU D 348 -7.32 -46.20 -19.52
N LYS D 349 -7.84 -46.32 -18.30
CA LYS D 349 -9.27 -46.57 -18.07
C LYS D 349 -10.20 -45.40 -18.37
N GLY D 350 -11.42 -45.71 -18.81
CA GLY D 350 -12.41 -44.69 -19.11
C GLY D 350 -12.13 -43.77 -20.27
N LYS D 351 -12.59 -42.53 -20.16
CA LYS D 351 -12.40 -41.52 -21.20
C LYS D 351 -11.01 -40.92 -21.13
N ILE D 352 -10.30 -40.95 -22.25
CA ILE D 352 -8.95 -40.39 -22.31
C ILE D 352 -9.03 -38.97 -22.84
N LEU D 353 -8.42 -38.04 -22.13
CA LEU D 353 -8.43 -36.64 -22.53
C LEU D 353 -7.04 -36.04 -22.43
N THR D 354 -6.76 -35.05 -23.27
CA THR D 354 -5.49 -34.35 -23.26
C THR D 354 -5.82 -32.86 -23.22
N PHE D 355 -4.82 -32.02 -23.04
CA PHE D 355 -5.05 -30.59 -23.01
C PHE D 355 -4.80 -29.95 -24.37
N THR D 356 -3.87 -30.50 -25.13
CA THR D 356 -3.54 -29.93 -26.43
C THR D 356 -3.83 -30.86 -27.59
N GLN D 357 -3.97 -30.29 -28.78
CA GLN D 357 -4.23 -31.04 -30.00
C GLN D 357 -3.04 -31.95 -30.29
N SER D 358 -1.85 -31.44 -30.00
CA SER D 358 -0.62 -32.19 -30.22
C SER D 358 -0.62 -33.49 -29.42
N ASP D 359 -0.86 -33.38 -28.13
CA ASP D 359 -0.89 -34.55 -27.25
C ASP D 359 -2.01 -35.49 -27.67
N LYS D 360 -3.16 -34.93 -28.04
CA LYS D 360 -4.28 -35.75 -28.47
C LYS D 360 -3.83 -36.57 -29.68
N GLU D 361 -3.25 -35.87 -30.64
CA GLU D 361 -2.75 -36.47 -31.87
C GLU D 361 -1.77 -37.58 -31.54
N ALA D 362 -0.82 -37.27 -30.65
CA ALA D 362 0.20 -38.21 -30.23
C ALA D 362 -0.36 -39.50 -29.60
N LEU D 363 -1.33 -39.37 -28.70
CA LEU D 363 -1.91 -40.55 -28.05
C LEU D 363 -2.63 -41.44 -29.04
N LEU D 364 -3.28 -40.84 -30.03
CA LEU D 364 -4.00 -41.61 -31.05
C LEU D 364 -3.02 -42.47 -31.85
N SER D 365 -1.80 -41.97 -32.05
CA SER D 365 -0.78 -42.71 -32.77
C SER D 365 -0.37 -43.93 -31.94
N ARG D 366 -0.05 -43.68 -30.67
CA ARG D 366 0.36 -44.73 -29.75
C ARG D 366 -0.58 -45.94 -29.90
N GLY D 367 -1.80 -45.68 -30.34
CA GLY D 367 -2.78 -46.74 -30.51
C GLY D 367 -4.00 -46.58 -29.61
N TYR D 368 -4.02 -45.53 -28.81
CA TYR D 368 -5.13 -45.28 -27.91
C TYR D 368 -6.37 -44.92 -28.72
N ALA D 369 -7.52 -45.34 -28.23
CA ALA D 369 -8.79 -45.08 -28.93
C ALA D 369 -9.68 -44.03 -28.27
N ASP D 370 -10.39 -43.28 -29.11
CA ASP D 370 -11.34 -42.26 -28.66
C ASP D 370 -10.73 -41.23 -27.70
N VAL D 371 -9.74 -40.50 -28.20
CA VAL D 371 -9.06 -39.46 -27.41
C VAL D 371 -9.50 -38.07 -27.82
N HIS D 372 -9.76 -37.21 -26.84
CA HIS D 372 -10.16 -35.83 -27.12
C HIS D 372 -9.50 -34.85 -26.17
N THR D 373 -9.52 -33.58 -26.55
CA THR D 373 -8.94 -32.56 -25.68
C THR D 373 -10.04 -32.15 -24.71
N VAL D 374 -9.66 -31.54 -23.59
CA VAL D 374 -10.63 -31.11 -22.59
C VAL D 374 -11.59 -30.12 -23.23
N HIS D 375 -11.05 -29.24 -24.06
CA HIS D 375 -11.86 -28.23 -24.74
C HIS D 375 -12.98 -28.85 -25.56
N GLU D 376 -12.69 -29.99 -26.19
CA GLU D 376 -13.64 -30.69 -27.05
C GLU D 376 -14.71 -31.46 -26.28
N VAL D 377 -14.54 -31.64 -24.97
CA VAL D 377 -15.52 -32.38 -24.20
C VAL D 377 -16.25 -31.56 -23.15
N GLN D 378 -16.24 -30.24 -23.31
CA GLN D 378 -16.92 -29.41 -22.33
C GLN D 378 -18.41 -29.69 -22.39
N GLY D 379 -19.05 -29.74 -21.23
CA GLY D 379 -20.48 -30.01 -21.16
C GLY D 379 -20.76 -31.50 -21.12
N GLU D 380 -19.69 -32.30 -21.16
CA GLU D 380 -19.81 -33.75 -21.18
C GLU D 380 -19.53 -34.41 -19.82
N THR D 381 -20.19 -35.55 -19.57
CA THR D 381 -20.04 -36.31 -18.34
C THR D 381 -19.44 -37.71 -18.61
N TYR D 382 -18.55 -38.17 -17.74
CA TYR D 382 -17.92 -39.47 -17.85
C TYR D 382 -17.79 -40.05 -16.46
N ALA D 383 -17.73 -41.38 -16.35
CA ALA D 383 -17.61 -42.01 -15.06
C ALA D 383 -16.17 -41.95 -14.59
N ASP D 384 -15.26 -42.34 -15.47
CA ASP D 384 -13.84 -42.34 -15.16
C ASP D 384 -13.09 -41.56 -16.23
N VAL D 385 -12.05 -40.85 -15.82
CA VAL D 385 -11.24 -40.10 -16.77
C VAL D 385 -9.75 -40.30 -16.56
N SER D 386 -9.04 -40.41 -17.67
CA SER D 386 -7.58 -40.54 -17.68
C SER D 386 -7.10 -39.30 -18.41
N LEU D 387 -6.62 -38.34 -17.65
CA LEU D 387 -6.14 -37.08 -18.19
C LEU D 387 -4.64 -37.19 -18.44
N VAL D 388 -4.21 -36.88 -19.66
CA VAL D 388 -2.80 -37.00 -20.00
C VAL D 388 -2.11 -35.77 -20.55
N ARG D 389 -0.84 -35.59 -20.15
CA ARG D 389 -0.01 -34.49 -20.62
C ARG D 389 1.34 -35.05 -21.06
N LEU D 390 1.65 -34.96 -22.34
CA LEU D 390 2.91 -35.46 -22.88
C LEU D 390 3.91 -34.35 -23.14
N THR D 391 3.41 -33.15 -23.42
CA THR D 391 4.27 -32.02 -23.68
C THR D 391 4.96 -31.54 -22.42
N PRO D 392 6.30 -31.70 -22.35
CA PRO D 392 7.09 -31.28 -21.18
C PRO D 392 7.44 -29.80 -21.22
N THR D 393 7.19 -29.18 -22.37
CA THR D 393 7.47 -27.75 -22.55
C THR D 393 6.29 -26.94 -22.01
N PRO D 394 6.48 -25.63 -21.81
CA PRO D 394 5.41 -24.77 -21.30
C PRO D 394 4.10 -24.91 -22.08
N VAL D 395 3.00 -24.94 -21.34
CA VAL D 395 1.66 -25.04 -21.89
C VAL D 395 0.81 -24.06 -21.07
N SER D 396 0.34 -23.00 -21.73
CA SER D 396 -0.43 -21.96 -21.07
C SER D 396 -1.81 -22.33 -20.50
N ILE D 397 -2.56 -23.21 -21.14
CA ILE D 397 -3.88 -23.56 -20.63
C ILE D 397 -3.83 -24.44 -19.40
N ILE D 398 -2.64 -24.80 -18.95
CA ILE D 398 -2.50 -25.62 -17.75
C ILE D 398 -1.89 -24.78 -16.63
N ALA D 399 -2.71 -23.88 -16.08
CA ALA D 399 -2.31 -23.01 -14.99
C ALA D 399 -3.30 -23.31 -13.87
N ARG D 400 -2.98 -22.92 -12.63
CA ARG D 400 -3.86 -23.23 -11.53
C ARG D 400 -5.23 -22.55 -11.66
N ASP D 401 -5.25 -21.36 -12.26
CA ASP D 401 -6.50 -20.62 -12.42
C ASP D 401 -7.07 -20.73 -13.83
N SER D 402 -6.62 -21.73 -14.59
CA SER D 402 -7.10 -21.91 -15.96
C SER D 402 -8.49 -22.55 -16.06
N PRO D 403 -9.32 -22.02 -16.98
CA PRO D 403 -10.67 -22.51 -17.21
C PRO D 403 -10.64 -23.96 -17.68
N HIS D 404 -9.62 -24.31 -18.45
CA HIS D 404 -9.47 -25.67 -18.96
C HIS D 404 -9.18 -26.64 -17.82
N VAL D 405 -8.43 -26.18 -16.84
CA VAL D 405 -8.13 -27.03 -15.69
C VAL D 405 -9.44 -27.31 -14.95
N LEU D 406 -10.25 -26.28 -14.80
CA LEU D 406 -11.53 -26.42 -14.11
C LEU D 406 -12.43 -27.40 -14.86
N VAL D 407 -12.46 -27.32 -16.19
CA VAL D 407 -13.29 -28.23 -16.97
C VAL D 407 -12.72 -29.65 -16.90
N SER D 408 -11.39 -29.76 -16.94
CA SER D 408 -10.76 -31.07 -16.90
C SER D 408 -11.02 -31.83 -15.61
N LEU D 409 -11.28 -31.10 -14.52
CA LEU D 409 -11.53 -31.74 -13.23
C LEU D 409 -13.01 -31.97 -12.92
N SER D 410 -13.90 -31.37 -13.71
CA SER D 410 -15.32 -31.52 -13.45
C SER D 410 -16.12 -32.37 -14.44
N ARG D 411 -15.45 -33.28 -15.14
CA ARG D 411 -16.13 -34.14 -16.10
C ARG D 411 -16.58 -35.48 -15.48
N HIS D 412 -15.81 -35.96 -14.50
CA HIS D 412 -16.09 -37.27 -13.90
C HIS D 412 -17.06 -37.38 -12.71
N THR D 413 -17.65 -38.56 -12.59
CA THR D 413 -18.57 -38.87 -11.50
C THR D 413 -17.90 -39.83 -10.51
N LYS D 414 -16.98 -40.64 -11.00
CA LYS D 414 -16.31 -41.62 -10.17
C LYS D 414 -14.83 -41.36 -9.91
N SER D 415 -14.03 -41.23 -10.95
CA SER D 415 -12.60 -40.99 -10.73
C SER D 415 -11.86 -40.32 -11.87
N LEU D 416 -10.69 -39.77 -11.53
CA LEU D 416 -9.83 -39.13 -12.49
C LEU D 416 -8.39 -39.32 -12.06
N LYS D 417 -7.54 -39.61 -13.03
CA LYS D 417 -6.11 -39.78 -12.76
C LYS D 417 -5.34 -38.97 -13.79
N TYR D 418 -4.44 -38.12 -13.32
CA TYR D 418 -3.64 -37.27 -14.19
C TYR D 418 -2.27 -37.89 -14.43
N TYR D 419 -1.94 -38.12 -15.70
CA TYR D 419 -0.66 -38.69 -16.10
C TYR D 419 0.12 -37.60 -16.78
N THR D 420 1.21 -37.18 -16.18
CA THR D 420 2.02 -36.12 -16.77
C THR D 420 3.50 -36.43 -16.76
N VAL D 421 4.23 -35.90 -17.74
CA VAL D 421 5.66 -36.11 -17.83
C VAL D 421 6.41 -34.98 -17.12
N VAL D 422 5.67 -33.94 -16.75
CA VAL D 422 6.28 -32.80 -16.08
C VAL D 422 5.43 -32.31 -14.91
N MET D 423 6.11 -31.76 -13.92
CA MET D 423 5.47 -31.22 -12.72
C MET D 423 4.82 -29.88 -13.04
N ASP D 424 3.49 -29.81 -12.92
CA ASP D 424 2.76 -28.57 -13.20
C ASP D 424 1.76 -28.23 -12.10
N PRO D 425 1.02 -27.12 -12.27
CA PRO D 425 0.03 -26.68 -11.28
C PRO D 425 -1.14 -27.66 -11.06
N LEU D 426 -1.46 -28.47 -12.05
CA LEU D 426 -2.55 -29.43 -11.89
C LEU D 426 -2.12 -30.51 -10.90
N VAL D 427 -0.84 -30.85 -10.91
CA VAL D 427 -0.31 -31.86 -10.00
C VAL D 427 -0.49 -31.35 -8.57
N SER D 428 -0.12 -30.10 -8.32
CA SER D 428 -0.26 -29.52 -6.99
C SER D 428 -1.72 -29.56 -6.55
N ILE D 429 -2.61 -29.12 -7.43
CA ILE D 429 -4.03 -29.11 -7.12
C ILE D 429 -4.51 -30.48 -6.66
N ILE D 430 -4.16 -31.52 -7.41
CA ILE D 430 -4.57 -32.86 -7.04
C ILE D 430 -3.94 -33.28 -5.70
N ARG D 431 -2.67 -32.98 -5.51
CA ARG D 431 -2.00 -33.33 -4.25
C ARG D 431 -2.71 -32.67 -3.07
N ASP D 432 -3.07 -31.40 -3.21
CA ASP D 432 -3.74 -30.72 -2.11
C ASP D 432 -5.08 -31.38 -1.86
N LEU D 433 -5.84 -31.68 -2.92
CA LEU D 433 -7.13 -32.33 -2.74
C LEU D 433 -6.99 -33.67 -2.04
N GLU D 434 -5.87 -34.36 -2.27
CA GLU D 434 -5.64 -35.65 -1.64
C GLU D 434 -5.29 -35.51 -0.15
N ARG D 435 -4.79 -34.34 0.23
CA ARG D 435 -4.39 -34.11 1.61
C ARG D 435 -5.52 -33.68 2.56
N VAL D 436 -6.58 -33.09 2.02
CA VAL D 436 -7.68 -32.63 2.85
C VAL D 436 -8.43 -33.71 3.62
N SER D 437 -8.89 -33.35 4.82
CA SER D 437 -9.65 -34.23 5.69
C SER D 437 -10.94 -34.73 5.03
N SER D 438 -11.23 -36.01 5.18
CA SER D 438 -12.45 -36.58 4.61
C SER D 438 -13.66 -36.07 5.35
N TYR D 439 -13.49 -35.80 6.64
CA TYR D 439 -14.57 -35.31 7.46
C TYR D 439 -14.99 -33.93 6.98
N LEU D 440 -14.05 -33.21 6.40
CA LEU D 440 -14.34 -31.88 5.91
C LEU D 440 -15.10 -32.04 4.60
N LEU D 441 -14.65 -32.96 3.77
CA LEU D 441 -15.32 -33.19 2.49
C LEU D 441 -16.77 -33.66 2.70
N ASP D 442 -17.07 -34.31 3.82
CA ASP D 442 -18.43 -34.78 4.09
C ASP D 442 -19.45 -33.66 4.23
N MET D 443 -18.96 -32.47 4.56
CA MET D 443 -19.82 -31.31 4.76
C MET D 443 -20.49 -30.77 3.49
N TYR D 444 -20.05 -31.26 2.34
CA TYR D 444 -20.62 -30.82 1.06
C TYR D 444 -21.83 -31.63 0.64
N LYS D 445 -21.91 -32.86 1.12
CA LYS D 445 -23.00 -33.77 0.78
C LYS D 445 -24.39 -33.21 1.08
N VAL D 446 -25.26 -33.24 0.08
CA VAL D 446 -26.64 -32.78 0.19
C VAL D 446 -27.51 -33.82 -0.51
N ASP D 447 -28.77 -33.95 -0.11
CA ASP D 447 -29.67 -34.92 -0.75
C ASP D 447 -30.28 -34.43 -2.06
#